data_5USA
# 
_entry.id   5USA 
# 
_audit_conform.dict_name       mmcif_pdbx.dic 
_audit_conform.dict_version    5.392 
_audit_conform.dict_location   http://mmcif.pdb.org/dictionaries/ascii/mmcif_pdbx.dic 
# 
loop_
_database_2.database_id 
_database_2.database_code 
_database_2.pdbx_database_accession 
_database_2.pdbx_DOI 
PDB   5USA         pdb_00005usa 10.2210/pdb5usa/pdb 
WWPDB D_1000226430 ?            ?                   
# 
loop_
_pdbx_audit_revision_history.ordinal 
_pdbx_audit_revision_history.data_content_type 
_pdbx_audit_revision_history.major_revision 
_pdbx_audit_revision_history.minor_revision 
_pdbx_audit_revision_history.revision_date 
1 'Structure model' 1 0 2017-03-08 
2 'Structure model' 1 1 2023-08-02 
3 'Structure model' 1 2 2024-05-22 
# 
_pdbx_audit_revision_details.ordinal             1 
_pdbx_audit_revision_details.revision_ordinal    1 
_pdbx_audit_revision_details.data_content_type   'Structure model' 
_pdbx_audit_revision_details.provider            repository 
_pdbx_audit_revision_details.type                'Initial release' 
_pdbx_audit_revision_details.description         ? 
_pdbx_audit_revision_details.details             ? 
# 
loop_
_pdbx_audit_revision_group.ordinal 
_pdbx_audit_revision_group.revision_ordinal 
_pdbx_audit_revision_group.data_content_type 
_pdbx_audit_revision_group.group 
1 2 'Structure model' 'Database references'    
2 2 'Structure model' 'Derived calculations'   
3 2 'Structure model' 'Refinement description' 
4 3 'Structure model' 'Data collection'        
# 
loop_
_pdbx_audit_revision_category.ordinal 
_pdbx_audit_revision_category.revision_ordinal 
_pdbx_audit_revision_category.data_content_type 
_pdbx_audit_revision_category.category 
1 2 'Structure model' citation         
2 2 'Structure model' citation_author  
3 2 'Structure model' database_2       
4 2 'Structure model' refine_hist      
5 2 'Structure model' struct_conn      
6 2 'Structure model' struct_conn_type 
7 3 'Structure model' chem_comp_atom   
8 3 'Structure model' chem_comp_bond   
# 
loop_
_pdbx_audit_revision_item.ordinal 
_pdbx_audit_revision_item.revision_ordinal 
_pdbx_audit_revision_item.data_content_type 
_pdbx_audit_revision_item.item 
1  2 'Structure model' '_citation.country'                   
2  2 'Structure model' '_citation.journal_abbrev'            
3  2 'Structure model' '_citation.journal_id_CSD'            
4  2 'Structure model' '_citation.journal_id_ISSN'           
5  2 'Structure model' '_citation.journal_volume'            
6  2 'Structure model' '_citation.pdbx_database_id_DOI'      
7  2 'Structure model' '_citation.title'                     
8  2 'Structure model' '_citation.year'                      
9  2 'Structure model' '_database_2.pdbx_DOI'                
10 2 'Structure model' '_database_2.pdbx_database_accession' 
11 2 'Structure model' '_refine_hist.d_res_low'              
12 2 'Structure model' '_struct_conn.conn_type_id'           
13 2 'Structure model' '_struct_conn.id'                     
14 2 'Structure model' '_struct_conn.pdbx_dist_value'        
15 2 'Structure model' '_struct_conn.pdbx_leaving_atom_flag' 
16 2 'Structure model' '_struct_conn.ptnr1_auth_asym_id'     
17 2 'Structure model' '_struct_conn.ptnr1_auth_comp_id'     
18 2 'Structure model' '_struct_conn.ptnr1_auth_seq_id'      
19 2 'Structure model' '_struct_conn.ptnr1_label_asym_id'    
20 2 'Structure model' '_struct_conn.ptnr1_label_atom_id'    
21 2 'Structure model' '_struct_conn.ptnr1_label_comp_id'    
22 2 'Structure model' '_struct_conn.ptnr1_label_seq_id'     
23 2 'Structure model' '_struct_conn.ptnr2_auth_asym_id'     
24 2 'Structure model' '_struct_conn.ptnr2_auth_comp_id'     
25 2 'Structure model' '_struct_conn.ptnr2_auth_seq_id'      
26 2 'Structure model' '_struct_conn.ptnr2_label_asym_id'    
27 2 'Structure model' '_struct_conn.ptnr2_label_atom_id'    
28 2 'Structure model' '_struct_conn.ptnr2_label_comp_id'    
29 2 'Structure model' '_struct_conn.ptnr2_label_seq_id'     
30 2 'Structure model' '_struct_conn_type.id'                
# 
_pdbx_database_status.status_code                     REL 
_pdbx_database_status.status_code_sf                  REL 
_pdbx_database_status.status_code_mr                  ? 
_pdbx_database_status.entry_id                        5USA 
_pdbx_database_status.recvd_initial_deposition_date   2017-02-13 
_pdbx_database_status.SG_entry                        N 
_pdbx_database_status.deposit_site                    RCSB 
_pdbx_database_status.process_site                    RCSB 
_pdbx_database_status.status_code_cs                  ? 
_pdbx_database_status.methods_development_category    ? 
_pdbx_database_status.pdb_format_compatible           Y 
_pdbx_database_status.status_code_nmr_data            ? 
# 
loop_
_pdbx_database_related.db_name 
_pdbx_database_related.details 
_pdbx_database_related.db_id 
_pdbx_database_related.content_type 
PDB . 5US2 unspecified 
PDB . 5USE unspecified 
PDB . 5USG unspecified 
# 
loop_
_audit_author.name 
_audit_author.pdbx_ordinal 
_audit_author.identifier_ORCID 
'Fang, Z.'  1 ? 
'Qin, L.'   2 ? 
'Huang, Z.' 3 ? 
# 
_citation.abstract                  ? 
_citation.abstract_id_CAS           ? 
_citation.book_id_ISBN              ? 
_citation.book_publisher            ? 
_citation.book_publisher_city       ? 
_citation.book_title                ? 
_citation.coordinate_linkage        ? 
_citation.country                   DE 
_citation.database_id_Medline       ? 
_citation.details                   ? 
_citation.id                        primary 
_citation.journal_abbrev            Chemistryselect 
_citation.journal_id_ASTM           ? 
_citation.journal_id_CSD            ? 
_citation.journal_id_ISSN           2365-6549 
_citation.journal_full              ? 
_citation.journal_issue             ? 
_citation.journal_volume            8 
_citation.language                  ? 
_citation.page_first                ? 
_citation.page_last                 ? 
_citation.title                     'Synthesis of Pyrimidine Modified Seleno-DNA as a Novel Approach to Antisense Candidate' 
_citation.year                      2023 
_citation.database_id_CSD           ? 
_citation.pdbx_database_id_DOI      10.1002/slct.202302253 
_citation.pdbx_database_id_PubMed   ? 
_citation.unpublished_flag          ? 
# 
loop_
_citation_author.citation_id 
_citation_author.name 
_citation_author.ordinal 
_citation_author.identifier_ORCID 
primary 'Fang, Z.'   1 ? 
primary 'Dantsu, Y.' 2 ? 
primary 'Chen, C.'   3 ? 
primary 'Zhang, W.'  4 ? 
primary 'Huang, Z.'  5 ? 
# 
loop_
_entity.id 
_entity.type 
_entity.src_method 
_entity.pdbx_description 
_entity.formula_weight 
_entity.pdbx_number_of_molecules 
_entity.pdbx_ec 
_entity.pdbx_mutation 
_entity.pdbx_fragment 
_entity.details 
1 polymer     syn 
;RNA (5'-R(*UP*CP*GP*AP*CP*A)-3')
;
1875.189  1  ?        ?     ?                 ? 
2 polymer     syn 
;DNA (5'-D(*AP*(T5S)P*GP*TP*CP*G)-3')
;
1903.188  1  ?        ?     ?                 ? 
3 polymer     man 'Ribonuclease H'                       16329.478 1  3.1.26.4 D132N 'residues 59-196' ? 
4 non-polymer syn 'MAGNESIUM ION'                        24.305    2  ?        ?     ?                 ? 
5 water       nat water                                  18.015    27 ?        ?     ?                 ? 
# 
_entity_name_com.entity_id   3 
_entity_name_com.name        'RNase H' 
# 
loop_
_entity_poly.entity_id 
_entity_poly.type 
_entity_poly.nstd_linkage 
_entity_poly.nstd_monomer 
_entity_poly.pdbx_seq_one_letter_code 
_entity_poly.pdbx_seq_one_letter_code_can 
_entity_poly.pdbx_strand_id 
_entity_poly.pdbx_target_identifier 
1 polyribonucleotide      no no  UCGACA UCGACA B ? 
2 polydeoxyribonucleotide no yes '(DA)(T5S)(DG)(DT)(DC)(DG)' ATGTCG C ? 
3 'polypeptide(L)'        no no  
;GSHMAKEEIIWESLSVDVGSQGNPGIVEYKGVDTKTGEVLFEREPIPIGTNNMGEFLAIVHGLRYLKERNSRKPIYSNSQ
TAIKWVKDKKAKSTLVRNEETALIWKLVDEAEEWLNTHTYETPILKWQTDKWGEIKADYGRK
;
;GSHMAKEEIIWESLSVDVGSQGNPGIVEYKGVDTKTGEVLFEREPIPIGTNNMGEFLAIVHGLRYLKERNSRKPIYSNSQ
TAIKWVKDKKAKSTLVRNEETALIWKLVDEAEEWLNTHTYETPILKWQTDKWGEIKADYGRK
;
A ? 
# 
loop_
_pdbx_entity_nonpoly.entity_id 
_pdbx_entity_nonpoly.name 
_pdbx_entity_nonpoly.comp_id 
4 'MAGNESIUM ION' MG  
5 water           HOH 
# 
loop_
_entity_poly_seq.entity_id 
_entity_poly_seq.num 
_entity_poly_seq.mon_id 
_entity_poly_seq.hetero 
1 1   U   n 
1 2   C   n 
1 3   G   n 
1 4   A   n 
1 5   C   n 
1 6   A   n 
2 1   DA  n 
2 2   T5S n 
2 3   DG  n 
2 4   DT  n 
2 5   DC  n 
2 6   DG  n 
3 1   GLY n 
3 2   SER n 
3 3   HIS n 
3 4   MET n 
3 5   ALA n 
3 6   LYS n 
3 7   GLU n 
3 8   GLU n 
3 9   ILE n 
3 10  ILE n 
3 11  TRP n 
3 12  GLU n 
3 13  SER n 
3 14  LEU n 
3 15  SER n 
3 16  VAL n 
3 17  ASP n 
3 18  VAL n 
3 19  GLY n 
3 20  SER n 
3 21  GLN n 
3 22  GLY n 
3 23  ASN n 
3 24  PRO n 
3 25  GLY n 
3 26  ILE n 
3 27  VAL n 
3 28  GLU n 
3 29  TYR n 
3 30  LYS n 
3 31  GLY n 
3 32  VAL n 
3 33  ASP n 
3 34  THR n 
3 35  LYS n 
3 36  THR n 
3 37  GLY n 
3 38  GLU n 
3 39  VAL n 
3 40  LEU n 
3 41  PHE n 
3 42  GLU n 
3 43  ARG n 
3 44  GLU n 
3 45  PRO n 
3 46  ILE n 
3 47  PRO n 
3 48  ILE n 
3 49  GLY n 
3 50  THR n 
3 51  ASN n 
3 52  ASN n 
3 53  MET n 
3 54  GLY n 
3 55  GLU n 
3 56  PHE n 
3 57  LEU n 
3 58  ALA n 
3 59  ILE n 
3 60  VAL n 
3 61  HIS n 
3 62  GLY n 
3 63  LEU n 
3 64  ARG n 
3 65  TYR n 
3 66  LEU n 
3 67  LYS n 
3 68  GLU n 
3 69  ARG n 
3 70  ASN n 
3 71  SER n 
3 72  ARG n 
3 73  LYS n 
3 74  PRO n 
3 75  ILE n 
3 76  TYR n 
3 77  SER n 
3 78  ASN n 
3 79  SER n 
3 80  GLN n 
3 81  THR n 
3 82  ALA n 
3 83  ILE n 
3 84  LYS n 
3 85  TRP n 
3 86  VAL n 
3 87  LYS n 
3 88  ASP n 
3 89  LYS n 
3 90  LYS n 
3 91  ALA n 
3 92  LYS n 
3 93  SER n 
3 94  THR n 
3 95  LEU n 
3 96  VAL n 
3 97  ARG n 
3 98  ASN n 
3 99  GLU n 
3 100 GLU n 
3 101 THR n 
3 102 ALA n 
3 103 LEU n 
3 104 ILE n 
3 105 TRP n 
3 106 LYS n 
3 107 LEU n 
3 108 VAL n 
3 109 ASP n 
3 110 GLU n 
3 111 ALA n 
3 112 GLU n 
3 113 GLU n 
3 114 TRP n 
3 115 LEU n 
3 116 ASN n 
3 117 THR n 
3 118 HIS n 
3 119 THR n 
3 120 TYR n 
3 121 GLU n 
3 122 THR n 
3 123 PRO n 
3 124 ILE n 
3 125 LEU n 
3 126 LYS n 
3 127 TRP n 
3 128 GLN n 
3 129 THR n 
3 130 ASP n 
3 131 LYS n 
3 132 TRP n 
3 133 GLY n 
3 134 GLU n 
3 135 ILE n 
3 136 LYS n 
3 137 ALA n 
3 138 ASP n 
3 139 TYR n 
3 140 GLY n 
3 141 ARG n 
3 142 LYS n 
# 
_entity_src_gen.entity_id                          3 
_entity_src_gen.pdbx_src_id                        1 
_entity_src_gen.pdbx_alt_source_flag               sample 
_entity_src_gen.pdbx_seq_type                      'Biological sequence' 
_entity_src_gen.pdbx_beg_seq_num                   1 
_entity_src_gen.pdbx_end_seq_num                   142 
_entity_src_gen.gene_src_common_name               ? 
_entity_src_gen.gene_src_genus                     ? 
_entity_src_gen.pdbx_gene_src_gene                 'rnhA, BH0863' 
_entity_src_gen.gene_src_species                   ? 
_entity_src_gen.gene_src_strain                    'ATCC BAA-125 / DSM 18197 / FERM 7344 / JCM 9153 / C-125' 
_entity_src_gen.gene_src_tissue                    ? 
_entity_src_gen.gene_src_tissue_fraction           ? 
_entity_src_gen.gene_src_details                   ? 
_entity_src_gen.pdbx_gene_src_fragment             ? 
_entity_src_gen.pdbx_gene_src_scientific_name      'Bacillus halodurans' 
_entity_src_gen.pdbx_gene_src_ncbi_taxonomy_id     272558 
_entity_src_gen.pdbx_gene_src_variant              ? 
_entity_src_gen.pdbx_gene_src_cell_line            ? 
_entity_src_gen.pdbx_gene_src_atcc                 ? 
_entity_src_gen.pdbx_gene_src_organ                ? 
_entity_src_gen.pdbx_gene_src_organelle            ? 
_entity_src_gen.pdbx_gene_src_cell                 ? 
_entity_src_gen.pdbx_gene_src_cellular_location    ? 
_entity_src_gen.host_org_common_name               ? 
_entity_src_gen.pdbx_host_org_scientific_name      'Escherichia coli K-12' 
_entity_src_gen.pdbx_host_org_ncbi_taxonomy_id     83333 
_entity_src_gen.host_org_genus                     ? 
_entity_src_gen.pdbx_host_org_gene                 ? 
_entity_src_gen.pdbx_host_org_organ                ? 
_entity_src_gen.host_org_species                   ? 
_entity_src_gen.pdbx_host_org_tissue               ? 
_entity_src_gen.pdbx_host_org_tissue_fraction      ? 
_entity_src_gen.pdbx_host_org_strain               ? 
_entity_src_gen.pdbx_host_org_variant              ? 
_entity_src_gen.pdbx_host_org_cell_line            ? 
_entity_src_gen.pdbx_host_org_atcc                 ? 
_entity_src_gen.pdbx_host_org_culture_collection   ? 
_entity_src_gen.pdbx_host_org_cell                 ? 
_entity_src_gen.pdbx_host_org_organelle            ? 
_entity_src_gen.pdbx_host_org_cellular_location    ? 
_entity_src_gen.pdbx_host_org_vector_type          ? 
_entity_src_gen.pdbx_host_org_vector               ? 
_entity_src_gen.host_org_details                   ? 
_entity_src_gen.expression_system_id               ? 
_entity_src_gen.plasmid_name                       ? 
_entity_src_gen.plasmid_details                    ? 
_entity_src_gen.pdbx_description                   ? 
# 
loop_
_pdbx_entity_src_syn.entity_id 
_pdbx_entity_src_syn.pdbx_src_id 
_pdbx_entity_src_syn.pdbx_alt_source_flag 
_pdbx_entity_src_syn.pdbx_beg_seq_num 
_pdbx_entity_src_syn.pdbx_end_seq_num 
_pdbx_entity_src_syn.organism_scientific 
_pdbx_entity_src_syn.organism_common_name 
_pdbx_entity_src_syn.ncbi_taxonomy_id 
_pdbx_entity_src_syn.details 
1 1 sample 1 6 'synthetic construct' ? 32630 ? 
2 1 sample 1 6 'synthetic construct' ? 32630 ? 
# 
loop_
_chem_comp.id 
_chem_comp.type 
_chem_comp.mon_nstd_flag 
_chem_comp.name 
_chem_comp.pdbx_synonyms 
_chem_comp.formula 
_chem_comp.formula_weight 
A   'RNA linking'       y "ADENOSINE-5'-MONOPHOSPHATE"                     ? 'C10 H14 N5 O7 P'    347.221 
ALA 'L-peptide linking' y ALANINE                                          ? 'C3 H7 N O2'         89.093  
ARG 'L-peptide linking' y ARGININE                                         ? 'C6 H15 N4 O2 1'     175.209 
ASN 'L-peptide linking' y ASPARAGINE                                       ? 'C4 H8 N2 O3'        132.118 
ASP 'L-peptide linking' y 'ASPARTIC ACID'                                  ? 'C4 H7 N O4'         133.103 
C   'RNA linking'       y "CYTIDINE-5'-MONOPHOSPHATE"                      ? 'C9 H14 N3 O8 P'     323.197 
DA  'DNA linking'       y "2'-DEOXYADENOSINE-5'-MONOPHOSPHATE"             ? 'C10 H14 N5 O6 P'    331.222 
DC  'DNA linking'       y "2'-DEOXYCYTIDINE-5'-MONOPHOSPHATE"              ? 'C9 H14 N3 O7 P'     307.197 
DG  'DNA linking'       y "2'-DEOXYGUANOSINE-5'-MONOPHOSPHATE"             ? 'C10 H14 N5 O7 P'    347.221 
DT  'DNA linking'       y "THYMIDINE-5'-MONOPHOSPHATE"                     ? 'C10 H15 N2 O8 P'    322.208 
G   'RNA linking'       y "GUANOSINE-5'-MONOPHOSPHATE"                     ? 'C10 H14 N5 O8 P'    363.221 
GLN 'L-peptide linking' y GLUTAMINE                                        ? 'C5 H10 N2 O3'       146.144 
GLU 'L-peptide linking' y 'GLUTAMIC ACID'                                  ? 'C5 H9 N O4'         147.129 
GLY 'peptide linking'   y GLYCINE                                          ? 'C2 H5 N O2'         75.067  
HIS 'L-peptide linking' y HISTIDINE                                        ? 'C6 H10 N3 O2 1'     156.162 
HOH non-polymer         . WATER                                            ? 'H2 O'               18.015  
ILE 'L-peptide linking' y ISOLEUCINE                                       ? 'C6 H13 N O2'        131.173 
LEU 'L-peptide linking' y LEUCINE                                          ? 'C6 H13 N O2'        131.173 
LYS 'L-peptide linking' y LYSINE                                           ? 'C6 H15 N2 O2 1'     147.195 
MET 'L-peptide linking' y METHIONINE                                       ? 'C5 H11 N O2 S'      149.211 
MG  non-polymer         . 'MAGNESIUM ION'                                  ? 'Mg 2'               24.305  
PHE 'L-peptide linking' y PHENYLALANINE                                    ? 'C9 H11 N O2'        165.189 
PRO 'L-peptide linking' y PROLINE                                          ? 'C5 H9 N O2'         115.130 
SER 'L-peptide linking' y SERINE                                           ? 'C3 H7 N O3'         105.093 
T5S 'DNA linking'       n 
;2'-deoxy-5-(methylselanyl)uridine 5'-phosphate
;
? 'C10 H15 N2 O8 P Se' 401.168 
THR 'L-peptide linking' y THREONINE                                        ? 'C4 H9 N O3'         119.119 
TRP 'L-peptide linking' y TRYPTOPHAN                                       ? 'C11 H12 N2 O2'      204.225 
TYR 'L-peptide linking' y TYROSINE                                         ? 'C9 H11 N O3'        181.189 
U   'RNA linking'       y "URIDINE-5'-MONOPHOSPHATE"                       ? 'C9 H13 N2 O9 P'     324.181 
VAL 'L-peptide linking' y VALINE                                           ? 'C5 H11 N O2'        117.146 
# 
loop_
_pdbx_poly_seq_scheme.asym_id 
_pdbx_poly_seq_scheme.entity_id 
_pdbx_poly_seq_scheme.seq_id 
_pdbx_poly_seq_scheme.mon_id 
_pdbx_poly_seq_scheme.ndb_seq_num 
_pdbx_poly_seq_scheme.pdb_seq_num 
_pdbx_poly_seq_scheme.auth_seq_num 
_pdbx_poly_seq_scheme.pdb_mon_id 
_pdbx_poly_seq_scheme.auth_mon_id 
_pdbx_poly_seq_scheme.pdb_strand_id 
_pdbx_poly_seq_scheme.pdb_ins_code 
_pdbx_poly_seq_scheme.hetero 
A 1 1   U   1   1   1   U   U   B . n 
A 1 2   C   2   2   2   C   C   B . n 
A 1 3   G   3   3   3   G   G   B . n 
A 1 4   A   4   4   4   A   A   B . n 
A 1 5   C   5   5   5   C   C   B . n 
A 1 6   A   6   6   6   A   A   B . n 
B 2 1   DA  1   1   1   DA  DA  C . n 
B 2 2   T5S 2   2   2   T5S T5S C . n 
B 2 3   DG  3   3   3   DG  DG  C . n 
B 2 4   DT  4   4   4   DT  DT  C . n 
B 2 5   DC  5   5   5   DC  DC  C . n 
B 2 6   DG  6   6   6   DG  DG  C . n 
C 3 1   GLY 1   55  ?   ?   ?   A . n 
C 3 2   SER 2   56  ?   ?   ?   A . n 
C 3 3   HIS 3   57  ?   ?   ?   A . n 
C 3 4   MET 4   58  ?   ?   ?   A . n 
C 3 5   ALA 5   59  ?   ?   ?   A . n 
C 3 6   LYS 6   60  ?   ?   ?   A . n 
C 3 7   GLU 7   61  ?   ?   ?   A . n 
C 3 8   GLU 8   62  62  GLU GLU A . n 
C 3 9   ILE 9   63  63  ILE ILE A . n 
C 3 10  ILE 10  64  64  ILE ILE A . n 
C 3 11  TRP 11  65  65  TRP TRP A . n 
C 3 12  GLU 12  66  66  GLU GLU A . n 
C 3 13  SER 13  67  67  SER SER A . n 
C 3 14  LEU 14  68  68  LEU LEU A . n 
C 3 15  SER 15  69  69  SER SER A . n 
C 3 16  VAL 16  70  70  VAL VAL A . n 
C 3 17  ASP 17  71  71  ASP ASP A . n 
C 3 18  VAL 18  72  72  VAL VAL A . n 
C 3 19  GLY 19  73  73  GLY GLY A . n 
C 3 20  SER 20  74  74  SER SER A . n 
C 3 21  GLN 21  75  75  GLN GLN A . n 
C 3 22  GLY 22  76  76  GLY GLY A . n 
C 3 23  ASN 23  77  77  ASN ASN A . n 
C 3 24  PRO 24  78  78  PRO PRO A . n 
C 3 25  GLY 25  79  79  GLY GLY A . n 
C 3 26  ILE 26  80  80  ILE ILE A . n 
C 3 27  VAL 27  81  81  VAL VAL A . n 
C 3 28  GLU 28  82  82  GLU GLU A . n 
C 3 29  TYR 29  83  83  TYR TYR A . n 
C 3 30  LYS 30  84  84  LYS LYS A . n 
C 3 31  GLY 31  85  85  GLY GLY A . n 
C 3 32  VAL 32  86  86  VAL VAL A . n 
C 3 33  ASP 33  87  87  ASP ASP A . n 
C 3 34  THR 34  88  88  THR THR A . n 
C 3 35  LYS 35  89  89  LYS LYS A . n 
C 3 36  THR 36  90  90  THR THR A . n 
C 3 37  GLY 37  91  91  GLY GLY A . n 
C 3 38  GLU 38  92  92  GLU GLU A . n 
C 3 39  VAL 39  93  93  VAL VAL A . n 
C 3 40  LEU 40  94  94  LEU LEU A . n 
C 3 41  PHE 41  95  95  PHE PHE A . n 
C 3 42  GLU 42  96  96  GLU GLU A . n 
C 3 43  ARG 43  97  97  ARG ARG A . n 
C 3 44  GLU 44  98  98  GLU GLU A . n 
C 3 45  PRO 45  99  99  PRO PRO A . n 
C 3 46  ILE 46  100 100 ILE ILE A . n 
C 3 47  PRO 47  101 101 PRO PRO A . n 
C 3 48  ILE 48  102 102 ILE ILE A . n 
C 3 49  GLY 49  103 103 GLY GLY A . n 
C 3 50  THR 50  104 104 THR THR A . n 
C 3 51  ASN 51  105 105 ASN ASN A . n 
C 3 52  ASN 52  106 106 ASN ASN A . n 
C 3 53  MET 53  107 107 MET MET A . n 
C 3 54  GLY 54  108 108 GLY GLY A . n 
C 3 55  GLU 55  109 109 GLU GLU A . n 
C 3 56  PHE 56  110 110 PHE PHE A . n 
C 3 57  LEU 57  111 111 LEU LEU A . n 
C 3 58  ALA 58  112 112 ALA ALA A . n 
C 3 59  ILE 59  113 113 ILE ILE A . n 
C 3 60  VAL 60  114 114 VAL VAL A . n 
C 3 61  HIS 61  115 115 HIS HIS A . n 
C 3 62  GLY 62  116 116 GLY GLY A . n 
C 3 63  LEU 63  117 117 LEU LEU A . n 
C 3 64  ARG 64  118 118 ARG ARG A . n 
C 3 65  TYR 65  119 119 TYR TYR A . n 
C 3 66  LEU 66  120 120 LEU LEU A . n 
C 3 67  LYS 67  121 121 LYS LYS A . n 
C 3 68  GLU 68  122 122 GLU GLU A . n 
C 3 69  ARG 69  123 123 ARG ARG A . n 
C 3 70  ASN 70  124 124 ASN ASN A . n 
C 3 71  SER 71  125 125 SER SER A . n 
C 3 72  ARG 72  126 126 ARG ARG A . n 
C 3 73  LYS 73  127 127 LYS LYS A . n 
C 3 74  PRO 74  128 128 PRO PRO A . n 
C 3 75  ILE 75  129 129 ILE ILE A . n 
C 3 76  TYR 76  130 130 TYR TYR A . n 
C 3 77  SER 77  131 131 SER SER A . n 
C 3 78  ASN 78  132 132 ASN ASN A . n 
C 3 79  SER 79  133 133 SER SER A . n 
C 3 80  GLN 80  134 134 GLN GLN A . n 
C 3 81  THR 81  135 135 THR THR A . n 
C 3 82  ALA 82  136 136 ALA ALA A . n 
C 3 83  ILE 83  137 137 ILE ILE A . n 
C 3 84  LYS 84  138 138 LYS LYS A . n 
C 3 85  TRP 85  139 139 TRP TRP A . n 
C 3 86  VAL 86  140 140 VAL VAL A . n 
C 3 87  LYS 87  141 141 LYS LYS A . n 
C 3 88  ASP 88  142 142 ASP ASP A . n 
C 3 89  LYS 89  143 143 LYS LYS A . n 
C 3 90  LYS 90  144 144 LYS LYS A . n 
C 3 91  ALA 91  145 145 ALA ALA A . n 
C 3 92  LYS 92  146 146 LYS LYS A . n 
C 3 93  SER 93  147 147 SER SER A . n 
C 3 94  THR 94  148 148 THR THR A . n 
C 3 95  LEU 95  149 149 LEU LEU A . n 
C 3 96  VAL 96  150 150 VAL VAL A . n 
C 3 97  ARG 97  151 151 ARG ARG A . n 
C 3 98  ASN 98  152 152 ASN ASN A . n 
C 3 99  GLU 99  153 153 GLU GLU A . n 
C 3 100 GLU 100 154 154 GLU GLU A . n 
C 3 101 THR 101 155 155 THR THR A . n 
C 3 102 ALA 102 156 156 ALA ALA A . n 
C 3 103 LEU 103 157 157 LEU LEU A . n 
C 3 104 ILE 104 158 158 ILE ILE A . n 
C 3 105 TRP 105 159 159 TRP TRP A . n 
C 3 106 LYS 106 160 160 LYS LYS A . n 
C 3 107 LEU 107 161 161 LEU LEU A . n 
C 3 108 VAL 108 162 162 VAL VAL A . n 
C 3 109 ASP 109 163 163 ASP ASP A . n 
C 3 110 GLU 110 164 164 GLU GLU A . n 
C 3 111 ALA 111 165 165 ALA ALA A . n 
C 3 112 GLU 112 166 166 GLU GLU A . n 
C 3 113 GLU 113 167 167 GLU GLU A . n 
C 3 114 TRP 114 168 168 TRP TRP A . n 
C 3 115 LEU 115 169 169 LEU LEU A . n 
C 3 116 ASN 116 170 170 ASN ASN A . n 
C 3 117 THR 117 171 171 THR THR A . n 
C 3 118 HIS 118 172 172 HIS HIS A . n 
C 3 119 THR 119 173 173 THR THR A . n 
C 3 120 TYR 120 174 174 TYR TYR A . n 
C 3 121 GLU 121 175 175 GLU GLU A . n 
C 3 122 THR 122 176 176 THR THR A . n 
C 3 123 PRO 123 177 177 PRO PRO A . n 
C 3 124 ILE 124 178 178 ILE ILE A . n 
C 3 125 LEU 125 179 179 LEU LEU A . n 
C 3 126 LYS 126 180 180 LYS LYS A . n 
C 3 127 TRP 127 181 181 TRP TRP A . n 
C 3 128 GLN 128 182 182 GLN GLN A . n 
C 3 129 THR 129 183 183 THR THR A . n 
C 3 130 ASP 130 184 184 ASP ASP A . n 
C 3 131 LYS 131 185 185 LYS LYS A . n 
C 3 132 TRP 132 186 186 TRP TRP A . n 
C 3 133 GLY 133 187 187 GLY GLY A . n 
C 3 134 GLU 134 188 188 GLU GLU A . n 
C 3 135 ILE 135 189 189 ILE ILE A . n 
C 3 136 LYS 136 190 190 LYS LYS A . n 
C 3 137 ALA 137 191 191 ALA ALA A . n 
C 3 138 ASP 138 192 192 ASP ASP A . n 
C 3 139 TYR 139 193 193 TYR TYR A . n 
C 3 140 GLY 140 194 ?   ?   ?   A . n 
C 3 141 ARG 141 195 ?   ?   ?   A . n 
C 3 142 LYS 142 196 ?   ?   ?   A . n 
# 
loop_
_pdbx_nonpoly_scheme.asym_id 
_pdbx_nonpoly_scheme.entity_id 
_pdbx_nonpoly_scheme.mon_id 
_pdbx_nonpoly_scheme.ndb_seq_num 
_pdbx_nonpoly_scheme.pdb_seq_num 
_pdbx_nonpoly_scheme.auth_seq_num 
_pdbx_nonpoly_scheme.pdb_mon_id 
_pdbx_nonpoly_scheme.auth_mon_id 
_pdbx_nonpoly_scheme.pdb_strand_id 
_pdbx_nonpoly_scheme.pdb_ins_code 
D 4 MG  1  201 1  MG  MG  B . 
E 4 MG  1  201 2  MG  MG  A . 
F 5 HOH 1  301 16 HOH HOH B . 
F 5 HOH 2  302 29 HOH HOH B . 
F 5 HOH 3  303 6  HOH HOH B . 
F 5 HOH 4  304 17 HOH HOH B . 
G 5 HOH 1  101 14 HOH HOH C . 
G 5 HOH 2  102 21 HOH HOH C . 
G 5 HOH 3  103 18 HOH HOH C . 
G 5 HOH 4  104 19 HOH HOH C . 
G 5 HOH 5  105 22 HOH HOH C . 
H 5 HOH 1  301 15 HOH HOH A . 
H 5 HOH 2  302 7  HOH HOH A . 
H 5 HOH 3  303 23 HOH HOH A . 
H 5 HOH 4  304 20 HOH HOH A . 
H 5 HOH 5  305 5  HOH HOH A . 
H 5 HOH 6  306 3  HOH HOH A . 
H 5 HOH 7  307 9  HOH HOH A . 
H 5 HOH 8  308 24 HOH HOH A . 
H 5 HOH 9  309 1  HOH HOH A . 
H 5 HOH 10 310 26 HOH HOH A . 
H 5 HOH 11 311 8  HOH HOH A . 
H 5 HOH 12 312 4  HOH HOH A . 
H 5 HOH 13 313 25 HOH HOH A . 
H 5 HOH 14 314 10 HOH HOH A . 
H 5 HOH 15 315 28 HOH HOH A . 
H 5 HOH 16 316 12 HOH HOH A . 
H 5 HOH 17 317 11 HOH HOH A . 
H 5 HOH 18 318 13 HOH HOH A . 
# 
loop_
_software.citation_id 
_software.classification 
_software.compiler_name 
_software.compiler_version 
_software.contact_author 
_software.contact_author_email 
_software.date 
_software.description 
_software.dependencies 
_software.hardware 
_software.language 
_software.location 
_software.mods 
_software.name 
_software.os 
_software.os_version 
_software.type 
_software.version 
_software.pdbx_ordinal 
? refinement       ? ? ? ? ? ? ? ? ? ? ? REFMAC   ? ? ? 5.8.0135 1 
? 'data reduction' ? ? ? ? ? ? ? ? ? ? ? HKL-2000 ? ? ? .        2 
? 'data scaling'   ? ? ? ? ? ? ? ? ? ? ? HKL-2000 ? ? ? .        3 
? phasing          ? ? ? ? ? ? ? ? ? ? ? PHASER   ? ? ? .        4 
# 
_cell.entry_id           5USA 
_cell.length_a           81.201 
_cell.length_b           37.731 
_cell.length_c           62.238 
_cell.angle_alpha        90.00 
_cell.angle_beta         96.38 
_cell.angle_gamma        90.00 
_cell.Z_PDB              4 
_cell.pdbx_unique_axis   ? 
# 
_symmetry.entry_id                         5USA 
_symmetry.space_group_name_H-M             'C 1 2 1' 
_symmetry.pdbx_full_space_group_name_H-M   ? 
_symmetry.cell_setting                     ? 
_symmetry.Int_Tables_number                5 
# 
_exptl.absorpt_coefficient_mu     ? 
_exptl.absorpt_correction_T_max   ? 
_exptl.absorpt_correction_T_min   ? 
_exptl.absorpt_correction_type    ? 
_exptl.absorpt_process_details    ? 
_exptl.entry_id                   5USA 
_exptl.crystals_number            1 
_exptl.details                    ? 
_exptl.method                     'X-RAY DIFFRACTION' 
_exptl.method_details             ? 
# 
_exptl_crystal.colour                      ? 
_exptl_crystal.density_diffrn              ? 
_exptl_crystal.density_Matthews            2.37 
_exptl_crystal.density_method              ? 
_exptl_crystal.density_percent_sol         48.11 
_exptl_crystal.description                 ? 
_exptl_crystal.F_000                       ? 
_exptl_crystal.id                          1 
_exptl_crystal.preparation                 ? 
_exptl_crystal.size_max                    ? 
_exptl_crystal.size_mid                    ? 
_exptl_crystal.size_min                    ? 
_exptl_crystal.size_rad                    ? 
_exptl_crystal.colour_lustre               ? 
_exptl_crystal.colour_modifier             ? 
_exptl_crystal.colour_primary              ? 
_exptl_crystal.density_meas                ? 
_exptl_crystal.density_meas_esd            ? 
_exptl_crystal.density_meas_gt             ? 
_exptl_crystal.density_meas_lt             ? 
_exptl_crystal.density_meas_temp           ? 
_exptl_crystal.density_meas_temp_esd       ? 
_exptl_crystal.density_meas_temp_gt        ? 
_exptl_crystal.density_meas_temp_lt        ? 
_exptl_crystal.pdbx_crystal_image_url      ? 
_exptl_crystal.pdbx_crystal_image_format   ? 
_exptl_crystal.pdbx_mosaicity              ? 
_exptl_crystal.pdbx_mosaicity_esd          ? 
# 
_exptl_crystal_grow.apparatus       ? 
_exptl_crystal_grow.atmosphere      ? 
_exptl_crystal_grow.crystal_id      1 
_exptl_crystal_grow.details         ? 
_exptl_crystal_grow.method          'VAPOR DIFFUSION, HANGING DROP' 
_exptl_crystal_grow.method_ref      ? 
_exptl_crystal_grow.pH              6.5 
_exptl_crystal_grow.pressure        ? 
_exptl_crystal_grow.pressure_esd    ? 
_exptl_crystal_grow.seeding         ? 
_exptl_crystal_grow.seeding_ref     ? 
_exptl_crystal_grow.temp            293 
_exptl_crystal_grow.temp_details    ? 
_exptl_crystal_grow.temp_esd        ? 
_exptl_crystal_grow.time            ? 
_exptl_crystal_grow.pdbx_details    '0.1M MES pH 6.5, 12%(w/v) PEG 20000' 
_exptl_crystal_grow.pdbx_pH_range   ? 
# 
_diffrn.ambient_environment    ? 
_diffrn.ambient_temp           100 
_diffrn.ambient_temp_details   ? 
_diffrn.ambient_temp_esd       ? 
_diffrn.crystal_id             1 
_diffrn.crystal_support        ? 
_diffrn.crystal_treatment      ? 
_diffrn.details                ? 
_diffrn.id                     1 
_diffrn.ambient_pressure       ? 
_diffrn.ambient_pressure_esd   ? 
_diffrn.ambient_pressure_gt    ? 
_diffrn.ambient_pressure_lt    ? 
_diffrn.ambient_temp_gt        ? 
_diffrn.ambient_temp_lt        ? 
# 
_diffrn_detector.details                      ? 
_diffrn_detector.detector                     CCD 
_diffrn_detector.diffrn_id                    1 
_diffrn_detector.type                         'ADSC QUANTUM 315r' 
_diffrn_detector.area_resol_mean              ? 
_diffrn_detector.dtime                        ? 
_diffrn_detector.pdbx_frames_total            ? 
_diffrn_detector.pdbx_collection_time_total   ? 
_diffrn_detector.pdbx_collection_date         2016-11-18 
# 
_diffrn_radiation.collimation                      ? 
_diffrn_radiation.diffrn_id                        1 
_diffrn_radiation.filter_edge                      ? 
_diffrn_radiation.inhomogeneity                    ? 
_diffrn_radiation.monochromator                    ? 
_diffrn_radiation.polarisn_norm                    ? 
_diffrn_radiation.polarisn_ratio                   ? 
_diffrn_radiation.probe                            ? 
_diffrn_radiation.type                             ? 
_diffrn_radiation.xray_symbol                      ? 
_diffrn_radiation.wavelength_id                    1 
_diffrn_radiation.pdbx_monochromatic_or_laue_m_l   M 
_diffrn_radiation.pdbx_wavelength_list             ? 
_diffrn_radiation.pdbx_wavelength                  ? 
_diffrn_radiation.pdbx_diffrn_protocol             'SINGLE WAVELENGTH' 
_diffrn_radiation.pdbx_analyzer                    ? 
_diffrn_radiation.pdbx_scattering_type             x-ray 
# 
_diffrn_radiation_wavelength.id           1 
_diffrn_radiation_wavelength.wavelength   1 
_diffrn_radiation_wavelength.wt           1.0 
# 
_diffrn_source.current                     ? 
_diffrn_source.details                     ? 
_diffrn_source.diffrn_id                   1 
_diffrn_source.power                       ? 
_diffrn_source.size                        ? 
_diffrn_source.source                      SYNCHROTRON 
_diffrn_source.target                      ? 
_diffrn_source.type                        'ALS BEAMLINE 8.2.2' 
_diffrn_source.voltage                     ? 
_diffrn_source.take-off_angle              ? 
_diffrn_source.pdbx_wavelength_list        1 
_diffrn_source.pdbx_wavelength             ? 
_diffrn_source.pdbx_synchrotron_beamline   8.2.2 
_diffrn_source.pdbx_synchrotron_site       ALS 
# 
_reflns.B_iso_Wilson_estimate            ? 
_reflns.entry_id                         5USA 
_reflns.data_reduction_details           ? 
_reflns.data_reduction_method            ? 
_reflns.d_resolution_high                1.80 
_reflns.d_resolution_low                 50 
_reflns.details                          ? 
_reflns.limit_h_max                      ? 
_reflns.limit_h_min                      ? 
_reflns.limit_k_max                      ? 
_reflns.limit_k_min                      ? 
_reflns.limit_l_max                      ? 
_reflns.limit_l_min                      ? 
_reflns.number_all                       ? 
_reflns.number_obs                       17472 
_reflns.observed_criterion               ? 
_reflns.observed_criterion_F_max         ? 
_reflns.observed_criterion_F_min         ? 
_reflns.observed_criterion_I_max         ? 
_reflns.observed_criterion_I_min         ? 
_reflns.observed_criterion_sigma_F       ? 
_reflns.observed_criterion_sigma_I       ? 
_reflns.percent_possible_obs             100 
_reflns.R_free_details                   ? 
_reflns.Rmerge_F_all                     ? 
_reflns.Rmerge_F_obs                     ? 
_reflns.Friedel_coverage                 ? 
_reflns.number_gt                        ? 
_reflns.threshold_expression             ? 
_reflns.pdbx_redundancy                  7.3 
_reflns.pdbx_Rmerge_I_obs                ? 
_reflns.pdbx_Rmerge_I_all                ? 
_reflns.pdbx_Rsym_value                  ? 
_reflns.pdbx_netI_over_av_sigmaI         ? 
_reflns.pdbx_netI_over_sigmaI            29 
_reflns.pdbx_res_netI_over_av_sigmaI_2   ? 
_reflns.pdbx_res_netI_over_sigmaI_2      ? 
_reflns.pdbx_chi_squared                 ? 
_reflns.pdbx_scaling_rejects             ? 
_reflns.pdbx_d_res_high_opt              ? 
_reflns.pdbx_d_res_low_opt               ? 
_reflns.pdbx_d_res_opt_method            ? 
_reflns.phase_calculation_details        ? 
_reflns.pdbx_Rrim_I_all                  ? 
_reflns.pdbx_Rpim_I_all                  0.025 
_reflns.pdbx_d_opt                       ? 
_reflns.pdbx_number_measured_all         ? 
_reflns.pdbx_diffrn_id                   1 
_reflns.pdbx_ordinal                     1 
_reflns.pdbx_CC_half                     ? 
_reflns.pdbx_R_split                     ? 
# 
_reflns_shell.d_res_high                  . 
_reflns_shell.d_res_low                   ? 
_reflns_shell.meanI_over_sigI_all         ? 
_reflns_shell.meanI_over_sigI_obs         ? 
_reflns_shell.number_measured_all         ? 
_reflns_shell.number_measured_obs         ? 
_reflns_shell.number_possible             ? 
_reflns_shell.number_unique_all           ? 
_reflns_shell.number_unique_obs           ? 
_reflns_shell.percent_possible_all        ? 
_reflns_shell.percent_possible_obs        ? 
_reflns_shell.Rmerge_F_all                ? 
_reflns_shell.Rmerge_F_obs                ? 
_reflns_shell.Rmerge_I_all                ? 
_reflns_shell.Rmerge_I_obs                ? 
_reflns_shell.meanI_over_sigI_gt          ? 
_reflns_shell.meanI_over_uI_all           ? 
_reflns_shell.meanI_over_uI_gt            ? 
_reflns_shell.number_measured_gt          ? 
_reflns_shell.number_unique_gt            ? 
_reflns_shell.percent_possible_gt         ? 
_reflns_shell.Rmerge_F_gt                 ? 
_reflns_shell.Rmerge_I_gt                 ? 
_reflns_shell.pdbx_redundancy             ? 
_reflns_shell.pdbx_Rsym_value             ? 
_reflns_shell.pdbx_chi_squared            ? 
_reflns_shell.pdbx_netI_over_sigmaI_all   ? 
_reflns_shell.pdbx_netI_over_sigmaI_obs   ? 
_reflns_shell.pdbx_Rrim_I_all             ? 
_reflns_shell.pdbx_Rpim_I_all             ? 
_reflns_shell.pdbx_rejects                ? 
_reflns_shell.pdbx_ordinal                1 
_reflns_shell.pdbx_diffrn_id              1 
_reflns_shell.pdbx_CC_half                ? 
_reflns_shell.pdbx_R_split                ? 
# 
_refine.pdbx_refine_id                           'X-RAY DIFFRACTION' 
_refine.entry_id                                 5USA 
_refine.pdbx_diffrn_id                           1 
_refine.pdbx_TLS_residual_ADP_flag               ? 
_refine.ls_number_reflns_obs                     16605 
_refine.ls_number_reflns_all                     ? 
_refine.pdbx_ls_sigma_I                          ? 
_refine.pdbx_ls_sigma_F                          ? 
_refine.pdbx_data_cutoff_high_absF               ? 
_refine.pdbx_data_cutoff_low_absF                ? 
_refine.pdbx_data_cutoff_high_rms_absF           ? 
_refine.ls_d_res_low                             35.656 
_refine.ls_d_res_high                            1.80 
_refine.ls_percent_reflns_obs                    99.76 
_refine.ls_R_factor_obs                          0.19100 
_refine.ls_R_factor_all                          ? 
_refine.ls_R_factor_R_work                       0.18973 
_refine.ls_R_factor_R_free                       0.21642 
_refine.ls_R_factor_R_free_error                 ? 
_refine.ls_R_factor_R_free_error_details         ? 
_refine.ls_percent_reflns_R_free                 5.0 
_refine.ls_number_reflns_R_free                  867 
_refine.ls_number_parameters                     ? 
_refine.ls_number_restraints                     ? 
_refine.occupancy_min                            ? 
_refine.occupancy_max                            ? 
_refine.correlation_coeff_Fo_to_Fc               0.953 
_refine.correlation_coeff_Fo_to_Fc_free          0.940 
_refine.B_iso_mean                               24.300 
_refine.aniso_B[1][1]                            0.00 
_refine.aniso_B[2][2]                            0.00 
_refine.aniso_B[3][3]                            -0.00 
_refine.aniso_B[1][2]                            -0.00 
_refine.aniso_B[1][3]                            0.00 
_refine.aniso_B[2][3]                            0.00 
_refine.solvent_model_details                    MASK 
_refine.solvent_model_param_ksol                 ? 
_refine.solvent_model_param_bsol                 ? 
_refine.pdbx_solvent_vdw_probe_radii             1.20 
_refine.pdbx_solvent_ion_probe_radii             0.80 
_refine.pdbx_solvent_shrinkage_radii             0.80 
_refine.pdbx_ls_cross_valid_method               THROUGHOUT 
_refine.details                                  'HYDROGENS HAVE BEEN ADDED IN THE RIDING POSITIONS' 
_refine.pdbx_starting_model                      ? 
_refine.pdbx_method_to_determine_struct          ? 
_refine.pdbx_isotropic_thermal_model             ? 
_refine.pdbx_stereochemistry_target_values       'MAXIMUM LIKELIHOOD' 
_refine.pdbx_stereochem_target_val_spec_case     ? 
_refine.pdbx_R_Free_selection_details            RANDOM 
_refine.pdbx_overall_ESU_R                       0.121 
_refine.pdbx_overall_ESU_R_Free                  0.113 
_refine.overall_SU_ML                            0.077 
_refine.pdbx_overall_phase_error                 ? 
_refine.overall_SU_B                             2.516 
_refine.overall_SU_R_Cruickshank_DPI             ? 
_refine.pdbx_overall_SU_R_free_Cruickshank_DPI   ? 
_refine.pdbx_overall_SU_R_Blow_DPI               ? 
_refine.pdbx_overall_SU_R_free_Blow_DPI          ? 
# 
_refine_hist.pdbx_refine_id                   'X-RAY DIFFRACTION' 
_refine_hist.cycle_id                         1 
_refine_hist.pdbx_number_atoms_protein        1076 
_refine_hist.pdbx_number_atoms_nucleic_acid   246 
_refine_hist.pdbx_number_atoms_ligand         2 
_refine_hist.number_atoms_solvent             27 
_refine_hist.number_atoms_total               1351 
_refine_hist.d_res_high                       1.80 
_refine_hist.d_res_low                        35.656 
# 
loop_
_refine_ls_restr.type 
_refine_ls_restr.dev_ideal 
_refine_ls_restr.dev_ideal_target 
_refine_ls_restr.weight 
_refine_ls_restr.number 
_refine_ls_restr.pdbx_refine_id 
_refine_ls_restr.pdbx_restraint_function 
r_bond_refined_d             0.018  0.018  ? 1373 'X-RAY DIFFRACTION' ? 
r_bond_other_d               0.014  0.020  ? 1181 'X-RAY DIFFRACTION' ? 
r_angle_refined_deg          1.905  1.813  ? 1905 'X-RAY DIFFRACTION' ? 
r_angle_other_deg            1.223  3.005  ? 2740 'X-RAY DIFFRACTION' ? 
r_dihedral_angle_1_deg       6.460  5.000  ? 131  'X-RAY DIFFRACTION' ? 
r_dihedral_angle_2_deg       33.807 25.098 ? 51   'X-RAY DIFFRACTION' ? 
r_dihedral_angle_3_deg       14.637 15.000 ? 202  'X-RAY DIFFRACTION' ? 
r_dihedral_angle_4_deg       18.950 15.000 ? 5    'X-RAY DIFFRACTION' ? 
r_chiral_restr               0.109  0.200  ? 205  'X-RAY DIFFRACTION' ? 
r_gen_planes_refined         0.011  0.020  ? 1354 'X-RAY DIFFRACTION' ? 
r_gen_planes_other           0.002  0.020  ? 299  'X-RAY DIFFRACTION' ? 
r_nbd_refined                ?      ?      ? ?    'X-RAY DIFFRACTION' ? 
r_nbd_other                  ?      ?      ? ?    'X-RAY DIFFRACTION' ? 
r_nbtor_refined              ?      ?      ? ?    'X-RAY DIFFRACTION' ? 
r_nbtor_other                ?      ?      ? ?    'X-RAY DIFFRACTION' ? 
r_xyhbond_nbd_refined        ?      ?      ? ?    'X-RAY DIFFRACTION' ? 
r_xyhbond_nbd_other          ?      ?      ? ?    'X-RAY DIFFRACTION' ? 
r_metal_ion_refined          ?      ?      ? ?    'X-RAY DIFFRACTION' ? 
r_metal_ion_other            ?      ?      ? ?    'X-RAY DIFFRACTION' ? 
r_symmetry_vdw_refined       ?      ?      ? ?    'X-RAY DIFFRACTION' ? 
r_symmetry_vdw_other         ?      ?      ? ?    'X-RAY DIFFRACTION' ? 
r_symmetry_hbond_refined     ?      ?      ? ?    'X-RAY DIFFRACTION' ? 
r_symmetry_hbond_other       ?      ?      ? ?    'X-RAY DIFFRACTION' ? 
r_symmetry_metal_ion_refined ?      ?      ? ?    'X-RAY DIFFRACTION' ? 
r_symmetry_metal_ion_other   ?      ?      ? ?    'X-RAY DIFFRACTION' ? 
r_mcbond_it                  2.245  2.180  ? 527  'X-RAY DIFFRACTION' ? 
r_mcbond_other               2.214  2.177  ? 526  'X-RAY DIFFRACTION' ? 
r_mcangle_it                 3.017  3.254  ? 657  'X-RAY DIFFRACTION' ? 
r_mcangle_other              3.017  3.255  ? 658  'X-RAY DIFFRACTION' ? 
r_scbond_it                  3.122  2.526  ? 846  'X-RAY DIFFRACTION' ? 
r_scbond_other               3.120  2.526  ? 847  'X-RAY DIFFRACTION' ? 
r_scangle_it                 ?      ?      ? ?    'X-RAY DIFFRACTION' ? 
r_scangle_other              4.543  3.667  ? 1249 'X-RAY DIFFRACTION' ? 
r_long_range_B_refined       5.724  19.309 ? 1663 'X-RAY DIFFRACTION' ? 
r_long_range_B_other         5.723  19.293 ? 1660 'X-RAY DIFFRACTION' ? 
r_rigid_bond_restr           ?      ?      ? ?    'X-RAY DIFFRACTION' ? 
r_sphericity_free            ?      ?      ? ?    'X-RAY DIFFRACTION' ? 
r_sphericity_bonded          ?      ?      ? ?    'X-RAY DIFFRACTION' ? 
# 
_refine_ls_shell.pdbx_refine_id                   'X-RAY DIFFRACTION' 
_refine_ls_shell.pdbx_total_number_of_bins_used   20 
_refine_ls_shell.d_res_high                       1.804 
_refine_ls_shell.d_res_low                        1.851 
_refine_ls_shell.number_reflns_R_work             1183 
_refine_ls_shell.R_factor_R_work                  0.245 
_refine_ls_shell.percent_reflns_obs               97.27 
_refine_ls_shell.R_factor_R_free                  0.299 
_refine_ls_shell.R_factor_R_free_error            ? 
_refine_ls_shell.percent_reflns_R_free            ? 
_refine_ls_shell.number_reflns_R_free             63 
_refine_ls_shell.number_reflns_all                ? 
_refine_ls_shell.R_factor_all                     ? 
_refine_ls_shell.R_factor_obs                     ? 
_refine_ls_shell.number_reflns_obs                ? 
# 
_struct.entry_id                     5USA 
_struct.title                        '5-Se-T2-DNA and native RNA hybrid in complex with RNase H catalytic domain D132N mutant' 
_struct.pdbx_model_details           ? 
_struct.pdbx_formula_weight          ? 
_struct.pdbx_formula_weight_method   ? 
_struct.pdbx_model_type_details      ? 
_struct.pdbx_CASP_flag               N 
# 
_struct_keywords.entry_id        5USA 
_struct_keywords.text            'HYDROLASE - RNA - DNA complex' 
_struct_keywords.pdbx_keywords   'HYDROLASE / RNA / DNA' 
# 
loop_
_struct_asym.id 
_struct_asym.pdbx_blank_PDB_chainid_flag 
_struct_asym.pdbx_modified 
_struct_asym.entity_id 
_struct_asym.details 
A N N 1 ? 
B N N 2 ? 
C N N 3 ? 
D N N 4 ? 
E N N 4 ? 
F N N 5 ? 
G N N 5 ? 
H N N 5 ? 
# 
loop_
_struct_ref.id 
_struct_ref.db_name 
_struct_ref.db_code 
_struct_ref.pdbx_db_accession 
_struct_ref.pdbx_db_isoform 
_struct_ref.entity_id 
_struct_ref.pdbx_seq_one_letter_code 
_struct_ref.pdbx_align_begin 
1 PDB 5USA       5USA   ? 1 ? 1  
2 PDB 5USA       5USA   ? 2 ? 1  
3 UNP RNH1_BACHD Q9KEI9 ? 3 
;AKEEIIWESLSVDVGSQGNPGIVEYKGVDTKTGEVLFEREPIPIGTNNMGEFLAIVHGLRYLKERNSRKPIYSDSQTAIK
WVKDKKAKSTLVRNEETALIWKLVDEAEEWLNTHTYETPILKWQTDKWGEIKADYGRK
;
59 
# 
loop_
_struct_ref_seq.align_id 
_struct_ref_seq.ref_id 
_struct_ref_seq.pdbx_PDB_id_code 
_struct_ref_seq.pdbx_strand_id 
_struct_ref_seq.seq_align_beg 
_struct_ref_seq.pdbx_seq_align_beg_ins_code 
_struct_ref_seq.seq_align_end 
_struct_ref_seq.pdbx_seq_align_end_ins_code 
_struct_ref_seq.pdbx_db_accession 
_struct_ref_seq.db_align_beg 
_struct_ref_seq.pdbx_db_align_beg_ins_code 
_struct_ref_seq.db_align_end 
_struct_ref_seq.pdbx_db_align_end_ins_code 
_struct_ref_seq.pdbx_auth_seq_align_beg 
_struct_ref_seq.pdbx_auth_seq_align_end 
1 1 5USA B 1 ? 6   ? 5USA   1  ? 6   ? 1  6   
2 2 5USA C 1 ? 6   ? 5USA   1  ? 6   ? 1  6   
3 3 5USA A 5 ? 142 ? Q9KEI9 59 ? 196 ? 59 196 
# 
loop_
_struct_ref_seq_dif.align_id 
_struct_ref_seq_dif.pdbx_pdb_id_code 
_struct_ref_seq_dif.mon_id 
_struct_ref_seq_dif.pdbx_pdb_strand_id 
_struct_ref_seq_dif.seq_num 
_struct_ref_seq_dif.pdbx_pdb_ins_code 
_struct_ref_seq_dif.pdbx_seq_db_name 
_struct_ref_seq_dif.pdbx_seq_db_accession_code 
_struct_ref_seq_dif.db_mon_id 
_struct_ref_seq_dif.pdbx_seq_db_seq_num 
_struct_ref_seq_dif.details 
_struct_ref_seq_dif.pdbx_auth_seq_num 
_struct_ref_seq_dif.pdbx_ordinal 
3 5USA GLY A 1  ? UNP Q9KEI9 ?   ?   'expression tag'      55  1 
3 5USA SER A 2  ? UNP Q9KEI9 ?   ?   'expression tag'      56  2 
3 5USA HIS A 3  ? UNP Q9KEI9 ?   ?   'expression tag'      57  3 
3 5USA MET A 4  ? UNP Q9KEI9 ?   ?   'expression tag'      58  4 
3 5USA ASN A 78 ? UNP Q9KEI9 ASP 132 'engineered mutation' 132 5 
# 
_pdbx_struct_assembly.id                   1 
_pdbx_struct_assembly.details              author_and_software_defined_assembly 
_pdbx_struct_assembly.method_details       PISA 
_pdbx_struct_assembly.oligomeric_details   trimeric 
_pdbx_struct_assembly.oligomeric_count     3 
# 
loop_
_pdbx_struct_assembly_prop.biol_id 
_pdbx_struct_assembly_prop.type 
_pdbx_struct_assembly_prop.value 
_pdbx_struct_assembly_prop.details 
1 'ABSA (A^2)' 2100 ? 
1 MORE         -27  ? 
1 'SSA (A^2)'  8480 ? 
# 
_pdbx_struct_assembly_gen.assembly_id       1 
_pdbx_struct_assembly_gen.oper_expression   1 
_pdbx_struct_assembly_gen.asym_id_list      A,B,C,D,E,F,G,H 
# 
_pdbx_struct_oper_list.id                   1 
_pdbx_struct_oper_list.type                 'identity operation' 
_pdbx_struct_oper_list.name                 1_555 
_pdbx_struct_oper_list.symmetry_operation   x,y,z 
_pdbx_struct_oper_list.matrix[1][1]         1.0000000000 
_pdbx_struct_oper_list.matrix[1][2]         0.0000000000 
_pdbx_struct_oper_list.matrix[1][3]         0.0000000000 
_pdbx_struct_oper_list.vector[1]            0.0000000000 
_pdbx_struct_oper_list.matrix[2][1]         0.0000000000 
_pdbx_struct_oper_list.matrix[2][2]         1.0000000000 
_pdbx_struct_oper_list.matrix[2][3]         0.0000000000 
_pdbx_struct_oper_list.vector[2]            0.0000000000 
_pdbx_struct_oper_list.matrix[3][1]         0.0000000000 
_pdbx_struct_oper_list.matrix[3][2]         0.0000000000 
_pdbx_struct_oper_list.matrix[3][3]         1.0000000000 
_pdbx_struct_oper_list.vector[3]            0.0000000000 
# 
loop_
_struct_conf.conf_type_id 
_struct_conf.id 
_struct_conf.pdbx_PDB_helix_id 
_struct_conf.beg_label_comp_id 
_struct_conf.beg_label_asym_id 
_struct_conf.beg_label_seq_id 
_struct_conf.pdbx_beg_PDB_ins_code 
_struct_conf.end_label_comp_id 
_struct_conf.end_label_asym_id 
_struct_conf.end_label_seq_id 
_struct_conf.pdbx_end_PDB_ins_code 
_struct_conf.beg_auth_comp_id 
_struct_conf.beg_auth_asym_id 
_struct_conf.beg_auth_seq_id 
_struct_conf.end_auth_comp_id 
_struct_conf.end_auth_asym_id 
_struct_conf.end_auth_seq_id 
_struct_conf.pdbx_PDB_helix_class 
_struct_conf.details 
_struct_conf.pdbx_PDB_helix_length 
HELX_P HELX_P1 AA1 THR C 50  ? ARG C 69  ? THR A 104 ARG A 123 1 ? 20 
HELX_P HELX_P2 AA2 SER C 79  ? LYS C 89  ? SER A 133 LYS A 143 1 ? 11 
HELX_P HELX_P3 AA3 THR C 101 ? ASN C 116 ? THR A 155 ASN A 170 1 ? 16 
HELX_P HELX_P4 AA4 GLN C 128 ? GLY C 133 ? GLN A 182 GLY A 187 1 ? 6  
# 
_struct_conf_type.id          HELX_P 
_struct_conf_type.criteria    ? 
_struct_conf_type.reference   ? 
# 
loop_
_struct_conn.id 
_struct_conn.conn_type_id 
_struct_conn.pdbx_leaving_atom_flag 
_struct_conn.pdbx_PDB_id 
_struct_conn.ptnr1_label_asym_id 
_struct_conn.ptnr1_label_comp_id 
_struct_conn.ptnr1_label_seq_id 
_struct_conn.ptnr1_label_atom_id 
_struct_conn.pdbx_ptnr1_label_alt_id 
_struct_conn.pdbx_ptnr1_PDB_ins_code 
_struct_conn.pdbx_ptnr1_standard_comp_id 
_struct_conn.ptnr1_symmetry 
_struct_conn.ptnr2_label_asym_id 
_struct_conn.ptnr2_label_comp_id 
_struct_conn.ptnr2_label_seq_id 
_struct_conn.ptnr2_label_atom_id 
_struct_conn.pdbx_ptnr2_label_alt_id 
_struct_conn.pdbx_ptnr2_PDB_ins_code 
_struct_conn.ptnr1_auth_asym_id 
_struct_conn.ptnr1_auth_comp_id 
_struct_conn.ptnr1_auth_seq_id 
_struct_conn.ptnr2_auth_asym_id 
_struct_conn.ptnr2_auth_comp_id 
_struct_conn.ptnr2_auth_seq_id 
_struct_conn.ptnr2_symmetry 
_struct_conn.pdbx_ptnr3_label_atom_id 
_struct_conn.pdbx_ptnr3_label_seq_id 
_struct_conn.pdbx_ptnr3_label_comp_id 
_struct_conn.pdbx_ptnr3_label_asym_id 
_struct_conn.pdbx_ptnr3_label_alt_id 
_struct_conn.pdbx_ptnr3_PDB_ins_code 
_struct_conn.details 
_struct_conn.pdbx_dist_value 
_struct_conn.pdbx_value_order 
_struct_conn.pdbx_role 
covale1  covale both ? B DA  1   "O3'" ? ? ? 1_555 B T5S 2  P   ? ? C DA  1   C T5S 2   1_555 ? ? ? ? ? ? ?            1.570 ? ? 
covale2  covale both ? B T5S 2   "O3'" ? ? ? 1_555 B DG  3  P   ? ? C T5S 2   C DG  3   1_555 ? ? ? ? ? ? ?            1.644 ? ? 
metalc1  metalc ?    ? A A   6   "O3'" ? ? ? 1_555 D MG  .  MG  ? ? B A   6   B MG  201 1_555 ? ? ? ? ? ? ?            2.394 ? ? 
metalc2  metalc ?    ? D MG  .   MG    ? ? ? 1_555 C ASP 17 OD1 ? ? B MG  201 A ASP 71  1_555 ? ? ? ? ? ? ?            2.126 ? ? 
metalc3  metalc ?    ? D MG  .   MG    ? ? ? 1_555 C GLU 55 OE2 ? ? B MG  201 A GLU 109 1_555 ? ? ? ? ? ? ?            2.331 ? ? 
metalc4  metalc ?    ? D MG  .   MG    ? ? ? 1_555 C ASN 78 OD1 ? ? B MG  201 A ASN 132 1_555 ? ? ? ? ? ? ?            2.156 ? ? 
metalc5  metalc ?    ? C ASP 17  OD2   ? ? ? 1_555 E MG  .  MG  ? ? A ASP 71  A MG  201 1_555 ? ? ? ? ? ? ?            2.343 ? ? 
metalc6  metalc ?    ? C ASP 138 OD1   ? ? ? 1_555 E MG  .  MG  ? ? A ASP 192 A MG  201 1_555 ? ? ? ? ? ? ?            2.771 ? ? 
hydrog1  hydrog ?    ? A C   2   N3    ? ? ? 1_555 B DG  6  N1  ? ? B C   2   C DG  6   1_555 ? ? ? ? ? ? WATSON-CRICK ?     ? ? 
hydrog2  hydrog ?    ? A C   2   N4    ? ? ? 1_555 B DG  6  O6  ? ? B C   2   C DG  6   1_555 ? ? ? ? ? ? WATSON-CRICK ?     ? ? 
hydrog3  hydrog ?    ? A C   2   O2    ? ? ? 1_555 B DG  6  N2  ? ? B C   2   C DG  6   1_555 ? ? ? ? ? ? WATSON-CRICK ?     ? ? 
hydrog4  hydrog ?    ? A G   3   N1    ? ? ? 1_555 B DC  5  N3  ? ? B G   3   C DC  5   1_555 ? ? ? ? ? ? WATSON-CRICK ?     ? ? 
hydrog5  hydrog ?    ? A G   3   N2    ? ? ? 1_555 B DC  5  O2  ? ? B G   3   C DC  5   1_555 ? ? ? ? ? ? WATSON-CRICK ?     ? ? 
hydrog6  hydrog ?    ? A G   3   O6    ? ? ? 1_555 B DC  5  N4  ? ? B G   3   C DC  5   1_555 ? ? ? ? ? ? WATSON-CRICK ?     ? ? 
hydrog7  hydrog ?    ? A A   4   N1    ? ? ? 1_555 B DT  4  N3  ? ? B A   4   C DT  4   1_555 ? ? ? ? ? ? WATSON-CRICK ?     ? ? 
hydrog8  hydrog ?    ? A A   4   N6    ? ? ? 1_555 B DT  4  O4  ? ? B A   4   C DT  4   1_555 ? ? ? ? ? ? WATSON-CRICK ?     ? ? 
hydrog9  hydrog ?    ? A C   5   N3    ? ? ? 1_555 B DG  3  N1  ? ? B C   5   C DG  3   1_555 ? ? ? ? ? ? WATSON-CRICK ?     ? ? 
hydrog10 hydrog ?    ? A C   5   N4    ? ? ? 1_555 B DG  3  O6  ? ? B C   5   C DG  3   1_555 ? ? ? ? ? ? WATSON-CRICK ?     ? ? 
hydrog11 hydrog ?    ? A C   5   O2    ? ? ? 1_555 B DG  3  N2  ? ? B C   5   C DG  3   1_555 ? ? ? ? ? ? WATSON-CRICK ?     ? ? 
hydrog12 hydrog ?    ? A A   6   N1    ? ? ? 1_555 B T5S 2  N3  ? ? B A   6   C T5S 2   1_555 ? ? ? ? ? ? WATSON-CRICK ?     ? ? 
hydrog13 hydrog ?    ? A A   6   N6    ? ? ? 1_555 B T5S 2  O4  ? ? B A   6   C T5S 2   1_555 ? ? ? ? ? ? WATSON-CRICK ?     ? ? 
# 
loop_
_struct_conn_type.id 
_struct_conn_type.criteria 
_struct_conn_type.reference 
covale ? ? 
metalc ? ? 
hydrog ? ? 
# 
loop_
_pdbx_struct_conn_angle.id 
_pdbx_struct_conn_angle.ptnr1_label_atom_id 
_pdbx_struct_conn_angle.ptnr1_label_alt_id 
_pdbx_struct_conn_angle.ptnr1_label_asym_id 
_pdbx_struct_conn_angle.ptnr1_label_comp_id 
_pdbx_struct_conn_angle.ptnr1_label_seq_id 
_pdbx_struct_conn_angle.ptnr1_auth_atom_id 
_pdbx_struct_conn_angle.ptnr1_auth_asym_id 
_pdbx_struct_conn_angle.ptnr1_auth_comp_id 
_pdbx_struct_conn_angle.ptnr1_auth_seq_id 
_pdbx_struct_conn_angle.ptnr1_PDB_ins_code 
_pdbx_struct_conn_angle.ptnr1_symmetry 
_pdbx_struct_conn_angle.ptnr2_label_atom_id 
_pdbx_struct_conn_angle.ptnr2_label_alt_id 
_pdbx_struct_conn_angle.ptnr2_label_asym_id 
_pdbx_struct_conn_angle.ptnr2_label_comp_id 
_pdbx_struct_conn_angle.ptnr2_label_seq_id 
_pdbx_struct_conn_angle.ptnr2_auth_atom_id 
_pdbx_struct_conn_angle.ptnr2_auth_asym_id 
_pdbx_struct_conn_angle.ptnr2_auth_comp_id 
_pdbx_struct_conn_angle.ptnr2_auth_seq_id 
_pdbx_struct_conn_angle.ptnr2_PDB_ins_code 
_pdbx_struct_conn_angle.ptnr2_symmetry 
_pdbx_struct_conn_angle.ptnr3_label_atom_id 
_pdbx_struct_conn_angle.ptnr3_label_alt_id 
_pdbx_struct_conn_angle.ptnr3_label_asym_id 
_pdbx_struct_conn_angle.ptnr3_label_comp_id 
_pdbx_struct_conn_angle.ptnr3_label_seq_id 
_pdbx_struct_conn_angle.ptnr3_auth_atom_id 
_pdbx_struct_conn_angle.ptnr3_auth_asym_id 
_pdbx_struct_conn_angle.ptnr3_auth_comp_id 
_pdbx_struct_conn_angle.ptnr3_auth_seq_id 
_pdbx_struct_conn_angle.ptnr3_PDB_ins_code 
_pdbx_struct_conn_angle.ptnr3_symmetry 
_pdbx_struct_conn_angle.value 
_pdbx_struct_conn_angle.value_esd 
1 "O3'" ? A A   6  ? B A   6   ? 1_555 MG ? D MG . ? B MG 201 ? 1_555 OD1 ? C ASP 17  ? A ASP 71  ? 1_555 130.8 ? 
2 "O3'" ? A A   6  ? B A   6   ? 1_555 MG ? D MG . ? B MG 201 ? 1_555 OE2 ? C GLU 55  ? A GLU 109 ? 1_555 83.9  ? 
3 OD1   ? C ASP 17 ? A ASP 71  ? 1_555 MG ? D MG . ? B MG 201 ? 1_555 OE2 ? C GLU 55  ? A GLU 109 ? 1_555 92.7  ? 
4 "O3'" ? A A   6  ? B A   6   ? 1_555 MG ? D MG . ? B MG 201 ? 1_555 OD1 ? C ASN 78  ? A ASN 132 ? 1_555 91.7  ? 
5 OD1   ? C ASP 17 ? A ASP 71  ? 1_555 MG ? D MG . ? B MG 201 ? 1_555 OD1 ? C ASN 78  ? A ASN 132 ? 1_555 137.6 ? 
6 OE2   ? C GLU 55 ? A GLU 109 ? 1_555 MG ? D MG . ? B MG 201 ? 1_555 OD1 ? C ASN 78  ? A ASN 132 ? 1_555 91.8  ? 
7 OD2   ? C ASP 17 ? A ASP 71  ? 1_555 MG ? E MG . ? A MG 201 ? 1_555 OD1 ? C ASP 138 ? A ASP 192 ? 1_555 77.5  ? 
# 
_struct_mon_prot_cis.pdbx_id                1 
_struct_mon_prot_cis.label_comp_id          ASN 
_struct_mon_prot_cis.label_seq_id           23 
_struct_mon_prot_cis.label_asym_id          C 
_struct_mon_prot_cis.label_alt_id           . 
_struct_mon_prot_cis.pdbx_PDB_ins_code      ? 
_struct_mon_prot_cis.auth_comp_id           ASN 
_struct_mon_prot_cis.auth_seq_id            77 
_struct_mon_prot_cis.auth_asym_id           A 
_struct_mon_prot_cis.pdbx_label_comp_id_2   PRO 
_struct_mon_prot_cis.pdbx_label_seq_id_2    24 
_struct_mon_prot_cis.pdbx_label_asym_id_2   C 
_struct_mon_prot_cis.pdbx_PDB_ins_code_2    ? 
_struct_mon_prot_cis.pdbx_auth_comp_id_2    PRO 
_struct_mon_prot_cis.pdbx_auth_seq_id_2     78 
_struct_mon_prot_cis.pdbx_auth_asym_id_2    A 
_struct_mon_prot_cis.pdbx_PDB_model_num     1 
_struct_mon_prot_cis.pdbx_omega_angle       2.01 
# 
_struct_sheet.id               AA1 
_struct_sheet.type             ? 
_struct_sheet.number_strands   5 
_struct_sheet.details          ? 
# 
loop_
_struct_sheet_order.sheet_id 
_struct_sheet_order.range_id_1 
_struct_sheet_order.range_id_2 
_struct_sheet_order.offset 
_struct_sheet_order.sense 
AA1 1 2 ? anti-parallel 
AA1 2 3 ? anti-parallel 
AA1 3 4 ? parallel      
AA1 4 5 ? parallel      
# 
loop_
_struct_sheet_range.sheet_id 
_struct_sheet_range.id 
_struct_sheet_range.beg_label_comp_id 
_struct_sheet_range.beg_label_asym_id 
_struct_sheet_range.beg_label_seq_id 
_struct_sheet_range.pdbx_beg_PDB_ins_code 
_struct_sheet_range.end_label_comp_id 
_struct_sheet_range.end_label_asym_id 
_struct_sheet_range.end_label_seq_id 
_struct_sheet_range.pdbx_end_PDB_ins_code 
_struct_sheet_range.beg_auth_comp_id 
_struct_sheet_range.beg_auth_asym_id 
_struct_sheet_range.beg_auth_seq_id 
_struct_sheet_range.end_auth_comp_id 
_struct_sheet_range.end_auth_asym_id 
_struct_sheet_range.end_auth_seq_id 
AA1 1 VAL C 39  ? GLY C 49  ? VAL A 93  GLY A 103 
AA1 2 GLY C 25  ? ASP C 33  ? GLY A 79  ASP A 87  
AA1 3 LEU C 14  ? GLN C 21  ? LEU A 68  GLN A 75  
AA1 4 ILE C 75  ? SER C 77  ? ILE A 129 SER A 131 
AA1 5 ILE C 124 ? LYS C 126 ? ILE A 178 LYS A 180 
# 
loop_
_pdbx_struct_sheet_hbond.sheet_id 
_pdbx_struct_sheet_hbond.range_id_1 
_pdbx_struct_sheet_hbond.range_id_2 
_pdbx_struct_sheet_hbond.range_1_label_atom_id 
_pdbx_struct_sheet_hbond.range_1_label_comp_id 
_pdbx_struct_sheet_hbond.range_1_label_asym_id 
_pdbx_struct_sheet_hbond.range_1_label_seq_id 
_pdbx_struct_sheet_hbond.range_1_PDB_ins_code 
_pdbx_struct_sheet_hbond.range_1_auth_atom_id 
_pdbx_struct_sheet_hbond.range_1_auth_comp_id 
_pdbx_struct_sheet_hbond.range_1_auth_asym_id 
_pdbx_struct_sheet_hbond.range_1_auth_seq_id 
_pdbx_struct_sheet_hbond.range_2_label_atom_id 
_pdbx_struct_sheet_hbond.range_2_label_comp_id 
_pdbx_struct_sheet_hbond.range_2_label_asym_id 
_pdbx_struct_sheet_hbond.range_2_label_seq_id 
_pdbx_struct_sheet_hbond.range_2_PDB_ins_code 
_pdbx_struct_sheet_hbond.range_2_auth_atom_id 
_pdbx_struct_sheet_hbond.range_2_auth_comp_id 
_pdbx_struct_sheet_hbond.range_2_auth_asym_id 
_pdbx_struct_sheet_hbond.range_2_auth_seq_id 
AA1 1 2 O LEU C 40 ? O LEU A 94  N GLY C 31  ? N GLY A 85  
AA1 2 3 O VAL C 32 ? O VAL A 86  N SER C 15  ? N SER A 69  
AA1 3 4 N LEU C 14 ? N LEU A 68  O TYR C 76  ? O TYR A 130 
AA1 4 5 N ILE C 75 ? N ILE A 129 O LEU C 125 ? O LEU A 179 
# 
loop_
_struct_site.id 
_struct_site.pdbx_evidence_code 
_struct_site.pdbx_auth_asym_id 
_struct_site.pdbx_auth_comp_id 
_struct_site.pdbx_auth_seq_id 
_struct_site.pdbx_auth_ins_code 
_struct_site.pdbx_num_residues 
_struct_site.details 
AC1 Software B MG 201 ? 5 'binding site for residue MG B 201' 
AC2 Software A MG 201 ? 5 'binding site for residue MG A 201' 
# 
loop_
_struct_site_gen.id 
_struct_site_gen.site_id 
_struct_site_gen.pdbx_num_res 
_struct_site_gen.label_comp_id 
_struct_site_gen.label_asym_id 
_struct_site_gen.label_seq_id 
_struct_site_gen.pdbx_auth_ins_code 
_struct_site_gen.auth_comp_id 
_struct_site_gen.auth_asym_id 
_struct_site_gen.auth_seq_id 
_struct_site_gen.label_atom_id 
_struct_site_gen.label_alt_id 
_struct_site_gen.symmetry 
_struct_site_gen.details 
1  AC1 5 ASP C 17  ? ASP A 71  . ? 1_555 ? 
2  AC1 5 GLU C 55  ? GLU A 109 . ? 1_555 ? 
3  AC1 5 ASN C 78  ? ASN A 132 . ? 1_555 ? 
4  AC1 5 MG  E .   ? MG  A 201 . ? 1_555 ? 
5  AC1 5 A   A 6   ? A   B 6   . ? 1_555 ? 
6  AC2 5 ASP C 17  ? ASP A 71  . ? 1_555 ? 
7  AC2 5 ASN C 78  ? ASN A 132 . ? 1_555 ? 
8  AC2 5 ASP C 138 ? ASP A 192 . ? 1_555 ? 
9  AC2 5 A   A 6   ? A   B 6   . ? 1_555 ? 
10 AC2 5 MG  D .   ? MG  B 201 . ? 1_555 ? 
# 
_pdbx_validate_close_contact.id               1 
_pdbx_validate_close_contact.PDB_model_num    1 
_pdbx_validate_close_contact.auth_atom_id_1   C 
_pdbx_validate_close_contact.auth_asym_id_1   A 
_pdbx_validate_close_contact.auth_comp_id_1   TYR 
_pdbx_validate_close_contact.auth_seq_id_1    193 
_pdbx_validate_close_contact.PDB_ins_code_1   ? 
_pdbx_validate_close_contact.label_alt_id_1   ? 
_pdbx_validate_close_contact.auth_atom_id_2   O 
_pdbx_validate_close_contact.auth_asym_id_2   A 
_pdbx_validate_close_contact.auth_comp_id_2   HOH 
_pdbx_validate_close_contact.auth_seq_id_2    301 
_pdbx_validate_close_contact.PDB_ins_code_2   ? 
_pdbx_validate_close_contact.label_alt_id_2   ? 
_pdbx_validate_close_contact.dist             2.02 
# 
loop_
_pdbx_validate_rmsd_bond.id 
_pdbx_validate_rmsd_bond.PDB_model_num 
_pdbx_validate_rmsd_bond.auth_atom_id_1 
_pdbx_validate_rmsd_bond.auth_asym_id_1 
_pdbx_validate_rmsd_bond.auth_comp_id_1 
_pdbx_validate_rmsd_bond.auth_seq_id_1 
_pdbx_validate_rmsd_bond.PDB_ins_code_1 
_pdbx_validate_rmsd_bond.label_alt_id_1 
_pdbx_validate_rmsd_bond.auth_atom_id_2 
_pdbx_validate_rmsd_bond.auth_asym_id_2 
_pdbx_validate_rmsd_bond.auth_comp_id_2 
_pdbx_validate_rmsd_bond.auth_seq_id_2 
_pdbx_validate_rmsd_bond.PDB_ins_code_2 
_pdbx_validate_rmsd_bond.label_alt_id_2 
_pdbx_validate_rmsd_bond.bond_value 
_pdbx_validate_rmsd_bond.bond_target_value 
_pdbx_validate_rmsd_bond.bond_deviation 
_pdbx_validate_rmsd_bond.bond_standard_deviation 
_pdbx_validate_rmsd_bond.linker_flag 
1 1 "O3'" C DA  1   ? ? "C3'" C DA  1   ? ? 1.291 1.419 -0.128 0.006 N 
2 1 CD    A GLU 167 ? ? OE2   A GLU 167 ? ? 1.185 1.252 -0.067 0.011 N 
# 
loop_
_pdbx_validate_rmsd_angle.id 
_pdbx_validate_rmsd_angle.PDB_model_num 
_pdbx_validate_rmsd_angle.auth_atom_id_1 
_pdbx_validate_rmsd_angle.auth_asym_id_1 
_pdbx_validate_rmsd_angle.auth_comp_id_1 
_pdbx_validate_rmsd_angle.auth_seq_id_1 
_pdbx_validate_rmsd_angle.PDB_ins_code_1 
_pdbx_validate_rmsd_angle.label_alt_id_1 
_pdbx_validate_rmsd_angle.auth_atom_id_2 
_pdbx_validate_rmsd_angle.auth_asym_id_2 
_pdbx_validate_rmsd_angle.auth_comp_id_2 
_pdbx_validate_rmsd_angle.auth_seq_id_2 
_pdbx_validate_rmsd_angle.PDB_ins_code_2 
_pdbx_validate_rmsd_angle.label_alt_id_2 
_pdbx_validate_rmsd_angle.auth_atom_id_3 
_pdbx_validate_rmsd_angle.auth_asym_id_3 
_pdbx_validate_rmsd_angle.auth_comp_id_3 
_pdbx_validate_rmsd_angle.auth_seq_id_3 
_pdbx_validate_rmsd_angle.PDB_ins_code_3 
_pdbx_validate_rmsd_angle.label_alt_id_3 
_pdbx_validate_rmsd_angle.angle_value 
_pdbx_validate_rmsd_angle.angle_target_value 
_pdbx_validate_rmsd_angle.angle_deviation 
_pdbx_validate_rmsd_angle.angle_standard_deviation 
_pdbx_validate_rmsd_angle.linker_flag 
1 1 "O5'" B C   2  ? ? P     B C   2  ? ? OP1 B C   2  ? ? 117.90 110.70 7.20  1.20 N 
2 1 "O5'" B C   2  ? ? P     B C   2  ? ? OP2 B C   2  ? ? 99.68  105.70 -6.02 0.90 N 
3 1 "C3'" C DA  1  ? ? "O3'" C DA  1  ? ? P   C T5S 2  ? ? 127.98 119.70 8.28  1.20 Y 
4 1 "O3'" C DA  1  ? ? P     C T5S 2  ? ? OP2 C T5S 2  ? ? 121.29 110.50 10.79 1.10 Y 
5 1 "O5'" C DG  3  ? ? P     C DG  3  ? ? OP2 C DG  3  ? ? 99.78  105.70 -5.92 0.90 N 
6 1 CB    A TYR 83 ? ? CG    A TYR 83 ? ? CD2 A TYR 83 ? ? 117.01 121.00 -3.99 0.60 N 
# 
loop_
_pdbx_unobs_or_zero_occ_residues.id 
_pdbx_unobs_or_zero_occ_residues.PDB_model_num 
_pdbx_unobs_or_zero_occ_residues.polymer_flag 
_pdbx_unobs_or_zero_occ_residues.occupancy_flag 
_pdbx_unobs_or_zero_occ_residues.auth_asym_id 
_pdbx_unobs_or_zero_occ_residues.auth_comp_id 
_pdbx_unobs_or_zero_occ_residues.auth_seq_id 
_pdbx_unobs_or_zero_occ_residues.PDB_ins_code 
_pdbx_unobs_or_zero_occ_residues.label_asym_id 
_pdbx_unobs_or_zero_occ_residues.label_comp_id 
_pdbx_unobs_or_zero_occ_residues.label_seq_id 
1  1 Y 1 A GLY 55  ? C GLY 1   
2  1 Y 1 A SER 56  ? C SER 2   
3  1 Y 1 A HIS 57  ? C HIS 3   
4  1 Y 1 A MET 58  ? C MET 4   
5  1 Y 1 A ALA 59  ? C ALA 5   
6  1 Y 1 A LYS 60  ? C LYS 6   
7  1 Y 1 A GLU 61  ? C GLU 7   
8  1 Y 1 A GLY 194 ? C GLY 140 
9  1 Y 1 A ARG 195 ? C ARG 141 
10 1 Y 1 A LYS 196 ? C LYS 142 
# 
loop_
_chem_comp_atom.comp_id 
_chem_comp_atom.atom_id 
_chem_comp_atom.type_symbol 
_chem_comp_atom.pdbx_aromatic_flag 
_chem_comp_atom.pdbx_stereo_config 
_chem_comp_atom.pdbx_ordinal 
A   OP3    O  N N 1   
A   P      P  N N 2   
A   OP1    O  N N 3   
A   OP2    O  N N 4   
A   "O5'"  O  N N 5   
A   "C5'"  C  N N 6   
A   "C4'"  C  N R 7   
A   "O4'"  O  N N 8   
A   "C3'"  C  N S 9   
A   "O3'"  O  N N 10  
A   "C2'"  C  N R 11  
A   "O2'"  O  N N 12  
A   "C1'"  C  N R 13  
A   N9     N  Y N 14  
A   C8     C  Y N 15  
A   N7     N  Y N 16  
A   C5     C  Y N 17  
A   C6     C  Y N 18  
A   N6     N  N N 19  
A   N1     N  Y N 20  
A   C2     C  Y N 21  
A   N3     N  Y N 22  
A   C4     C  Y N 23  
A   HOP3   H  N N 24  
A   HOP2   H  N N 25  
A   "H5'"  H  N N 26  
A   "H5''" H  N N 27  
A   "H4'"  H  N N 28  
A   "H3'"  H  N N 29  
A   "HO3'" H  N N 30  
A   "H2'"  H  N N 31  
A   "HO2'" H  N N 32  
A   "H1'"  H  N N 33  
A   H8     H  N N 34  
A   H61    H  N N 35  
A   H62    H  N N 36  
A   H2     H  N N 37  
ALA N      N  N N 38  
ALA CA     C  N S 39  
ALA C      C  N N 40  
ALA O      O  N N 41  
ALA CB     C  N N 42  
ALA OXT    O  N N 43  
ALA H      H  N N 44  
ALA H2     H  N N 45  
ALA HA     H  N N 46  
ALA HB1    H  N N 47  
ALA HB2    H  N N 48  
ALA HB3    H  N N 49  
ALA HXT    H  N N 50  
ARG N      N  N N 51  
ARG CA     C  N S 52  
ARG C      C  N N 53  
ARG O      O  N N 54  
ARG CB     C  N N 55  
ARG CG     C  N N 56  
ARG CD     C  N N 57  
ARG NE     N  N N 58  
ARG CZ     C  N N 59  
ARG NH1    N  N N 60  
ARG NH2    N  N N 61  
ARG OXT    O  N N 62  
ARG H      H  N N 63  
ARG H2     H  N N 64  
ARG HA     H  N N 65  
ARG HB2    H  N N 66  
ARG HB3    H  N N 67  
ARG HG2    H  N N 68  
ARG HG3    H  N N 69  
ARG HD2    H  N N 70  
ARG HD3    H  N N 71  
ARG HE     H  N N 72  
ARG HH11   H  N N 73  
ARG HH12   H  N N 74  
ARG HH21   H  N N 75  
ARG HH22   H  N N 76  
ARG HXT    H  N N 77  
ASN N      N  N N 78  
ASN CA     C  N S 79  
ASN C      C  N N 80  
ASN O      O  N N 81  
ASN CB     C  N N 82  
ASN CG     C  N N 83  
ASN OD1    O  N N 84  
ASN ND2    N  N N 85  
ASN OXT    O  N N 86  
ASN H      H  N N 87  
ASN H2     H  N N 88  
ASN HA     H  N N 89  
ASN HB2    H  N N 90  
ASN HB3    H  N N 91  
ASN HD21   H  N N 92  
ASN HD22   H  N N 93  
ASN HXT    H  N N 94  
ASP N      N  N N 95  
ASP CA     C  N S 96  
ASP C      C  N N 97  
ASP O      O  N N 98  
ASP CB     C  N N 99  
ASP CG     C  N N 100 
ASP OD1    O  N N 101 
ASP OD2    O  N N 102 
ASP OXT    O  N N 103 
ASP H      H  N N 104 
ASP H2     H  N N 105 
ASP HA     H  N N 106 
ASP HB2    H  N N 107 
ASP HB3    H  N N 108 
ASP HD2    H  N N 109 
ASP HXT    H  N N 110 
C   OP3    O  N N 111 
C   P      P  N N 112 
C   OP1    O  N N 113 
C   OP2    O  N N 114 
C   "O5'"  O  N N 115 
C   "C5'"  C  N N 116 
C   "C4'"  C  N R 117 
C   "O4'"  O  N N 118 
C   "C3'"  C  N S 119 
C   "O3'"  O  N N 120 
C   "C2'"  C  N R 121 
C   "O2'"  O  N N 122 
C   "C1'"  C  N R 123 
C   N1     N  N N 124 
C   C2     C  N N 125 
C   O2     O  N N 126 
C   N3     N  N N 127 
C   C4     C  N N 128 
C   N4     N  N N 129 
C   C5     C  N N 130 
C   C6     C  N N 131 
C   HOP3   H  N N 132 
C   HOP2   H  N N 133 
C   "H5'"  H  N N 134 
C   "H5''" H  N N 135 
C   "H4'"  H  N N 136 
C   "H3'"  H  N N 137 
C   "HO3'" H  N N 138 
C   "H2'"  H  N N 139 
C   "HO2'" H  N N 140 
C   "H1'"  H  N N 141 
C   H41    H  N N 142 
C   H42    H  N N 143 
C   H5     H  N N 144 
C   H6     H  N N 145 
DA  OP3    O  N N 146 
DA  P      P  N N 147 
DA  OP1    O  N N 148 
DA  OP2    O  N N 149 
DA  "O5'"  O  N N 150 
DA  "C5'"  C  N N 151 
DA  "C4'"  C  N R 152 
DA  "O4'"  O  N N 153 
DA  "C3'"  C  N S 154 
DA  "O3'"  O  N N 155 
DA  "C2'"  C  N N 156 
DA  "C1'"  C  N R 157 
DA  N9     N  Y N 158 
DA  C8     C  Y N 159 
DA  N7     N  Y N 160 
DA  C5     C  Y N 161 
DA  C6     C  Y N 162 
DA  N6     N  N N 163 
DA  N1     N  Y N 164 
DA  C2     C  Y N 165 
DA  N3     N  Y N 166 
DA  C4     C  Y N 167 
DA  HOP3   H  N N 168 
DA  HOP2   H  N N 169 
DA  "H5'"  H  N N 170 
DA  "H5''" H  N N 171 
DA  "H4'"  H  N N 172 
DA  "H3'"  H  N N 173 
DA  "HO3'" H  N N 174 
DA  "H2'"  H  N N 175 
DA  "H2''" H  N N 176 
DA  "H1'"  H  N N 177 
DA  H8     H  N N 178 
DA  H61    H  N N 179 
DA  H62    H  N N 180 
DA  H2     H  N N 181 
DC  OP3    O  N N 182 
DC  P      P  N N 183 
DC  OP1    O  N N 184 
DC  OP2    O  N N 185 
DC  "O5'"  O  N N 186 
DC  "C5'"  C  N N 187 
DC  "C4'"  C  N R 188 
DC  "O4'"  O  N N 189 
DC  "C3'"  C  N S 190 
DC  "O3'"  O  N N 191 
DC  "C2'"  C  N N 192 
DC  "C1'"  C  N R 193 
DC  N1     N  N N 194 
DC  C2     C  N N 195 
DC  O2     O  N N 196 
DC  N3     N  N N 197 
DC  C4     C  N N 198 
DC  N4     N  N N 199 
DC  C5     C  N N 200 
DC  C6     C  N N 201 
DC  HOP3   H  N N 202 
DC  HOP2   H  N N 203 
DC  "H5'"  H  N N 204 
DC  "H5''" H  N N 205 
DC  "H4'"  H  N N 206 
DC  "H3'"  H  N N 207 
DC  "HO3'" H  N N 208 
DC  "H2'"  H  N N 209 
DC  "H2''" H  N N 210 
DC  "H1'"  H  N N 211 
DC  H41    H  N N 212 
DC  H42    H  N N 213 
DC  H5     H  N N 214 
DC  H6     H  N N 215 
DG  OP3    O  N N 216 
DG  P      P  N N 217 
DG  OP1    O  N N 218 
DG  OP2    O  N N 219 
DG  "O5'"  O  N N 220 
DG  "C5'"  C  N N 221 
DG  "C4'"  C  N R 222 
DG  "O4'"  O  N N 223 
DG  "C3'"  C  N S 224 
DG  "O3'"  O  N N 225 
DG  "C2'"  C  N N 226 
DG  "C1'"  C  N R 227 
DG  N9     N  Y N 228 
DG  C8     C  Y N 229 
DG  N7     N  Y N 230 
DG  C5     C  Y N 231 
DG  C6     C  N N 232 
DG  O6     O  N N 233 
DG  N1     N  N N 234 
DG  C2     C  N N 235 
DG  N2     N  N N 236 
DG  N3     N  N N 237 
DG  C4     C  Y N 238 
DG  HOP3   H  N N 239 
DG  HOP2   H  N N 240 
DG  "H5'"  H  N N 241 
DG  "H5''" H  N N 242 
DG  "H4'"  H  N N 243 
DG  "H3'"  H  N N 244 
DG  "HO3'" H  N N 245 
DG  "H2'"  H  N N 246 
DG  "H2''" H  N N 247 
DG  "H1'"  H  N N 248 
DG  H8     H  N N 249 
DG  H1     H  N N 250 
DG  H21    H  N N 251 
DG  H22    H  N N 252 
DT  OP3    O  N N 253 
DT  P      P  N N 254 
DT  OP1    O  N N 255 
DT  OP2    O  N N 256 
DT  "O5'"  O  N N 257 
DT  "C5'"  C  N N 258 
DT  "C4'"  C  N R 259 
DT  "O4'"  O  N N 260 
DT  "C3'"  C  N S 261 
DT  "O3'"  O  N N 262 
DT  "C2'"  C  N N 263 
DT  "C1'"  C  N R 264 
DT  N1     N  N N 265 
DT  C2     C  N N 266 
DT  O2     O  N N 267 
DT  N3     N  N N 268 
DT  C4     C  N N 269 
DT  O4     O  N N 270 
DT  C5     C  N N 271 
DT  C7     C  N N 272 
DT  C6     C  N N 273 
DT  HOP3   H  N N 274 
DT  HOP2   H  N N 275 
DT  "H5'"  H  N N 276 
DT  "H5''" H  N N 277 
DT  "H4'"  H  N N 278 
DT  "H3'"  H  N N 279 
DT  "HO3'" H  N N 280 
DT  "H2'"  H  N N 281 
DT  "H2''" H  N N 282 
DT  "H1'"  H  N N 283 
DT  H3     H  N N 284 
DT  H71    H  N N 285 
DT  H72    H  N N 286 
DT  H73    H  N N 287 
DT  H6     H  N N 288 
G   OP3    O  N N 289 
G   P      P  N N 290 
G   OP1    O  N N 291 
G   OP2    O  N N 292 
G   "O5'"  O  N N 293 
G   "C5'"  C  N N 294 
G   "C4'"  C  N R 295 
G   "O4'"  O  N N 296 
G   "C3'"  C  N S 297 
G   "O3'"  O  N N 298 
G   "C2'"  C  N R 299 
G   "O2'"  O  N N 300 
G   "C1'"  C  N R 301 
G   N9     N  Y N 302 
G   C8     C  Y N 303 
G   N7     N  Y N 304 
G   C5     C  Y N 305 
G   C6     C  N N 306 
G   O6     O  N N 307 
G   N1     N  N N 308 
G   C2     C  N N 309 
G   N2     N  N N 310 
G   N3     N  N N 311 
G   C4     C  Y N 312 
G   HOP3   H  N N 313 
G   HOP2   H  N N 314 
G   "H5'"  H  N N 315 
G   "H5''" H  N N 316 
G   "H4'"  H  N N 317 
G   "H3'"  H  N N 318 
G   "HO3'" H  N N 319 
G   "H2'"  H  N N 320 
G   "HO2'" H  N N 321 
G   "H1'"  H  N N 322 
G   H8     H  N N 323 
G   H1     H  N N 324 
G   H21    H  N N 325 
G   H22    H  N N 326 
GLN N      N  N N 327 
GLN CA     C  N S 328 
GLN C      C  N N 329 
GLN O      O  N N 330 
GLN CB     C  N N 331 
GLN CG     C  N N 332 
GLN CD     C  N N 333 
GLN OE1    O  N N 334 
GLN NE2    N  N N 335 
GLN OXT    O  N N 336 
GLN H      H  N N 337 
GLN H2     H  N N 338 
GLN HA     H  N N 339 
GLN HB2    H  N N 340 
GLN HB3    H  N N 341 
GLN HG2    H  N N 342 
GLN HG3    H  N N 343 
GLN HE21   H  N N 344 
GLN HE22   H  N N 345 
GLN HXT    H  N N 346 
GLU N      N  N N 347 
GLU CA     C  N S 348 
GLU C      C  N N 349 
GLU O      O  N N 350 
GLU CB     C  N N 351 
GLU CG     C  N N 352 
GLU CD     C  N N 353 
GLU OE1    O  N N 354 
GLU OE2    O  N N 355 
GLU OXT    O  N N 356 
GLU H      H  N N 357 
GLU H2     H  N N 358 
GLU HA     H  N N 359 
GLU HB2    H  N N 360 
GLU HB3    H  N N 361 
GLU HG2    H  N N 362 
GLU HG3    H  N N 363 
GLU HE2    H  N N 364 
GLU HXT    H  N N 365 
GLY N      N  N N 366 
GLY CA     C  N N 367 
GLY C      C  N N 368 
GLY O      O  N N 369 
GLY OXT    O  N N 370 
GLY H      H  N N 371 
GLY H2     H  N N 372 
GLY HA2    H  N N 373 
GLY HA3    H  N N 374 
GLY HXT    H  N N 375 
HIS N      N  N N 376 
HIS CA     C  N S 377 
HIS C      C  N N 378 
HIS O      O  N N 379 
HIS CB     C  N N 380 
HIS CG     C  Y N 381 
HIS ND1    N  Y N 382 
HIS CD2    C  Y N 383 
HIS CE1    C  Y N 384 
HIS NE2    N  Y N 385 
HIS OXT    O  N N 386 
HIS H      H  N N 387 
HIS H2     H  N N 388 
HIS HA     H  N N 389 
HIS HB2    H  N N 390 
HIS HB3    H  N N 391 
HIS HD1    H  N N 392 
HIS HD2    H  N N 393 
HIS HE1    H  N N 394 
HIS HE2    H  N N 395 
HIS HXT    H  N N 396 
HOH O      O  N N 397 
HOH H1     H  N N 398 
HOH H2     H  N N 399 
ILE N      N  N N 400 
ILE CA     C  N S 401 
ILE C      C  N N 402 
ILE O      O  N N 403 
ILE CB     C  N S 404 
ILE CG1    C  N N 405 
ILE CG2    C  N N 406 
ILE CD1    C  N N 407 
ILE OXT    O  N N 408 
ILE H      H  N N 409 
ILE H2     H  N N 410 
ILE HA     H  N N 411 
ILE HB     H  N N 412 
ILE HG12   H  N N 413 
ILE HG13   H  N N 414 
ILE HG21   H  N N 415 
ILE HG22   H  N N 416 
ILE HG23   H  N N 417 
ILE HD11   H  N N 418 
ILE HD12   H  N N 419 
ILE HD13   H  N N 420 
ILE HXT    H  N N 421 
LEU N      N  N N 422 
LEU CA     C  N S 423 
LEU C      C  N N 424 
LEU O      O  N N 425 
LEU CB     C  N N 426 
LEU CG     C  N N 427 
LEU CD1    C  N N 428 
LEU CD2    C  N N 429 
LEU OXT    O  N N 430 
LEU H      H  N N 431 
LEU H2     H  N N 432 
LEU HA     H  N N 433 
LEU HB2    H  N N 434 
LEU HB3    H  N N 435 
LEU HG     H  N N 436 
LEU HD11   H  N N 437 
LEU HD12   H  N N 438 
LEU HD13   H  N N 439 
LEU HD21   H  N N 440 
LEU HD22   H  N N 441 
LEU HD23   H  N N 442 
LEU HXT    H  N N 443 
LYS N      N  N N 444 
LYS CA     C  N S 445 
LYS C      C  N N 446 
LYS O      O  N N 447 
LYS CB     C  N N 448 
LYS CG     C  N N 449 
LYS CD     C  N N 450 
LYS CE     C  N N 451 
LYS NZ     N  N N 452 
LYS OXT    O  N N 453 
LYS H      H  N N 454 
LYS H2     H  N N 455 
LYS HA     H  N N 456 
LYS HB2    H  N N 457 
LYS HB3    H  N N 458 
LYS HG2    H  N N 459 
LYS HG3    H  N N 460 
LYS HD2    H  N N 461 
LYS HD3    H  N N 462 
LYS HE2    H  N N 463 
LYS HE3    H  N N 464 
LYS HZ1    H  N N 465 
LYS HZ2    H  N N 466 
LYS HZ3    H  N N 467 
LYS HXT    H  N N 468 
MET N      N  N N 469 
MET CA     C  N S 470 
MET C      C  N N 471 
MET O      O  N N 472 
MET CB     C  N N 473 
MET CG     C  N N 474 
MET SD     S  N N 475 
MET CE     C  N N 476 
MET OXT    O  N N 477 
MET H      H  N N 478 
MET H2     H  N N 479 
MET HA     H  N N 480 
MET HB2    H  N N 481 
MET HB3    H  N N 482 
MET HG2    H  N N 483 
MET HG3    H  N N 484 
MET HE1    H  N N 485 
MET HE2    H  N N 486 
MET HE3    H  N N 487 
MET HXT    H  N N 488 
MG  MG     MG N N 489 
PHE N      N  N N 490 
PHE CA     C  N S 491 
PHE C      C  N N 492 
PHE O      O  N N 493 
PHE CB     C  N N 494 
PHE CG     C  Y N 495 
PHE CD1    C  Y N 496 
PHE CD2    C  Y N 497 
PHE CE1    C  Y N 498 
PHE CE2    C  Y N 499 
PHE CZ     C  Y N 500 
PHE OXT    O  N N 501 
PHE H      H  N N 502 
PHE H2     H  N N 503 
PHE HA     H  N N 504 
PHE HB2    H  N N 505 
PHE HB3    H  N N 506 
PHE HD1    H  N N 507 
PHE HD2    H  N N 508 
PHE HE1    H  N N 509 
PHE HE2    H  N N 510 
PHE HZ     H  N N 511 
PHE HXT    H  N N 512 
PRO N      N  N N 513 
PRO CA     C  N S 514 
PRO C      C  N N 515 
PRO O      O  N N 516 
PRO CB     C  N N 517 
PRO CG     C  N N 518 
PRO CD     C  N N 519 
PRO OXT    O  N N 520 
PRO H      H  N N 521 
PRO HA     H  N N 522 
PRO HB2    H  N N 523 
PRO HB3    H  N N 524 
PRO HG2    H  N N 525 
PRO HG3    H  N N 526 
PRO HD2    H  N N 527 
PRO HD3    H  N N 528 
PRO HXT    H  N N 529 
SER N      N  N N 530 
SER CA     C  N S 531 
SER C      C  N N 532 
SER O      O  N N 533 
SER CB     C  N N 534 
SER OG     O  N N 535 
SER OXT    O  N N 536 
SER H      H  N N 537 
SER H2     H  N N 538 
SER HA     H  N N 539 
SER HB2    H  N N 540 
SER HB3    H  N N 541 
SER HG     H  N N 542 
SER HXT    H  N N 543 
T5S OP3    O  N N 544 
T5S P      P  N N 545 
T5S OP1    O  N N 546 
T5S OP2    O  N N 547 
T5S "O5'"  O  N N 548 
T5S N1     N  N N 549 
T5S C6     C  N N 550 
T5S C2     C  N N 551 
T5S O2     O  N N 552 
T5S N3     N  N N 553 
T5S C4     C  N N 554 
T5S O4     O  N N 555 
T5S C5     C  N N 556 
T5S SE     SE N N 557 
T5S CH3    C  N N 558 
T5S "C2'"  C  N N 559 
T5S "C5'"  C  N N 560 
T5S "C4'"  C  N R 561 
T5S "O4'"  O  N N 562 
T5S "C1'"  C  N R 563 
T5S "C3'"  C  N S 564 
T5S "O3'"  O  N N 565 
T5S HOP3   H  N N 566 
T5S HOP2   H  N N 567 
T5S H6     H  N N 568 
T5S HN3    H  N N 569 
T5S HH3    H  N N 570 
T5S HH3A   H  N N 571 
T5S HH3B   H  N N 572 
T5S "H2'"  H  N N 573 
T5S "H2'A" H  N N 574 
T5S "H5'"  H  N N 575 
T5S "H5'A" H  N N 576 
T5S "H4'"  H  N N 577 
T5S "H1'"  H  N N 578 
T5S "H3'"  H  N N 579 
T5S "HO3'" H  N N 580 
THR N      N  N N 581 
THR CA     C  N S 582 
THR C      C  N N 583 
THR O      O  N N 584 
THR CB     C  N R 585 
THR OG1    O  N N 586 
THR CG2    C  N N 587 
THR OXT    O  N N 588 
THR H      H  N N 589 
THR H2     H  N N 590 
THR HA     H  N N 591 
THR HB     H  N N 592 
THR HG1    H  N N 593 
THR HG21   H  N N 594 
THR HG22   H  N N 595 
THR HG23   H  N N 596 
THR HXT    H  N N 597 
TRP N      N  N N 598 
TRP CA     C  N S 599 
TRP C      C  N N 600 
TRP O      O  N N 601 
TRP CB     C  N N 602 
TRP CG     C  Y N 603 
TRP CD1    C  Y N 604 
TRP CD2    C  Y N 605 
TRP NE1    N  Y N 606 
TRP CE2    C  Y N 607 
TRP CE3    C  Y N 608 
TRP CZ2    C  Y N 609 
TRP CZ3    C  Y N 610 
TRP CH2    C  Y N 611 
TRP OXT    O  N N 612 
TRP H      H  N N 613 
TRP H2     H  N N 614 
TRP HA     H  N N 615 
TRP HB2    H  N N 616 
TRP HB3    H  N N 617 
TRP HD1    H  N N 618 
TRP HE1    H  N N 619 
TRP HE3    H  N N 620 
TRP HZ2    H  N N 621 
TRP HZ3    H  N N 622 
TRP HH2    H  N N 623 
TRP HXT    H  N N 624 
TYR N      N  N N 625 
TYR CA     C  N S 626 
TYR C      C  N N 627 
TYR O      O  N N 628 
TYR CB     C  N N 629 
TYR CG     C  Y N 630 
TYR CD1    C  Y N 631 
TYR CD2    C  Y N 632 
TYR CE1    C  Y N 633 
TYR CE2    C  Y N 634 
TYR CZ     C  Y N 635 
TYR OH     O  N N 636 
TYR OXT    O  N N 637 
TYR H      H  N N 638 
TYR H2     H  N N 639 
TYR HA     H  N N 640 
TYR HB2    H  N N 641 
TYR HB3    H  N N 642 
TYR HD1    H  N N 643 
TYR HD2    H  N N 644 
TYR HE1    H  N N 645 
TYR HE2    H  N N 646 
TYR HH     H  N N 647 
TYR HXT    H  N N 648 
U   OP3    O  N N 649 
U   P      P  N N 650 
U   OP1    O  N N 651 
U   OP2    O  N N 652 
U   "O5'"  O  N N 653 
U   "C5'"  C  N N 654 
U   "C4'"  C  N R 655 
U   "O4'"  O  N N 656 
U   "C3'"  C  N S 657 
U   "O3'"  O  N N 658 
U   "C2'"  C  N R 659 
U   "O2'"  O  N N 660 
U   "C1'"  C  N R 661 
U   N1     N  N N 662 
U   C2     C  N N 663 
U   O2     O  N N 664 
U   N3     N  N N 665 
U   C4     C  N N 666 
U   O4     O  N N 667 
U   C5     C  N N 668 
U   C6     C  N N 669 
U   HOP3   H  N N 670 
U   HOP2   H  N N 671 
U   "H5'"  H  N N 672 
U   "H5''" H  N N 673 
U   "H4'"  H  N N 674 
U   "H3'"  H  N N 675 
U   "HO3'" H  N N 676 
U   "H2'"  H  N N 677 
U   "HO2'" H  N N 678 
U   "H1'"  H  N N 679 
U   H3     H  N N 680 
U   H5     H  N N 681 
U   H6     H  N N 682 
VAL N      N  N N 683 
VAL CA     C  N S 684 
VAL C      C  N N 685 
VAL O      O  N N 686 
VAL CB     C  N N 687 
VAL CG1    C  N N 688 
VAL CG2    C  N N 689 
VAL OXT    O  N N 690 
VAL H      H  N N 691 
VAL H2     H  N N 692 
VAL HA     H  N N 693 
VAL HB     H  N N 694 
VAL HG11   H  N N 695 
VAL HG12   H  N N 696 
VAL HG13   H  N N 697 
VAL HG21   H  N N 698 
VAL HG22   H  N N 699 
VAL HG23   H  N N 700 
VAL HXT    H  N N 701 
# 
loop_
_chem_comp_bond.comp_id 
_chem_comp_bond.atom_id_1 
_chem_comp_bond.atom_id_2 
_chem_comp_bond.value_order 
_chem_comp_bond.pdbx_aromatic_flag 
_chem_comp_bond.pdbx_stereo_config 
_chem_comp_bond.pdbx_ordinal 
A   OP3   P      sing N N 1   
A   OP3   HOP3   sing N N 2   
A   P     OP1    doub N N 3   
A   P     OP2    sing N N 4   
A   P     "O5'"  sing N N 5   
A   OP2   HOP2   sing N N 6   
A   "O5'" "C5'"  sing N N 7   
A   "C5'" "C4'"  sing N N 8   
A   "C5'" "H5'"  sing N N 9   
A   "C5'" "H5''" sing N N 10  
A   "C4'" "O4'"  sing N N 11  
A   "C4'" "C3'"  sing N N 12  
A   "C4'" "H4'"  sing N N 13  
A   "O4'" "C1'"  sing N N 14  
A   "C3'" "O3'"  sing N N 15  
A   "C3'" "C2'"  sing N N 16  
A   "C3'" "H3'"  sing N N 17  
A   "O3'" "HO3'" sing N N 18  
A   "C2'" "O2'"  sing N N 19  
A   "C2'" "C1'"  sing N N 20  
A   "C2'" "H2'"  sing N N 21  
A   "O2'" "HO2'" sing N N 22  
A   "C1'" N9     sing N N 23  
A   "C1'" "H1'"  sing N N 24  
A   N9    C8     sing Y N 25  
A   N9    C4     sing Y N 26  
A   C8    N7     doub Y N 27  
A   C8    H8     sing N N 28  
A   N7    C5     sing Y N 29  
A   C5    C6     sing Y N 30  
A   C5    C4     doub Y N 31  
A   C6    N6     sing N N 32  
A   C6    N1     doub Y N 33  
A   N6    H61    sing N N 34  
A   N6    H62    sing N N 35  
A   N1    C2     sing Y N 36  
A   C2    N3     doub Y N 37  
A   C2    H2     sing N N 38  
A   N3    C4     sing Y N 39  
ALA N     CA     sing N N 40  
ALA N     H      sing N N 41  
ALA N     H2     sing N N 42  
ALA CA    C      sing N N 43  
ALA CA    CB     sing N N 44  
ALA CA    HA     sing N N 45  
ALA C     O      doub N N 46  
ALA C     OXT    sing N N 47  
ALA CB    HB1    sing N N 48  
ALA CB    HB2    sing N N 49  
ALA CB    HB3    sing N N 50  
ALA OXT   HXT    sing N N 51  
ARG N     CA     sing N N 52  
ARG N     H      sing N N 53  
ARG N     H2     sing N N 54  
ARG CA    C      sing N N 55  
ARG CA    CB     sing N N 56  
ARG CA    HA     sing N N 57  
ARG C     O      doub N N 58  
ARG C     OXT    sing N N 59  
ARG CB    CG     sing N N 60  
ARG CB    HB2    sing N N 61  
ARG CB    HB3    sing N N 62  
ARG CG    CD     sing N N 63  
ARG CG    HG2    sing N N 64  
ARG CG    HG3    sing N N 65  
ARG CD    NE     sing N N 66  
ARG CD    HD2    sing N N 67  
ARG CD    HD3    sing N N 68  
ARG NE    CZ     sing N N 69  
ARG NE    HE     sing N N 70  
ARG CZ    NH1    sing N N 71  
ARG CZ    NH2    doub N N 72  
ARG NH1   HH11   sing N N 73  
ARG NH1   HH12   sing N N 74  
ARG NH2   HH21   sing N N 75  
ARG NH2   HH22   sing N N 76  
ARG OXT   HXT    sing N N 77  
ASN N     CA     sing N N 78  
ASN N     H      sing N N 79  
ASN N     H2     sing N N 80  
ASN CA    C      sing N N 81  
ASN CA    CB     sing N N 82  
ASN CA    HA     sing N N 83  
ASN C     O      doub N N 84  
ASN C     OXT    sing N N 85  
ASN CB    CG     sing N N 86  
ASN CB    HB2    sing N N 87  
ASN CB    HB3    sing N N 88  
ASN CG    OD1    doub N N 89  
ASN CG    ND2    sing N N 90  
ASN ND2   HD21   sing N N 91  
ASN ND2   HD22   sing N N 92  
ASN OXT   HXT    sing N N 93  
ASP N     CA     sing N N 94  
ASP N     H      sing N N 95  
ASP N     H2     sing N N 96  
ASP CA    C      sing N N 97  
ASP CA    CB     sing N N 98  
ASP CA    HA     sing N N 99  
ASP C     O      doub N N 100 
ASP C     OXT    sing N N 101 
ASP CB    CG     sing N N 102 
ASP CB    HB2    sing N N 103 
ASP CB    HB3    sing N N 104 
ASP CG    OD1    doub N N 105 
ASP CG    OD2    sing N N 106 
ASP OD2   HD2    sing N N 107 
ASP OXT   HXT    sing N N 108 
C   OP3   P      sing N N 109 
C   OP3   HOP3   sing N N 110 
C   P     OP1    doub N N 111 
C   P     OP2    sing N N 112 
C   P     "O5'"  sing N N 113 
C   OP2   HOP2   sing N N 114 
C   "O5'" "C5'"  sing N N 115 
C   "C5'" "C4'"  sing N N 116 
C   "C5'" "H5'"  sing N N 117 
C   "C5'" "H5''" sing N N 118 
C   "C4'" "O4'"  sing N N 119 
C   "C4'" "C3'"  sing N N 120 
C   "C4'" "H4'"  sing N N 121 
C   "O4'" "C1'"  sing N N 122 
C   "C3'" "O3'"  sing N N 123 
C   "C3'" "C2'"  sing N N 124 
C   "C3'" "H3'"  sing N N 125 
C   "O3'" "HO3'" sing N N 126 
C   "C2'" "O2'"  sing N N 127 
C   "C2'" "C1'"  sing N N 128 
C   "C2'" "H2'"  sing N N 129 
C   "O2'" "HO2'" sing N N 130 
C   "C1'" N1     sing N N 131 
C   "C1'" "H1'"  sing N N 132 
C   N1    C2     sing N N 133 
C   N1    C6     sing N N 134 
C   C2    O2     doub N N 135 
C   C2    N3     sing N N 136 
C   N3    C4     doub N N 137 
C   C4    N4     sing N N 138 
C   C4    C5     sing N N 139 
C   N4    H41    sing N N 140 
C   N4    H42    sing N N 141 
C   C5    C6     doub N N 142 
C   C5    H5     sing N N 143 
C   C6    H6     sing N N 144 
DA  OP3   P      sing N N 145 
DA  OP3   HOP3   sing N N 146 
DA  P     OP1    doub N N 147 
DA  P     OP2    sing N N 148 
DA  P     "O5'"  sing N N 149 
DA  OP2   HOP2   sing N N 150 
DA  "O5'" "C5'"  sing N N 151 
DA  "C5'" "C4'"  sing N N 152 
DA  "C5'" "H5'"  sing N N 153 
DA  "C5'" "H5''" sing N N 154 
DA  "C4'" "O4'"  sing N N 155 
DA  "C4'" "C3'"  sing N N 156 
DA  "C4'" "H4'"  sing N N 157 
DA  "O4'" "C1'"  sing N N 158 
DA  "C3'" "O3'"  sing N N 159 
DA  "C3'" "C2'"  sing N N 160 
DA  "C3'" "H3'"  sing N N 161 
DA  "O3'" "HO3'" sing N N 162 
DA  "C2'" "C1'"  sing N N 163 
DA  "C2'" "H2'"  sing N N 164 
DA  "C2'" "H2''" sing N N 165 
DA  "C1'" N9     sing N N 166 
DA  "C1'" "H1'"  sing N N 167 
DA  N9    C8     sing Y N 168 
DA  N9    C4     sing Y N 169 
DA  C8    N7     doub Y N 170 
DA  C8    H8     sing N N 171 
DA  N7    C5     sing Y N 172 
DA  C5    C6     sing Y N 173 
DA  C5    C4     doub Y N 174 
DA  C6    N6     sing N N 175 
DA  C6    N1     doub Y N 176 
DA  N6    H61    sing N N 177 
DA  N6    H62    sing N N 178 
DA  N1    C2     sing Y N 179 
DA  C2    N3     doub Y N 180 
DA  C2    H2     sing N N 181 
DA  N3    C4     sing Y N 182 
DC  OP3   P      sing N N 183 
DC  OP3   HOP3   sing N N 184 
DC  P     OP1    doub N N 185 
DC  P     OP2    sing N N 186 
DC  P     "O5'"  sing N N 187 
DC  OP2   HOP2   sing N N 188 
DC  "O5'" "C5'"  sing N N 189 
DC  "C5'" "C4'"  sing N N 190 
DC  "C5'" "H5'"  sing N N 191 
DC  "C5'" "H5''" sing N N 192 
DC  "C4'" "O4'"  sing N N 193 
DC  "C4'" "C3'"  sing N N 194 
DC  "C4'" "H4'"  sing N N 195 
DC  "O4'" "C1'"  sing N N 196 
DC  "C3'" "O3'"  sing N N 197 
DC  "C3'" "C2'"  sing N N 198 
DC  "C3'" "H3'"  sing N N 199 
DC  "O3'" "HO3'" sing N N 200 
DC  "C2'" "C1'"  sing N N 201 
DC  "C2'" "H2'"  sing N N 202 
DC  "C2'" "H2''" sing N N 203 
DC  "C1'" N1     sing N N 204 
DC  "C1'" "H1'"  sing N N 205 
DC  N1    C2     sing N N 206 
DC  N1    C6     sing N N 207 
DC  C2    O2     doub N N 208 
DC  C2    N3     sing N N 209 
DC  N3    C4     doub N N 210 
DC  C4    N4     sing N N 211 
DC  C4    C5     sing N N 212 
DC  N4    H41    sing N N 213 
DC  N4    H42    sing N N 214 
DC  C5    C6     doub N N 215 
DC  C5    H5     sing N N 216 
DC  C6    H6     sing N N 217 
DG  OP3   P      sing N N 218 
DG  OP3   HOP3   sing N N 219 
DG  P     OP1    doub N N 220 
DG  P     OP2    sing N N 221 
DG  P     "O5'"  sing N N 222 
DG  OP2   HOP2   sing N N 223 
DG  "O5'" "C5'"  sing N N 224 
DG  "C5'" "C4'"  sing N N 225 
DG  "C5'" "H5'"  sing N N 226 
DG  "C5'" "H5''" sing N N 227 
DG  "C4'" "O4'"  sing N N 228 
DG  "C4'" "C3'"  sing N N 229 
DG  "C4'" "H4'"  sing N N 230 
DG  "O4'" "C1'"  sing N N 231 
DG  "C3'" "O3'"  sing N N 232 
DG  "C3'" "C2'"  sing N N 233 
DG  "C3'" "H3'"  sing N N 234 
DG  "O3'" "HO3'" sing N N 235 
DG  "C2'" "C1'"  sing N N 236 
DG  "C2'" "H2'"  sing N N 237 
DG  "C2'" "H2''" sing N N 238 
DG  "C1'" N9     sing N N 239 
DG  "C1'" "H1'"  sing N N 240 
DG  N9    C8     sing Y N 241 
DG  N9    C4     sing Y N 242 
DG  C8    N7     doub Y N 243 
DG  C8    H8     sing N N 244 
DG  N7    C5     sing Y N 245 
DG  C5    C6     sing N N 246 
DG  C5    C4     doub Y N 247 
DG  C6    O6     doub N N 248 
DG  C6    N1     sing N N 249 
DG  N1    C2     sing N N 250 
DG  N1    H1     sing N N 251 
DG  C2    N2     sing N N 252 
DG  C2    N3     doub N N 253 
DG  N2    H21    sing N N 254 
DG  N2    H22    sing N N 255 
DG  N3    C4     sing N N 256 
DT  OP3   P      sing N N 257 
DT  OP3   HOP3   sing N N 258 
DT  P     OP1    doub N N 259 
DT  P     OP2    sing N N 260 
DT  P     "O5'"  sing N N 261 
DT  OP2   HOP2   sing N N 262 
DT  "O5'" "C5'"  sing N N 263 
DT  "C5'" "C4'"  sing N N 264 
DT  "C5'" "H5'"  sing N N 265 
DT  "C5'" "H5''" sing N N 266 
DT  "C4'" "O4'"  sing N N 267 
DT  "C4'" "C3'"  sing N N 268 
DT  "C4'" "H4'"  sing N N 269 
DT  "O4'" "C1'"  sing N N 270 
DT  "C3'" "O3'"  sing N N 271 
DT  "C3'" "C2'"  sing N N 272 
DT  "C3'" "H3'"  sing N N 273 
DT  "O3'" "HO3'" sing N N 274 
DT  "C2'" "C1'"  sing N N 275 
DT  "C2'" "H2'"  sing N N 276 
DT  "C2'" "H2''" sing N N 277 
DT  "C1'" N1     sing N N 278 
DT  "C1'" "H1'"  sing N N 279 
DT  N1    C2     sing N N 280 
DT  N1    C6     sing N N 281 
DT  C2    O2     doub N N 282 
DT  C2    N3     sing N N 283 
DT  N3    C4     sing N N 284 
DT  N3    H3     sing N N 285 
DT  C4    O4     doub N N 286 
DT  C4    C5     sing N N 287 
DT  C5    C7     sing N N 288 
DT  C5    C6     doub N N 289 
DT  C7    H71    sing N N 290 
DT  C7    H72    sing N N 291 
DT  C7    H73    sing N N 292 
DT  C6    H6     sing N N 293 
G   OP3   P      sing N N 294 
G   OP3   HOP3   sing N N 295 
G   P     OP1    doub N N 296 
G   P     OP2    sing N N 297 
G   P     "O5'"  sing N N 298 
G   OP2   HOP2   sing N N 299 
G   "O5'" "C5'"  sing N N 300 
G   "C5'" "C4'"  sing N N 301 
G   "C5'" "H5'"  sing N N 302 
G   "C5'" "H5''" sing N N 303 
G   "C4'" "O4'"  sing N N 304 
G   "C4'" "C3'"  sing N N 305 
G   "C4'" "H4'"  sing N N 306 
G   "O4'" "C1'"  sing N N 307 
G   "C3'" "O3'"  sing N N 308 
G   "C3'" "C2'"  sing N N 309 
G   "C3'" "H3'"  sing N N 310 
G   "O3'" "HO3'" sing N N 311 
G   "C2'" "O2'"  sing N N 312 
G   "C2'" "C1'"  sing N N 313 
G   "C2'" "H2'"  sing N N 314 
G   "O2'" "HO2'" sing N N 315 
G   "C1'" N9     sing N N 316 
G   "C1'" "H1'"  sing N N 317 
G   N9    C8     sing Y N 318 
G   N9    C4     sing Y N 319 
G   C8    N7     doub Y N 320 
G   C8    H8     sing N N 321 
G   N7    C5     sing Y N 322 
G   C5    C6     sing N N 323 
G   C5    C4     doub Y N 324 
G   C6    O6     doub N N 325 
G   C6    N1     sing N N 326 
G   N1    C2     sing N N 327 
G   N1    H1     sing N N 328 
G   C2    N2     sing N N 329 
G   C2    N3     doub N N 330 
G   N2    H21    sing N N 331 
G   N2    H22    sing N N 332 
G   N3    C4     sing N N 333 
GLN N     CA     sing N N 334 
GLN N     H      sing N N 335 
GLN N     H2     sing N N 336 
GLN CA    C      sing N N 337 
GLN CA    CB     sing N N 338 
GLN CA    HA     sing N N 339 
GLN C     O      doub N N 340 
GLN C     OXT    sing N N 341 
GLN CB    CG     sing N N 342 
GLN CB    HB2    sing N N 343 
GLN CB    HB3    sing N N 344 
GLN CG    CD     sing N N 345 
GLN CG    HG2    sing N N 346 
GLN CG    HG3    sing N N 347 
GLN CD    OE1    doub N N 348 
GLN CD    NE2    sing N N 349 
GLN NE2   HE21   sing N N 350 
GLN NE2   HE22   sing N N 351 
GLN OXT   HXT    sing N N 352 
GLU N     CA     sing N N 353 
GLU N     H      sing N N 354 
GLU N     H2     sing N N 355 
GLU CA    C      sing N N 356 
GLU CA    CB     sing N N 357 
GLU CA    HA     sing N N 358 
GLU C     O      doub N N 359 
GLU C     OXT    sing N N 360 
GLU CB    CG     sing N N 361 
GLU CB    HB2    sing N N 362 
GLU CB    HB3    sing N N 363 
GLU CG    CD     sing N N 364 
GLU CG    HG2    sing N N 365 
GLU CG    HG3    sing N N 366 
GLU CD    OE1    doub N N 367 
GLU CD    OE2    sing N N 368 
GLU OE2   HE2    sing N N 369 
GLU OXT   HXT    sing N N 370 
GLY N     CA     sing N N 371 
GLY N     H      sing N N 372 
GLY N     H2     sing N N 373 
GLY CA    C      sing N N 374 
GLY CA    HA2    sing N N 375 
GLY CA    HA3    sing N N 376 
GLY C     O      doub N N 377 
GLY C     OXT    sing N N 378 
GLY OXT   HXT    sing N N 379 
HIS N     CA     sing N N 380 
HIS N     H      sing N N 381 
HIS N     H2     sing N N 382 
HIS CA    C      sing N N 383 
HIS CA    CB     sing N N 384 
HIS CA    HA     sing N N 385 
HIS C     O      doub N N 386 
HIS C     OXT    sing N N 387 
HIS CB    CG     sing N N 388 
HIS CB    HB2    sing N N 389 
HIS CB    HB3    sing N N 390 
HIS CG    ND1    sing Y N 391 
HIS CG    CD2    doub Y N 392 
HIS ND1   CE1    doub Y N 393 
HIS ND1   HD1    sing N N 394 
HIS CD2   NE2    sing Y N 395 
HIS CD2   HD2    sing N N 396 
HIS CE1   NE2    sing Y N 397 
HIS CE1   HE1    sing N N 398 
HIS NE2   HE2    sing N N 399 
HIS OXT   HXT    sing N N 400 
HOH O     H1     sing N N 401 
HOH O     H2     sing N N 402 
ILE N     CA     sing N N 403 
ILE N     H      sing N N 404 
ILE N     H2     sing N N 405 
ILE CA    C      sing N N 406 
ILE CA    CB     sing N N 407 
ILE CA    HA     sing N N 408 
ILE C     O      doub N N 409 
ILE C     OXT    sing N N 410 
ILE CB    CG1    sing N N 411 
ILE CB    CG2    sing N N 412 
ILE CB    HB     sing N N 413 
ILE CG1   CD1    sing N N 414 
ILE CG1   HG12   sing N N 415 
ILE CG1   HG13   sing N N 416 
ILE CG2   HG21   sing N N 417 
ILE CG2   HG22   sing N N 418 
ILE CG2   HG23   sing N N 419 
ILE CD1   HD11   sing N N 420 
ILE CD1   HD12   sing N N 421 
ILE CD1   HD13   sing N N 422 
ILE OXT   HXT    sing N N 423 
LEU N     CA     sing N N 424 
LEU N     H      sing N N 425 
LEU N     H2     sing N N 426 
LEU CA    C      sing N N 427 
LEU CA    CB     sing N N 428 
LEU CA    HA     sing N N 429 
LEU C     O      doub N N 430 
LEU C     OXT    sing N N 431 
LEU CB    CG     sing N N 432 
LEU CB    HB2    sing N N 433 
LEU CB    HB3    sing N N 434 
LEU CG    CD1    sing N N 435 
LEU CG    CD2    sing N N 436 
LEU CG    HG     sing N N 437 
LEU CD1   HD11   sing N N 438 
LEU CD1   HD12   sing N N 439 
LEU CD1   HD13   sing N N 440 
LEU CD2   HD21   sing N N 441 
LEU CD2   HD22   sing N N 442 
LEU CD2   HD23   sing N N 443 
LEU OXT   HXT    sing N N 444 
LYS N     CA     sing N N 445 
LYS N     H      sing N N 446 
LYS N     H2     sing N N 447 
LYS CA    C      sing N N 448 
LYS CA    CB     sing N N 449 
LYS CA    HA     sing N N 450 
LYS C     O      doub N N 451 
LYS C     OXT    sing N N 452 
LYS CB    CG     sing N N 453 
LYS CB    HB2    sing N N 454 
LYS CB    HB3    sing N N 455 
LYS CG    CD     sing N N 456 
LYS CG    HG2    sing N N 457 
LYS CG    HG3    sing N N 458 
LYS CD    CE     sing N N 459 
LYS CD    HD2    sing N N 460 
LYS CD    HD3    sing N N 461 
LYS CE    NZ     sing N N 462 
LYS CE    HE2    sing N N 463 
LYS CE    HE3    sing N N 464 
LYS NZ    HZ1    sing N N 465 
LYS NZ    HZ2    sing N N 466 
LYS NZ    HZ3    sing N N 467 
LYS OXT   HXT    sing N N 468 
MET N     CA     sing N N 469 
MET N     H      sing N N 470 
MET N     H2     sing N N 471 
MET CA    C      sing N N 472 
MET CA    CB     sing N N 473 
MET CA    HA     sing N N 474 
MET C     O      doub N N 475 
MET C     OXT    sing N N 476 
MET CB    CG     sing N N 477 
MET CB    HB2    sing N N 478 
MET CB    HB3    sing N N 479 
MET CG    SD     sing N N 480 
MET CG    HG2    sing N N 481 
MET CG    HG3    sing N N 482 
MET SD    CE     sing N N 483 
MET CE    HE1    sing N N 484 
MET CE    HE2    sing N N 485 
MET CE    HE3    sing N N 486 
MET OXT   HXT    sing N N 487 
PHE N     CA     sing N N 488 
PHE N     H      sing N N 489 
PHE N     H2     sing N N 490 
PHE CA    C      sing N N 491 
PHE CA    CB     sing N N 492 
PHE CA    HA     sing N N 493 
PHE C     O      doub N N 494 
PHE C     OXT    sing N N 495 
PHE CB    CG     sing N N 496 
PHE CB    HB2    sing N N 497 
PHE CB    HB3    sing N N 498 
PHE CG    CD1    doub Y N 499 
PHE CG    CD2    sing Y N 500 
PHE CD1   CE1    sing Y N 501 
PHE CD1   HD1    sing N N 502 
PHE CD2   CE2    doub Y N 503 
PHE CD2   HD2    sing N N 504 
PHE CE1   CZ     doub Y N 505 
PHE CE1   HE1    sing N N 506 
PHE CE2   CZ     sing Y N 507 
PHE CE2   HE2    sing N N 508 
PHE CZ    HZ     sing N N 509 
PHE OXT   HXT    sing N N 510 
PRO N     CA     sing N N 511 
PRO N     CD     sing N N 512 
PRO N     H      sing N N 513 
PRO CA    C      sing N N 514 
PRO CA    CB     sing N N 515 
PRO CA    HA     sing N N 516 
PRO C     O      doub N N 517 
PRO C     OXT    sing N N 518 
PRO CB    CG     sing N N 519 
PRO CB    HB2    sing N N 520 
PRO CB    HB3    sing N N 521 
PRO CG    CD     sing N N 522 
PRO CG    HG2    sing N N 523 
PRO CG    HG3    sing N N 524 
PRO CD    HD2    sing N N 525 
PRO CD    HD3    sing N N 526 
PRO OXT   HXT    sing N N 527 
SER N     CA     sing N N 528 
SER N     H      sing N N 529 
SER N     H2     sing N N 530 
SER CA    C      sing N N 531 
SER CA    CB     sing N N 532 
SER CA    HA     sing N N 533 
SER C     O      doub N N 534 
SER C     OXT    sing N N 535 
SER CB    OG     sing N N 536 
SER CB    HB2    sing N N 537 
SER CB    HB3    sing N N 538 
SER OG    HG     sing N N 539 
SER OXT   HXT    sing N N 540 
T5S P     OP3    sing N N 541 
T5S OP3   HOP3   sing N N 542 
T5S OP1   P      doub N N 543 
T5S P     OP2    sing N N 544 
T5S P     "O5'"  sing N N 545 
T5S OP2   HOP2   sing N N 546 
T5S "C5'" "O5'"  sing N N 547 
T5S "C1'" N1     sing N N 548 
T5S C6    N1     sing N N 549 
T5S N1    C2     sing N N 550 
T5S C6    C5     doub N N 551 
T5S C6    H6     sing N N 552 
T5S C2    O2     doub N N 553 
T5S C2    N3     sing N N 554 
T5S C4    N3     sing N N 555 
T5S N3    HN3    sing N N 556 
T5S C5    C4     sing N N 557 
T5S C4    O4     doub N N 558 
T5S SE    C5     sing N N 559 
T5S CH3   SE     sing N N 560 
T5S CH3   HH3    sing N N 561 
T5S CH3   HH3A   sing N N 562 
T5S CH3   HH3B   sing N N 563 
T5S "C3'" "C2'"  sing N N 564 
T5S "C2'" "C1'"  sing N N 565 
T5S "C2'" "H2'"  sing N N 566 
T5S "C2'" "H2'A" sing N N 567 
T5S "C5'" "C4'"  sing N N 568 
T5S "C5'" "H5'"  sing N N 569 
T5S "C5'" "H5'A" sing N N 570 
T5S "C3'" "C4'"  sing N N 571 
T5S "C4'" "O4'"  sing N N 572 
T5S "C4'" "H4'"  sing N N 573 
T5S "O4'" "C1'"  sing N N 574 
T5S "C1'" "H1'"  sing N N 575 
T5S "O3'" "C3'"  sing N N 576 
T5S "C3'" "H3'"  sing N N 577 
T5S "O3'" "HO3'" sing N N 578 
THR N     CA     sing N N 579 
THR N     H      sing N N 580 
THR N     H2     sing N N 581 
THR CA    C      sing N N 582 
THR CA    CB     sing N N 583 
THR CA    HA     sing N N 584 
THR C     O      doub N N 585 
THR C     OXT    sing N N 586 
THR CB    OG1    sing N N 587 
THR CB    CG2    sing N N 588 
THR CB    HB     sing N N 589 
THR OG1   HG1    sing N N 590 
THR CG2   HG21   sing N N 591 
THR CG2   HG22   sing N N 592 
THR CG2   HG23   sing N N 593 
THR OXT   HXT    sing N N 594 
TRP N     CA     sing N N 595 
TRP N     H      sing N N 596 
TRP N     H2     sing N N 597 
TRP CA    C      sing N N 598 
TRP CA    CB     sing N N 599 
TRP CA    HA     sing N N 600 
TRP C     O      doub N N 601 
TRP C     OXT    sing N N 602 
TRP CB    CG     sing N N 603 
TRP CB    HB2    sing N N 604 
TRP CB    HB3    sing N N 605 
TRP CG    CD1    doub Y N 606 
TRP CG    CD2    sing Y N 607 
TRP CD1   NE1    sing Y N 608 
TRP CD1   HD1    sing N N 609 
TRP CD2   CE2    doub Y N 610 
TRP CD2   CE3    sing Y N 611 
TRP NE1   CE2    sing Y N 612 
TRP NE1   HE1    sing N N 613 
TRP CE2   CZ2    sing Y N 614 
TRP CE3   CZ3    doub Y N 615 
TRP CE3   HE3    sing N N 616 
TRP CZ2   CH2    doub Y N 617 
TRP CZ2   HZ2    sing N N 618 
TRP CZ3   CH2    sing Y N 619 
TRP CZ3   HZ3    sing N N 620 
TRP CH2   HH2    sing N N 621 
TRP OXT   HXT    sing N N 622 
TYR N     CA     sing N N 623 
TYR N     H      sing N N 624 
TYR N     H2     sing N N 625 
TYR CA    C      sing N N 626 
TYR CA    CB     sing N N 627 
TYR CA    HA     sing N N 628 
TYR C     O      doub N N 629 
TYR C     OXT    sing N N 630 
TYR CB    CG     sing N N 631 
TYR CB    HB2    sing N N 632 
TYR CB    HB3    sing N N 633 
TYR CG    CD1    doub Y N 634 
TYR CG    CD2    sing Y N 635 
TYR CD1   CE1    sing Y N 636 
TYR CD1   HD1    sing N N 637 
TYR CD2   CE2    doub Y N 638 
TYR CD2   HD2    sing N N 639 
TYR CE1   CZ     doub Y N 640 
TYR CE1   HE1    sing N N 641 
TYR CE2   CZ     sing Y N 642 
TYR CE2   HE2    sing N N 643 
TYR CZ    OH     sing N N 644 
TYR OH    HH     sing N N 645 
TYR OXT   HXT    sing N N 646 
U   OP3   P      sing N N 647 
U   OP3   HOP3   sing N N 648 
U   P     OP1    doub N N 649 
U   P     OP2    sing N N 650 
U   P     "O5'"  sing N N 651 
U   OP2   HOP2   sing N N 652 
U   "O5'" "C5'"  sing N N 653 
U   "C5'" "C4'"  sing N N 654 
U   "C5'" "H5'"  sing N N 655 
U   "C5'" "H5''" sing N N 656 
U   "C4'" "O4'"  sing N N 657 
U   "C4'" "C3'"  sing N N 658 
U   "C4'" "H4'"  sing N N 659 
U   "O4'" "C1'"  sing N N 660 
U   "C3'" "O3'"  sing N N 661 
U   "C3'" "C2'"  sing N N 662 
U   "C3'" "H3'"  sing N N 663 
U   "O3'" "HO3'" sing N N 664 
U   "C2'" "O2'"  sing N N 665 
U   "C2'" "C1'"  sing N N 666 
U   "C2'" "H2'"  sing N N 667 
U   "O2'" "HO2'" sing N N 668 
U   "C1'" N1     sing N N 669 
U   "C1'" "H1'"  sing N N 670 
U   N1    C2     sing N N 671 
U   N1    C6     sing N N 672 
U   C2    O2     doub N N 673 
U   C2    N3     sing N N 674 
U   N3    C4     sing N N 675 
U   N3    H3     sing N N 676 
U   C4    O4     doub N N 677 
U   C4    C5     sing N N 678 
U   C5    C6     doub N N 679 
U   C5    H5     sing N N 680 
U   C6    H6     sing N N 681 
VAL N     CA     sing N N 682 
VAL N     H      sing N N 683 
VAL N     H2     sing N N 684 
VAL CA    C      sing N N 685 
VAL CA    CB     sing N N 686 
VAL CA    HA     sing N N 687 
VAL C     O      doub N N 688 
VAL C     OXT    sing N N 689 
VAL CB    CG1    sing N N 690 
VAL CB    CG2    sing N N 691 
VAL CB    HB     sing N N 692 
VAL CG1   HG11   sing N N 693 
VAL CG1   HG12   sing N N 694 
VAL CG1   HG13   sing N N 695 
VAL CG2   HG21   sing N N 696 
VAL CG2   HG22   sing N N 697 
VAL CG2   HG23   sing N N 698 
VAL OXT   HXT    sing N N 699 
# 
_ndb_struct_conf_na.entry_id   5USA 
_ndb_struct_conf_na.feature    'double helix' 
# 
loop_
_ndb_struct_na_base_pair.model_number 
_ndb_struct_na_base_pair.i_label_asym_id 
_ndb_struct_na_base_pair.i_label_comp_id 
_ndb_struct_na_base_pair.i_label_seq_id 
_ndb_struct_na_base_pair.i_symmetry 
_ndb_struct_na_base_pair.j_label_asym_id 
_ndb_struct_na_base_pair.j_label_comp_id 
_ndb_struct_na_base_pair.j_label_seq_id 
_ndb_struct_na_base_pair.j_symmetry 
_ndb_struct_na_base_pair.shear 
_ndb_struct_na_base_pair.stretch 
_ndb_struct_na_base_pair.stagger 
_ndb_struct_na_base_pair.buckle 
_ndb_struct_na_base_pair.propeller 
_ndb_struct_na_base_pair.opening 
_ndb_struct_na_base_pair.pair_number 
_ndb_struct_na_base_pair.pair_name 
_ndb_struct_na_base_pair.i_auth_asym_id 
_ndb_struct_na_base_pair.i_auth_seq_id 
_ndb_struct_na_base_pair.i_PDB_ins_code 
_ndb_struct_na_base_pair.j_auth_asym_id 
_ndb_struct_na_base_pair.j_auth_seq_id 
_ndb_struct_na_base_pair.j_PDB_ins_code 
_ndb_struct_na_base_pair.hbond_type_28 
_ndb_struct_na_base_pair.hbond_type_12 
1 A C 2 1_555 B DG  6 1_555 0.101  -0.083 0.059  0.436   -9.997  -2.103 1 B_C2:DG6_C  B 2 ? C 6 ? 19 1 
1 A G 3 1_555 B DC  5 1_555 -0.278 -0.123 -0.387 -20.087 -11.414 -0.221 2 B_G3:DC5_C  B 3 ? C 5 ? 19 1 
1 A A 4 1_555 B DT  4 1_555 -0.042 -0.135 -0.149 -10.029 -15.849 1.025  3 B_A4:DT4_C  B 4 ? C 4 ? 20 1 
1 A C 5 1_555 B DG  3 1_555 0.293  -0.164 0.166  -5.664  -12.087 -1.027 4 B_C5:DG3_C  B 5 ? C 3 ? 19 1 
1 A A 6 1_555 B T5S 2 1_555 0.086  -0.092 -0.083 -5.960  -3.570  1.994  5 B_A6:T5S2_C B 6 ? C 2 ? 20 1 
# 
loop_
_ndb_struct_na_base_pair_step.model_number 
_ndb_struct_na_base_pair_step.i_label_asym_id_1 
_ndb_struct_na_base_pair_step.i_label_comp_id_1 
_ndb_struct_na_base_pair_step.i_label_seq_id_1 
_ndb_struct_na_base_pair_step.i_symmetry_1 
_ndb_struct_na_base_pair_step.j_label_asym_id_1 
_ndb_struct_na_base_pair_step.j_label_comp_id_1 
_ndb_struct_na_base_pair_step.j_label_seq_id_1 
_ndb_struct_na_base_pair_step.j_symmetry_1 
_ndb_struct_na_base_pair_step.i_label_asym_id_2 
_ndb_struct_na_base_pair_step.i_label_comp_id_2 
_ndb_struct_na_base_pair_step.i_label_seq_id_2 
_ndb_struct_na_base_pair_step.i_symmetry_2 
_ndb_struct_na_base_pair_step.j_label_asym_id_2 
_ndb_struct_na_base_pair_step.j_label_comp_id_2 
_ndb_struct_na_base_pair_step.j_label_seq_id_2 
_ndb_struct_na_base_pair_step.j_symmetry_2 
_ndb_struct_na_base_pair_step.shift 
_ndb_struct_na_base_pair_step.slide 
_ndb_struct_na_base_pair_step.rise 
_ndb_struct_na_base_pair_step.tilt 
_ndb_struct_na_base_pair_step.roll 
_ndb_struct_na_base_pair_step.twist 
_ndb_struct_na_base_pair_step.x_displacement 
_ndb_struct_na_base_pair_step.y_displacement 
_ndb_struct_na_base_pair_step.helical_rise 
_ndb_struct_na_base_pair_step.inclination 
_ndb_struct_na_base_pair_step.tip 
_ndb_struct_na_base_pair_step.helical_twist 
_ndb_struct_na_base_pair_step.step_number 
_ndb_struct_na_base_pair_step.step_name 
_ndb_struct_na_base_pair_step.i_auth_asym_id_1 
_ndb_struct_na_base_pair_step.i_auth_seq_id_1 
_ndb_struct_na_base_pair_step.i_PDB_ins_code_1 
_ndb_struct_na_base_pair_step.j_auth_asym_id_1 
_ndb_struct_na_base_pair_step.j_auth_seq_id_1 
_ndb_struct_na_base_pair_step.j_PDB_ins_code_1 
_ndb_struct_na_base_pair_step.i_auth_asym_id_2 
_ndb_struct_na_base_pair_step.i_auth_seq_id_2 
_ndb_struct_na_base_pair_step.i_PDB_ins_code_2 
_ndb_struct_na_base_pair_step.j_auth_asym_id_2 
_ndb_struct_na_base_pair_step.j_auth_seq_id_2 
_ndb_struct_na_base_pair_step.j_PDB_ins_code_2 
1 A C 2 1_555 B DG 6 1_555 A G 3 1_555 B DC  5 1_555 0.395  -1.079 3.728 6.700  7.010 38.518 -2.508 0.296  3.505 10.425 -9.965  
39.674 1 BB_C2G3:DC5DG6_CC  B 2 ? C 6 ? B 3 ? C 5 ? 
1 A G 3 1_555 B DC 5 1_555 A A 4 1_555 B DT  4 1_555 0.684  -1.216 3.183 1.239  4.416 32.937 -2.828 -0.998 3.022 7.742  -2.172  
33.246 2 BB_G3A4:DT4DC5_CC  B 3 ? C 5 ? B 4 ? C 4 ? 
1 A A 4 1_555 B DT 4 1_555 A C 5 1_555 B DG  3 1_555 -0.705 -1.311 3.200 -2.342 4.519 31.052 -3.229 0.881  3.028 8.371  4.338   
31.456 3 BB_A4C5:DG3DT4_CC  B 4 ? C 4 ? B 5 ? C 3 ? 
1 A C 5 1_555 B DG 3 1_555 A A 6 1_555 B T5S 2 1_555 1.106  -1.880 3.248 5.739  4.748 24.752 -5.500 -0.909 3.016 10.769 -13.017 
25.832 4 BB_C5A6:T5S2DG3_CC B 5 ? C 3 ? B 6 ? C 2 ? 
# 
_atom_sites.entry_id                    5USA 
_atom_sites.fract_transf_matrix[1][1]   -0.00730798 
_atom_sites.fract_transf_matrix[1][2]   -0.00962382 
_atom_sites.fract_transf_matrix[1][3]   0.00274377 
_atom_sites.fract_transf_matrix[2][1]   -0.01423453 
_atom_sites.fract_transf_matrix[2][2]   0.01542319 
_atom_sites.fract_transf_matrix[2][3]   0.01618370 
_atom_sites.fract_transf_matrix[3][1]   -0.01074872 
_atom_sites.fract_transf_matrix[3][2]   0.00248112 
_atom_sites.fract_transf_matrix[3][3]   -0.01181867 
_atom_sites.fract_transf_vector[1]      1.203102 
_atom_sites.fract_transf_vector[2]      -0.191694 
_atom_sites.fract_transf_vector[3]      0.174017 
# 
loop_
_atom_type.symbol 
C  
MG 
N  
O  
P  
S  
SE 
# 
loop_
_atom_site.group_PDB 
_atom_site.id 
_atom_site.type_symbol 
_atom_site.label_atom_id 
_atom_site.label_alt_id 
_atom_site.label_comp_id 
_atom_site.label_asym_id 
_atom_site.label_entity_id 
_atom_site.label_seq_id 
_atom_site.pdbx_PDB_ins_code 
_atom_site.Cartn_x 
_atom_site.Cartn_y 
_atom_site.Cartn_z 
_atom_site.occupancy 
_atom_site.B_iso_or_equiv 
_atom_site.pdbx_formal_charge 
_atom_site.auth_seq_id 
_atom_site.auth_comp_id 
_atom_site.auth_asym_id 
_atom_site.auth_atom_id 
_atom_site.pdbx_PDB_model_num 
ATOM   1    O  "O5'" . U   A 1 1   ? -28.893 11.116  -11.129 1.00 25.82 ? 1   U   B "O5'" 1 
ATOM   2    C  "C5'" . U   A 1 1   ? -29.378 12.178  -12.004 1.00 23.32 ? 1   U   B "C5'" 1 
ATOM   3    C  "C4'" . U   A 1 1   ? -28.449 13.365  -11.964 1.00 22.42 ? 1   U   B "C4'" 1 
ATOM   4    O  "O4'" . U   A 1 1   ? -28.390 13.981  -10.631 1.00 18.73 ? 1   U   B "O4'" 1 
ATOM   5    C  "C3'" . U   A 1 1   ? -26.982 13.122  -12.298 1.00 20.33 ? 1   U   B "C3'" 1 
ATOM   6    O  "O3'" . U   A 1 1   ? -26.714 12.917  -13.689 1.00 23.94 ? 1   U   B "O3'" 1 
ATOM   7    C  "C2'" . U   A 1 1   ? -26.363 14.415  -11.790 1.00 21.78 ? 1   U   B "C2'" 1 
ATOM   8    O  "O2'" . U   A 1 1   ? -26.566 15.508  -12.674 1.00 18.86 ? 1   U   B "O2'" 1 
ATOM   9    C  "C1'" . U   A 1 1   ? -27.108 14.584  -10.465 1.00 18.11 ? 1   U   B "C1'" 1 
ATOM   10   N  N1    . U   A 1 1   ? -26.409 13.854  -9.403  1.00 20.45 ? 1   U   B N1    1 
ATOM   11   C  C2    . U   A 1 1   ? -25.296 14.433  -8.827  1.00 21.07 ? 1   U   B C2    1 
ATOM   12   O  O2    . U   A 1 1   ? -24.863 15.520  -9.162  1.00 22.48 ? 1   U   B O2    1 
ATOM   13   N  N3    . U   A 1 1   ? -24.711 13.690  -7.832  1.00 20.54 ? 1   U   B N3    1 
ATOM   14   C  C4    . U   A 1 1   ? -25.087 12.448  -7.388  1.00 21.75 ? 1   U   B C4    1 
ATOM   15   O  O4    . U   A 1 1   ? -24.417 11.893  -6.506  1.00 22.89 ? 1   U   B O4    1 
ATOM   16   C  C5    . U   A 1 1   ? -26.275 11.933  -7.994  1.00 19.77 ? 1   U   B C5    1 
ATOM   17   C  C6    . U   A 1 1   ? -26.873 12.623  -8.971  1.00 20.02 ? 1   U   B C6    1 
ATOM   18   P  P     . C   A 1 2   ? -25.967 11.554  -14.135 1.00 21.99 ? 2   C   B P     1 
ATOM   19   O  OP1   . C   A 1 2   ? -25.789 11.582  -15.584 1.00 19.67 ? 2   C   B OP1   1 
ATOM   20   O  OP2   . C   A 1 2   ? -26.772 10.479  -13.485 1.00 26.88 ? 2   C   B OP2   1 
ATOM   21   O  "O5'" . C   A 1 2   ? -24.665 11.498  -13.228 1.00 25.42 ? 2   C   B "O5'" 1 
ATOM   22   C  "C5'" . C   A 1 2   ? -23.354 11.884  -13.742 1.00 27.69 ? 2   C   B "C5'" 1 
ATOM   23   C  "C4'" . C   A 1 2   ? -22.911 13.266  -13.301 1.00 24.92 ? 2   C   B "C4'" 1 
ATOM   24   O  "O4'" . C   A 1 2   ? -23.303 13.498  -11.921 1.00 23.26 ? 2   C   B "O4'" 1 
ATOM   25   C  "C3'" . C   A 1 2   ? -21.394 13.440  -13.314 1.00 25.13 ? 2   C   B "C3'" 1 
ATOM   26   O  "O3'" . C   A 1 2   ? -20.866 13.914  -14.544 1.00 22.96 ? 2   C   B "O3'" 1 
ATOM   27   C  "C2'" . C   A 1 2   ? -21.158 14.445  -12.195 1.00 24.20 ? 2   C   B "C2'" 1 
ATOM   28   O  "O2'" . C   A 1 2   ? -21.313 15.790  -12.560 1.00 26.95 ? 2   C   B "O2'" 1 
ATOM   29   C  "C1'" . C   A 1 2   ? -22.216 14.020  -11.182 1.00 24.04 ? 2   C   B "C1'" 1 
ATOM   30   N  N1    . C   A 1 2   ? -21.816 12.999  -10.191 1.00 21.87 ? 2   C   B N1    1 
ATOM   31   C  C2    . C   A 1 2   ? -20.870 13.344  -9.231  1.00 22.53 ? 2   C   B C2    1 
ATOM   32   O  O2    . C   A 1 2   ? -20.288 14.431  -9.327  1.00 23.34 ? 2   C   B O2    1 
ATOM   33   N  N3    . C   A 1 2   ? -20.527 12.443  -8.287  1.00 23.41 ? 2   C   B N3    1 
ATOM   34   C  C4    . C   A 1 2   ? -21.146 11.265  -8.233  1.00 22.55 ? 2   C   B C4    1 
ATOM   35   N  N4    . C   A 1 2   ? -20.801 10.432  -7.251  1.00 22.72 ? 2   C   B N4    1 
ATOM   36   C  C5    . C   A 1 2   ? -22.146 10.896  -9.176  1.00 24.40 ? 2   C   B C5    1 
ATOM   37   C  C6    . C   A 1 2   ? -22.462 11.795  -10.117 1.00 23.80 ? 2   C   B C6    1 
ATOM   38   P  P     . G   A 1 3   ? -19.568 13.152  -15.199 1.00 25.01 ? 3   G   B P     1 
ATOM   39   O  OP1   . G   A 1 3   ? -19.417 13.616  -16.598 1.00 23.19 ? 3   G   B OP1   1 
ATOM   40   O  OP2   . G   A 1 3   ? -19.713 11.756  -14.875 1.00 23.91 ? 3   G   B OP2   1 
ATOM   41   O  "O5'" . G   A 1 3   ? -18.342 13.690  -14.350 1.00 24.06 ? 3   G   B "O5'" 1 
ATOM   42   C  "C5'" . G   A 1 3   ? -17.937 15.051  -14.398 1.00 26.38 ? 3   G   B "C5'" 1 
ATOM   43   C  "C4'" . G   A 1 3   ? -16.972 15.341  -13.277 1.00 27.35 ? 3   G   B "C4'" 1 
ATOM   44   O  "O4'" . G   A 1 3   ? -17.610 15.167  -11.981 1.00 26.34 ? 3   G   B "O4'" 1 
ATOM   45   C  "C3'" . G   A 1 3   ? -15.764 14.413  -13.213 1.00 26.23 ? 3   G   B "C3'" 1 
ATOM   46   O  "O3'" . G   A 1 3   ? -14.744 14.786  -14.119 1.00 29.36 ? 3   G   B "O3'" 1 
ATOM   47   C  "C2'" . G   A 1 3   ? -15.315 14.605  -11.783 1.00 25.33 ? 3   G   B "C2'" 1 
ATOM   48   O  "O2'" . G   A 1 3   ? -14.605 15.814  -11.627 1.00 26.98 ? 3   G   B "O2'" 1 
ATOM   49   C  "C1'" . G   A 1 3   ? -16.665 14.623  -11.064 1.00 25.96 ? 3   G   B "C1'" 1 
ATOM   50   N  N9    . G   A 1 3   ? -17.104 13.290  -10.640 1.00 22.69 ? 3   G   B N9    1 
ATOM   51   C  C8    . G   A 1 3   ? -18.044 12.469  -11.215 1.00 20.93 ? 3   G   B C8    1 
ATOM   52   N  N7    . G   A 1 3   ? -18.238 11.367  -10.543 1.00 21.86 ? 3   G   B N7    1 
ATOM   53   C  C5    . G   A 1 3   ? -17.327 11.440  -9.496  1.00 22.03 ? 3   G   B C5    1 
ATOM   54   C  C6    . G   A 1 3   ? -17.016 10.500  -8.478  1.00 20.95 ? 3   G   B C6    1 
ATOM   55   O  O6    . G   A 1 3   ? -17.530 9.401   -8.263  1.00 20.29 ? 3   G   B O6    1 
ATOM   56   N  N1    . G   A 1 3   ? -16.006 10.966  -7.639  1.00 23.08 ? 3   G   B N1    1 
ATOM   57   C  C2    . G   A 1 3   ? -15.350 12.160  -7.786  1.00 22.93 ? 3   G   B C2    1 
ATOM   58   N  N2    . G   A 1 3   ? -14.392 12.428  -6.884  1.00 22.22 ? 3   G   B N2    1 
ATOM   59   N  N3    . G   A 1 3   ? -15.626 13.042  -8.735  1.00 22.28 ? 3   G   B N3    1 
ATOM   60   C  C4    . G   A 1 3   ? -16.594 12.603  -9.567  1.00 22.96 ? 3   G   B C4    1 
ATOM   61   P  P     . A   A 1 4   ? -13.784 13.658  -14.765 1.00 34.99 ? 4   A   B P     1 
ATOM   62   O  OP1   . A   A 1 4   ? -12.905 14.316  -15.715 1.00 36.44 ? 4   A   B OP1   1 
ATOM   63   O  OP2   . A   A 1 4   ? -14.574 12.496  -15.209 1.00 29.56 ? 4   A   B OP2   1 
ATOM   64   O  "O5'" . A   A 1 4   ? -12.977 13.102  -13.501 1.00 33.33 ? 4   A   B "O5'" 1 
ATOM   65   C  "C5'" . A   A 1 4   ? -11.988 13.916  -12.898 1.00 32.55 ? 4   A   B "C5'" 1 
ATOM   66   C  "C4'" . A   A 1 4   ? -11.537 13.324  -11.586 1.00 28.88 ? 4   A   B "C4'" 1 
ATOM   67   O  "O4'" . A   A 1 4   ? -12.659 13.023  -10.708 1.00 28.42 ? 4   A   B "O4'" 1 
ATOM   68   C  "C3'" . A   A 1 4   ? -10.757 12.007  -11.628 1.00 26.54 ? 4   A   B "C3'" 1 
ATOM   69   O  "O3'" . A   A 1 4   ? -9.409  12.268  -12.032 1.00 23.21 ? 4   A   B "O3'" 1 
ATOM   70   C  "C2'" . A   A 1 4   ? -10.823 11.629  -10.167 1.00 24.36 ? 4   A   B "C2'" 1 
ATOM   71   O  "O2'" . A   A 1 4   ? -10.059 12.486  -9.369  1.00 24.02 ? 4   A   B "O2'" 1 
ATOM   72   C  "C1'" . A   A 1 4   ? -12.284 11.931  -9.861  1.00 28.16 ? 4   A   B "C1'" 1 
ATOM   73   N  N9    . A   A 1 4   ? -13.154 10.785  -10.141 1.00 23.51 ? 4   A   B N9    1 
ATOM   74   C  C8    . A   A 1 4   ? -13.970 10.533  -11.218 1.00 24.25 ? 4   A   B C8    1 
ATOM   75   N  N7    . A   A 1 4   ? -14.698 9.453   -11.087 1.00 20.85 ? 4   A   B N7    1 
ATOM   76   C  C5    . A   A 1 4   ? -14.332 8.955   -9.844  1.00 23.40 ? 4   A   B C5    1 
ATOM   77   C  C6    . A   A 1 4   ? -14.709 7.801   -9.132  1.00 20.27 ? 4   A   B C6    1 
ATOM   78   N  N6    . A   A 1 4   ? -15.598 6.922   -9.563  1.00 18.75 ? 4   A   B N6    1 
ATOM   79   N  N1    . A   A 1 4   ? -14.145 7.602   -7.920  1.00 20.10 ? 4   A   B N1    1 
ATOM   80   C  C2    . A   A 1 4   ? -13.208 8.459   -7.503  1.00 19.67 ? 4   A   B C2    1 
ATOM   81   N  N3    . A   A 1 4   ? -12.812 9.596   -8.047  1.00 20.14 ? 4   A   B N3    1 
ATOM   82   C  C4    . A   A 1 4   ? -13.374 9.761   -9.258  1.00 23.06 ? 4   A   B C4    1 
ATOM   83   P  P     . C   A 1 5   ? -8.489  11.161  -12.595 1.00 24.58 ? 5   C   B P     1 
ATOM   84   O  OP1   . C   A 1 5   ? -7.209  11.813  -12.996 1.00 25.11 ? 5   C   B OP1   1 
ATOM   85   O  OP2   . C   A 1 5   ? -9.210  10.311  -13.519 1.00 25.45 ? 5   C   B OP2   1 
ATOM   86   O  "O5'" . C   A 1 5   ? -8.139  10.273  -11.310 1.00 22.83 ? 5   C   B "O5'" 1 
ATOM   87   C  "C5'" . C   A 1 5   ? -7.370  10.809  -10.202 1.00 22.56 ? 5   C   B "C5'" 1 
ATOM   88   C  "C4'" . C   A 1 5   ? -7.271  9.751   -9.128  1.00 21.13 ? 5   C   B "C4'" 1 
ATOM   89   O  "O4'" . C   A 1 5   ? -8.577  9.485   -8.521  1.00 21.42 ? 5   C   B "O4'" 1 
ATOM   90   C  "C3'" . C   A 1 5   ? -6.814  8.365   -9.586  1.00 19.54 ? 5   C   B "C3'" 1 
ATOM   91   O  "O3'" . C   A 1 5   ? -5.393  8.338   -9.725  1.00 18.19 ? 5   C   B "O3'" 1 
ATOM   92   C  "C2'" . C   A 1 5   ? -7.285  7.504   -8.428  1.00 17.99 ? 5   C   B "C2'" 1 
ATOM   93   O  "O2'" . C   A 1 5   ? -6.487  7.654   -7.267  1.00 17.70 ? 5   C   B "O2'" 1 
ATOM   94   C  "C1'" . C   A 1 5   ? -8.653  8.122   -8.141  1.00 18.97 ? 5   C   B "C1'" 1 
ATOM   95   N  N1    . C   A 1 5   ? -9.766  7.477   -8.875  1.00 18.09 ? 5   C   B N1    1 
ATOM   96   C  C2    . C   A 1 5   ? -10.370 6.347   -8.321  1.00 16.95 ? 5   C   B C2    1 
ATOM   97   O  O2    . C   A 1 5   ? -9.950  5.917   -7.242  1.00 18.28 ? 5   C   B O2    1 
ATOM   98   N  N3    . C   A 1 5   ? -11.385 5.739   -8.986  1.00 17.65 ? 5   C   B N3    1 
ATOM   99   C  C4    . C   A 1 5   ? -11.787 6.223   -10.168 1.00 17.68 ? 5   C   B C4    1 
ATOM   100  N  N4    . C   A 1 5   ? -12.794 5.615   -10.785 1.00 17.24 ? 5   C   B N4    1 
ATOM   101  C  C5    . C   A 1 5   ? -11.174 7.363   -10.765 1.00 16.92 ? 5   C   B C5    1 
ATOM   102  C  C6    . C   A 1 5   ? -10.177 7.954   -10.093 1.00 17.65 ? 5   C   B C6    1 
ATOM   103  P  P     . A   A 1 6   ? -4.690  7.239   -10.626 1.00 18.73 ? 6   A   B P     1 
ATOM   104  O  OP1   . A   A 1 6   ? -3.219  7.522   -10.535 1.00 19.68 ? 6   A   B OP1   1 
ATOM   105  O  OP2   . A   A 1 6   ? -5.324  7.154   -11.959 1.00 18.62 ? 6   A   B OP2   1 
ATOM   106  O  "O5'" . A   A 1 6   ? -5.099  5.941   -9.827  1.00 18.91 ? 6   A   B "O5'" 1 
ATOM   107  C  "C5'" . A   A 1 6   ? -5.246  4.647   -10.337 1.00 18.30 ? 6   A   B "C5'" 1 
ATOM   108  C  "C4'" . A   A 1 6   ? -5.780  3.796   -9.211  1.00 19.06 ? 6   A   B "C4'" 1 
ATOM   109  O  "O4'" . A   A 1 6   ? -7.136  4.216   -8.814  1.00 18.48 ? 6   A   B "O4'" 1 
ATOM   110  C  "C3'" . A   A 1 6   ? -5.888  2.324   -9.541  1.00 18.36 ? 6   A   B "C3'" 1 
ATOM   111  O  "O3'" . A   A 1 6   ? -4.661  1.630   -9.326  1.00 18.91 ? 6   A   B "O3'" 1 
ATOM   112  C  "C2'" . A   A 1 6   ? -6.999  1.856   -8.594  1.00 18.51 ? 6   A   B "C2'" 1 
ATOM   113  O  "O2'" . A   A 1 6   ? -6.591  1.650   -7.237  1.00 16.60 ? 6   A   B "O2'" 1 
ATOM   114  C  "C1'" . A   A 1 6   ? -7.955  3.059   -8.653  1.00 17.64 ? 6   A   B "C1'" 1 
ATOM   115  N  N9    . A   A 1 6   ? -8.962  3.044   -9.732  1.00 18.04 ? 6   A   B N9    1 
ATOM   116  C  C8    . A   A 1 6   ? -9.094  3.927   -10.785 1.00 18.78 ? 6   A   B C8    1 
ATOM   117  N  N7    . A   A 1 6   ? -10.139 3.690   -11.547 1.00 18.64 ? 6   A   B N7    1 
ATOM   118  C  C5    . A   A 1 6   ? -10.766 2.619   -10.921 1.00 19.76 ? 6   A   B C5    1 
ATOM   119  C  C6    . A   A 1 6   ? -11.958 1.932   -11.197 1.00 18.38 ? 6   A   B C6    1 
ATOM   120  N  N6    . A   A 1 6   ? -12.755 2.224   -12.232 1.00 18.27 ? 6   A   B N6    1 
ATOM   121  N  N1    . A   A 1 6   ? -12.332 0.951   -10.342 1.00 19.70 ? 6   A   B N1    1 
ATOM   122  C  C2    . A   A 1 6   ? -11.534 0.662   -9.306  1.00 18.54 ? 6   A   B C2    1 
ATOM   123  N  N3    . A   A 1 6   ? -10.390 1.240   -8.938  1.00 16.34 ? 6   A   B N3    1 
ATOM   124  C  C4    . A   A 1 6   ? -10.069 2.235   -9.782  1.00 17.38 ? 6   A   B C4    1 
ATOM   125  O  "O5'" . DA  B 2 1   ? -20.888 -2.870  -14.919 1.00 38.71 ? 1   DA  C "O5'" 1 
ATOM   126  C  "C5'" . DA  B 2 1   ? -21.387 -4.217  -14.868 1.00 35.35 ? 1   DA  C "C5'" 1 
ATOM   127  C  "C4'" . DA  B 2 1   ? -20.418 -5.130  -14.152 1.00 37.75 ? 1   DA  C "C4'" 1 
ATOM   128  O  "O4'" . DA  B 2 1   ? -19.190 -5.290  -14.890 1.00 36.10 ? 1   DA  C "O4'" 1 
ATOM   129  C  "C3'" . DA  B 2 1   ? -20.002 -4.650  -12.766 1.00 35.69 ? 1   DA  C "C3'" 1 
ATOM   130  O  "O3'" . DA  B 2 1   ? -20.520 -5.078  -11.664 1.00 40.70 ? 1   DA  C "O3'" 1 
ATOM   131  C  "C2'" . DA  B 2 1   ? -18.587 -5.153  -12.591 1.00 35.49 ? 1   DA  C "C2'" 1 
ATOM   132  C  "C1'" . DA  B 2 1   ? -18.067 -5.251  -13.997 1.00 33.49 ? 1   DA  C "C1'" 1 
ATOM   133  N  N9    . DA  B 2 1   ? -17.244 -4.109  -14.359 1.00 33.49 ? 1   DA  C N9    1 
ATOM   134  C  C8    . DA  B 2 1   ? -17.460 -3.227  -15.387 1.00 30.59 ? 1   DA  C C8    1 
ATOM   135  N  N7    . DA  B 2 1   ? -16.507 -2.347  -15.534 1.00 32.66 ? 1   DA  C N7    1 
ATOM   136  C  C5    . DA  B 2 1   ? -15.616 -2.646  -14.515 1.00 27.62 ? 1   DA  C C5    1 
ATOM   137  C  C6    . DA  B 2 1   ? -14.377 -2.097  -14.158 1.00 27.45 ? 1   DA  C C6    1 
ATOM   138  N  N6    . DA  B 2 1   ? -13.829 -1.050  -14.779 1.00 28.11 ? 1   DA  C N6    1 
ATOM   139  N  N1    . DA  B 2 1   ? -13.736 -2.633  -13.098 1.00 24.34 ? 1   DA  C N1    1 
ATOM   140  C  C2    . DA  B 2 1   ? -14.271 -3.708  -12.505 1.00 25.06 ? 1   DA  C C2    1 
ATOM   141  N  N3    . DA  B 2 1   ? -15.437 -4.300  -12.735 1.00 27.07 ? 1   DA  C N3    1 
ATOM   142  C  C4    . DA  B 2 1   ? -16.051 -3.738  -13.791 1.00 30.41 ? 1   DA  C C4    1 
HETATM 143  P  P     . T5S B 2 2   ? -21.011 -4.233  -10.434 1.00 33.89 ? 2   T5S C P     1 
HETATM 144  O  OP1   . T5S B 2 2   ? -21.916 -5.080  -9.744  1.00 33.37 ? 2   T5S C OP1   1 
HETATM 145  O  OP2   . T5S B 2 2   ? -21.279 -2.698  -10.559 1.00 28.31 ? 2   T5S C OP2   1 
HETATM 146  O  "O5'" . T5S B 2 2   ? -19.595 -4.237  -9.611  1.00 27.11 ? 2   T5S C "O5'" 1 
HETATM 147  N  N1    . T5S B 2 2   ? -16.078 -2.254  -9.600  1.00 21.95 ? 2   T5S C N1    1 
HETATM 148  C  C6    . T5S B 2 2   ? -17.069 -1.982  -10.581 1.00 21.41 ? 2   T5S C C6    1 
HETATM 149  C  C2    . T5S B 2 2   ? -14.892 -1.550  -9.608  1.00 22.20 ? 2   T5S C C2    1 
HETATM 150  O  O2    . T5S B 2 2   ? -13.979 -1.763  -8.791  1.00 19.73 ? 2   T5S C O2    1 
HETATM 151  N  N3    . T5S B 2 2   ? -14.652 -0.530  -10.537 1.00 19.28 ? 2   T5S C N3    1 
HETATM 152  C  C4    . T5S B 2 2   ? -15.576 -0.281  -11.504 1.00 21.68 ? 2   T5S C C4    1 
HETATM 153  O  O4    . T5S B 2 2   ? -15.333 0.611   -12.283 1.00 20.25 ? 2   T5S C O4    1 
HETATM 154  C  C5    . T5S B 2 2   ? -16.785 -0.984  -11.479 1.00 20.92 ? 2   T5S C C5    1 
HETATM 155  SE SE    . T5S B 2 2   ? -18.127 -0.601  -12.854 0.88 26.89 ? 2   T5S C SE    1 
HETATM 156  C  CH3   . T5S B 2 2   ? -18.755 0.979   -12.145 0.88 26.20 ? 2   T5S C CH3   1 
HETATM 157  C  "C2'" . T5S B 2 2   ? -17.332 -2.780  -7.514  1.00 24.57 ? 2   T5S C "C2'" 1 
HETATM 158  C  "C5'" . T5S B 2 2   ? -19.082 -5.478  -9.125  1.00 23.97 ? 2   T5S C "C5'" 1 
HETATM 159  C  "C4'" . T5S B 2 2   ? -17.793 -5.035  -8.457  1.00 23.43 ? 2   T5S C "C4'" 1 
HETATM 160  O  "O4'" . T5S B 2 2   ? -16.943 -4.348  -9.335  1.00 23.50 ? 2   T5S C "O4'" 1 
HETATM 161  C  "C1'" . T5S B 2 2   ? -16.323 -3.318  -8.607  1.00 24.36 ? 2   T5S C "C1'" 1 
HETATM 162  C  "C3'" . T5S B 2 2   ? -18.133 -4.045  -7.317  1.00 22.46 ? 2   T5S C "C3'" 1 
HETATM 163  O  "O3'" . T5S B 2 2   ? -17.758 -4.786  -6.147  1.00 21.11 ? 2   T5S C "O3'" 1 
ATOM   164  P  P     . DG  B 2 3   ? -17.925 -3.997  -4.714  1.00 21.23 ? 3   DG  C P     1 
ATOM   165  O  OP1   . DG  B 2 3   ? -17.945 -5.136  -3.704  1.00 19.46 ? 3   DG  C OP1   1 
ATOM   166  O  OP2   . DG  B 2 3   ? -19.055 -2.945  -4.634  1.00 20.51 ? 3   DG  C OP2   1 
ATOM   167  O  "O5'" . DG  B 2 3   ? -16.668 -3.061  -4.482  1.00 19.37 ? 3   DG  C "O5'" 1 
ATOM   168  C  "C5'" . DG  B 2 3   ? -15.368 -3.678  -4.315  1.00 18.55 ? 3   DG  C "C5'" 1 
ATOM   169  C  "C4'" . DG  B 2 3   ? -14.330 -2.601  -4.091  1.00 17.77 ? 3   DG  C "C4'" 1 
ATOM   170  O  "O4'" . DG  B 2 3   ? -14.201 -1.739  -5.263  1.00 16.82 ? 3   DG  C "O4'" 1 
ATOM   171  C  "C3'" . DG  B 2 3   ? -14.696 -1.668  -2.922  1.00 17.24 ? 3   DG  C "C3'" 1 
ATOM   172  O  "O3'" . DG  B 2 3   ? -13.538 -1.519  -2.116  1.00 17.48 ? 3   DG  C "O3'" 1 
ATOM   173  C  "C2'" . DG  B 2 3   ? -15.019 -0.339  -3.589  1.00 17.83 ? 3   DG  C "C2'" 1 
ATOM   174  C  "C1'" . DG  B 2 3   ? -14.100 -0.402  -4.798  1.00 16.91 ? 3   DG  C "C1'" 1 
ATOM   175  N  N9    . DG  B 2 3   ? -14.454 0.489   -5.892  1.00 15.08 ? 3   DG  C N9    1 
ATOM   176  C  C8    . DG  B 2 3   ? -15.543 0.402   -6.730  1.00 16.75 ? 3   DG  C C8    1 
ATOM   177  N  N7    . DG  B 2 3   ? -15.517 1.282   -7.691  1.00 16.67 ? 3   DG  C N7    1 
ATOM   178  C  C5    . DG  B 2 3   ? -14.314 1.953   -7.504  1.00 15.99 ? 3   DG  C C5    1 
ATOM   179  C  C6    . DG  B 2 3   ? -13.767 3.062   -8.188  1.00 15.88 ? 3   DG  C C6    1 
ATOM   180  O  O6    . DG  B 2 3   ? -14.223 3.669   -9.165  1.00 17.64 ? 3   DG  C O6    1 
ATOM   181  N  N1    . DG  B 2 3   ? -12.566 3.480   -7.614  1.00 15.45 ? 3   DG  C N1    1 
ATOM   182  C  C2    . DG  B 2 3   ? -11.963 2.884   -6.527  1.00 13.85 ? 3   DG  C C2    1 
ATOM   183  N  N2    . DG  B 2 3   ? -10.796 3.391   -6.139  1.00 14.42 ? 3   DG  C N2    1 
ATOM   184  N  N3    . DG  B 2 3   ? -12.461 1.850   -5.887  1.00 14.95 ? 3   DG  C N3    1 
ATOM   185  C  C4    . DG  B 2 3   ? -13.633 1.441   -6.420  1.00 15.37 ? 3   DG  C C4    1 
ATOM   186  P  P     . DT  B 2 4   ? -13.619 -0.880  -0.627  1.00 17.24 ? 4   DT  C P     1 
ATOM   187  O  OP1   . DT  B 2 4   ? -12.515 -1.562  0.135   1.00 17.43 ? 4   DT  C OP1   1 
ATOM   188  O  OP2   . DT  B 2 4   ? -15.026 -1.032  -0.092  1.00 20.07 ? 4   DT  C OP2   1 
ATOM   189  O  "O5'" . DT  B 2 4   ? -13.333 0.651   -0.838  1.00 18.51 ? 4   DT  C "O5'" 1 
ATOM   190  C  "C5'" . DT  B 2 4   ? -14.207 1.715   -0.410  1.00 17.85 ? 4   DT  C "C5'" 1 
ATOM   191  C  "C4'" . DT  B 2 4   ? -13.728 2.966   -1.076  1.00 18.26 ? 4   DT  C "C4'" 1 
ATOM   192  O  "O4'" . DT  B 2 4   ? -13.964 2.922   -2.513  1.00 17.69 ? 4   DT  C "O4'" 1 
ATOM   193  C  "C3'" . DT  B 2 4   ? -14.408 4.243   -0.619  1.00 17.46 ? 4   DT  C "C3'" 1 
ATOM   194  O  "O3'" . DT  B 2 4   ? -13.613 4.756   0.449   1.00 20.67 ? 4   DT  C "O3'" 1 
ATOM   195  C  "C2'" . DT  B 2 4   ? -14.273 5.152   -1.840  1.00 20.01 ? 4   DT  C "C2'" 1 
ATOM   196  C  "C1'" . DT  B 2 4   ? -13.781 4.247   -2.970  1.00 16.81 ? 4   DT  C "C1'" 1 
ATOM   197  N  N1    . DT  B 2 4   ? -14.562 4.431   -4.200  1.00 16.60 ? 4   DT  C N1    1 
ATOM   198  C  C2    . DT  B 2 4   ? -14.077 5.297   -5.151  1.00 17.74 ? 4   DT  C C2    1 
ATOM   199  O  O2    . DT  B 2 4   ? -13.063 5.966   -4.991  1.00 18.88 ? 4   DT  C O2    1 
ATOM   200  N  N3    . DT  B 2 4   ? -14.914 5.496   -6.221  1.00 18.68 ? 4   DT  C N3    1 
ATOM   201  C  C4    . DT  B 2 4   ? -16.096 4.840   -6.497  1.00 18.71 ? 4   DT  C C4    1 
ATOM   202  O  O4    . DT  B 2 4   ? -16.720 5.108   -7.540  1.00 16.87 ? 4   DT  C O4    1 
ATOM   203  C  C5    . DT  B 2 4   ? -16.539 3.924   -5.473  1.00 18.52 ? 4   DT  C C5    1 
ATOM   204  C  C7    . DT  B 2 4   ? -17.841 3.207   -5.652  1.00 20.31 ? 4   DT  C C7    1 
ATOM   205  C  C6    . DT  B 2 4   ? -15.753 3.760   -4.387  1.00 16.72 ? 4   DT  C C6    1 
ATOM   206  P  P     . DC  B 2 5   ? -14.035 6.047   1.305   1.00 21.38 ? 5   DC  C P     1 
ATOM   207  O  OP1   . DC  B 2 5   ? -13.219 6.048   2.548   1.00 20.19 ? 5   DC  C OP1   1 
ATOM   208  O  OP2   . DC  B 2 5   ? -15.531 6.032   1.449   1.00 23.91 ? 5   DC  C OP2   1 
ATOM   209  O  "O5'" . DC  B 2 5   ? -13.629 7.285   0.418   1.00 20.66 ? 5   DC  C "O5'" 1 
ATOM   210  C  "C5'" . DC  B 2 5   ? -12.250 7.598   0.151   1.00 21.80 ? 5   DC  C "C5'" 1 
ATOM   211  C  "C4'" . DC  B 2 5   ? -12.099 8.887   -0.609  1.00 24.06 ? 5   DC  C "C4'" 1 
ATOM   212  O  "O4'" . DC  B 2 5   ? -12.639 8.752   -1.940  1.00 23.34 ? 5   DC  C "O4'" 1 
ATOM   213  C  "C3'" . DC  B 2 5   ? -12.768 10.122  0.006   1.00 25.73 ? 5   DC  C "C3'" 1 
ATOM   214  O  "O3'" . DC  B 2 5   ? -11.874 11.220  -0.194  1.00 30.07 ? 5   DC  C "O3'" 1 
ATOM   215  C  "C2'" . DC  B 2 5   ? -14.018 10.291  -0.838  1.00 22.67 ? 5   DC  C "C2'" 1 
ATOM   216  C  "C1'" . DC  B 2 5   ? -13.547 9.837   -2.201  1.00 22.76 ? 5   DC  C "C1'" 1 
ATOM   217  N  N1    . DC  B 2 5   ? -14.598 9.331   -3.131  1.00 21.96 ? 5   DC  C N1    1 
ATOM   218  C  C2    . DC  B 2 5   ? -14.619 9.804   -4.445  1.00 21.29 ? 5   DC  C C2    1 
ATOM   219  O  O2    . DC  B 2 5   ? -13.809 10.682  -4.782  1.00 22.75 ? 5   DC  C O2    1 
ATOM   220  N  N3    . DC  B 2 5   ? -15.565 9.357   -5.292  1.00 19.78 ? 5   DC  C N3    1 
ATOM   221  C  C4    . DC  B 2 5   ? -16.439 8.432   -4.889  1.00 21.01 ? 5   DC  C C4    1 
ATOM   222  N  N4    . DC  B 2 5   ? -17.335 7.999   -5.770  1.00 19.80 ? 5   DC  C N4    1 
ATOM   223  C  C5    . DC  B 2 5   ? -16.390 7.870   -3.582  1.00 23.31 ? 5   DC  C C5    1 
ATOM   224  C  C6    . DC  B 2 5   ? -15.484 8.369   -2.732  1.00 20.63 ? 5   DC  C C6    1 
ATOM   225  P  P     . DG  B 2 6   ? -12.192 12.652  0.421   1.00 32.63 ? 6   DG  C P     1 
ATOM   226  O  OP1   . DG  B 2 6   ? -10.903 13.246  0.824   1.00 37.50 ? 6   DG  C OP1   1 
ATOM   227  O  OP2   . DG  B 2 6   ? -13.309 12.514  1.357   1.00 29.61 ? 6   DG  C OP2   1 
ATOM   228  O  "O5'" . DG  B 2 6   ? -12.750 13.504  -0.805  1.00 28.60 ? 6   DG  C "O5'" 1 
ATOM   229  C  "C5'" . DG  B 2 6   ? -11.848 13.826  -1.900  1.00 34.04 ? 6   DG  C "C5'" 1 
ATOM   230  C  "C4'" . DG  B 2 6   ? -12.376 14.956  -2.757  1.00 34.65 ? 6   DG  C "C4'" 1 
ATOM   231  O  "O4'" . DG  B 2 6   ? -13.295 14.421  -3.735  1.00 37.31 ? 6   DG  C "O4'" 1 
ATOM   232  C  "C3'" . DG  B 2 6   ? -13.144 16.053  -2.015  1.00 38.65 ? 6   DG  C "C3'" 1 
ATOM   233  O  "O3'" . DG  B 2 6   ? -12.944 17.301  -2.664  1.00 43.35 ? 6   DG  C "O3'" 1 
ATOM   234  C  "C2'" . DG  B 2 6   ? -14.592 15.643  -2.172  1.00 38.29 ? 6   DG  C "C2'" 1 
ATOM   235  C  "C1'" . DG  B 2 6   ? -14.590 14.992  -3.562  1.00 35.80 ? 6   DG  C "C1'" 1 
ATOM   236  N  N9    . DG  B 2 6   ? -15.568 13.925  -3.700  1.00 28.73 ? 6   DG  C N9    1 
ATOM   237  C  C8    . DG  B 2 6   ? -15.756 12.860  -2.851  1.00 26.23 ? 6   DG  C C8    1 
ATOM   238  N  N7    . DG  B 2 6   ? -16.744 12.084  -3.212  1.00 28.28 ? 6   DG  C N7    1 
ATOM   239  C  C5    . DG  B 2 6   ? -17.200 12.640  -4.403  1.00 24.91 ? 6   DG  C C5    1 
ATOM   240  C  C6    . DG  B 2 6   ? -18.249 12.234  -5.263  1.00 23.52 ? 6   DG  C C6    1 
ATOM   241  O  O6    . DG  B 2 6   ? -18.970 11.246  -5.170  1.00 24.15 ? 6   DG  C O6    1 
ATOM   242  N  N1    . DG  B 2 6   ? -18.414 13.116  -6.329  1.00 23.96 ? 6   DG  C N1    1 
ATOM   243  C  C2    . DG  B 2 6   ? -17.661 14.242  -6.544  1.00 22.18 ? 6   DG  C C2    1 
ATOM   244  N  N2    . DG  B 2 6   ? -17.966 14.974  -7.628  1.00 22.56 ? 6   DG  C N2    1 
ATOM   245  N  N3    . DG  B 2 6   ? -16.674 14.630  -5.750  1.00 26.45 ? 6   DG  C N3    1 
ATOM   246  C  C4    . DG  B 2 6   ? -16.496 13.784  -4.712  1.00 25.06 ? 6   DG  C C4    1 
ATOM   247  N  N     . GLU C 3 8   ? 9.467   16.253  -12.223 1.00 48.51 ? 62  GLU A N     1 
ATOM   248  C  CA    . GLU C 3 8   ? 9.260   16.448  -10.754 1.00 39.55 ? 62  GLU A CA    1 
ATOM   249  C  C     . GLU C 3 8   ? 8.975   15.116  -9.961  1.00 32.16 ? 62  GLU A C     1 
ATOM   250  O  O     . GLU C 3 8   ? 8.598   15.158  -8.790  1.00 31.18 ? 62  GLU A O     1 
ATOM   251  C  CB    . GLU C 3 8   ? 8.183   17.489  -10.521 1.00 39.04 ? 62  GLU A CB    1 
ATOM   252  C  CG    . GLU C 3 8   ? 6.987   17.446  -11.465 1.00 39.70 ? 62  GLU A CG    1 
ATOM   253  C  CD    . GLU C 3 8   ? 5.890   18.341  -10.949 1.00 47.99 ? 62  GLU A CD    1 
ATOM   254  O  OE1   . GLU C 3 8   ? 5.844   18.624  -9.743  1.00 53.40 ? 62  GLU A OE1   1 
ATOM   255  O  OE2   . GLU C 3 8   ? 5.056   18.790  -11.739 1.00 61.72 ? 62  GLU A OE2   1 
ATOM   256  N  N     . ILE C 3 9   ? 9.202   13.979  -10.603 1.00 27.94 ? 63  ILE A N     1 
ATOM   257  C  CA    . ILE C 3 9   ? 9.255   12.685  -9.924  1.00 27.14 ? 63  ILE A CA    1 
ATOM   258  C  C     . ILE C 3 9   ? 10.404  12.762  -8.948  1.00 27.00 ? 63  ILE A C     1 
ATOM   259  O  O     . ILE C 3 9   ? 11.502  13.219  -9.305  1.00 23.93 ? 63  ILE A O     1 
ATOM   260  C  CB    . ILE C 3 9   ? 9.503   11.554  -10.922 1.00 25.63 ? 63  ILE A CB    1 
ATOM   261  C  CG1   . ILE C 3 9   ? 8.294   11.490  -11.888 1.00 29.82 ? 63  ILE A CG1   1 
ATOM   262  C  CG2   . ILE C 3 9   ? 9.805   10.242  -10.223 1.00 27.72 ? 63  ILE A CG2   1 
ATOM   263  C  CD1   . ILE C 3 9   ? 8.469   10.562  -13.057 1.00 29.00 ? 63  ILE A CD1   1 
ATOM   264  N  N     . ILE C 3 10  ? 10.129  12.392  -7.699  1.00 24.75 ? 64  ILE A N     1 
ATOM   265  C  CA    . ILE C 3 10  ? 11.158  12.228  -6.691  1.00 22.88 ? 64  ILE A CA    1 
ATOM   266  C  C     . ILE C 3 10  ? 11.659  10.816  -6.868  1.00 23.79 ? 64  ILE A C     1 
ATOM   267  O  O     . ILE C 3 10  ? 11.000  9.820   -6.471  1.00 20.99 ? 64  ILE A O     1 
ATOM   268  C  CB    . ILE C 3 10  ? 10.636  12.536  -5.299  1.00 24.99 ? 64  ILE A CB    1 
ATOM   269  C  CG1   . ILE C 3 10  ? 10.098  13.983  -5.269  1.00 27.72 ? 64  ILE A CG1   1 
ATOM   270  C  CG2   . ILE C 3 10  ? 11.665  12.205  -4.191  1.00 23.46 ? 64  ILE A CG2   1 
ATOM   271  C  CD1   . ILE C 3 10  ? 9.421   14.357  -3.976  1.00 30.49 ? 64  ILE A CD1   1 
ATOM   272  N  N     . TRP C 3 11  ? 12.793  10.679  -7.539  1.00 22.22 ? 65  TRP A N     1 
ATOM   273  C  CA    . TRP C 3 11  ? 13.257  9.390   -7.926  1.00 24.29 ? 65  TRP A CA    1 
ATOM   274  C  C     . TRP C 3 11  ? 13.737  8.616   -6.699  1.00 22.57 ? 65  TRP A C     1 
ATOM   275  O  O     . TRP C 3 11  ? 13.669  7.426   -6.731  1.00 22.11 ? 65  TRP A O     1 
ATOM   276  C  CB    . TRP C 3 11  ? 14.359  9.399   -8.999  1.00 27.82 ? 65  TRP A CB    1 
ATOM   277  C  CG    . TRP C 3 11  ? 13.792  9.793   -10.314 1.00 26.35 ? 65  TRP A CG    1 
ATOM   278  C  CD1   . TRP C 3 11  ? 13.772  11.054  -10.836 1.00 25.67 ? 65  TRP A CD1   1 
ATOM   279  C  CD2   . TRP C 3 11  ? 13.034  8.979   -11.198 1.00 27.50 ? 65  TRP A CD2   1 
ATOM   280  N  NE1   . TRP C 3 11  ? 13.134  11.043  -12.030 1.00 27.08 ? 65  TRP A NE1   1 
ATOM   281  C  CE2   . TRP C 3 11  ? 12.691  9.783   -12.300 1.00 29.74 ? 65  TRP A CE2   1 
ATOM   282  C  CE3   . TRP C 3 11  ? 12.718  7.608   -11.247 1.00 31.40 ? 65  TRP A CE3   1 
ATOM   283  C  CZ2   . TRP C 3 11  ? 11.938  9.307   -13.355 1.00 30.59 ? 65  TRP A CZ2   1 
ATOM   284  C  CZ3   . TRP C 3 11  ? 11.979  7.117   -12.348 1.00 31.76 ? 65  TRP A CZ3   1 
ATOM   285  C  CH2   . TRP C 3 11  ? 11.614  7.972   -13.376 1.00 29.75 ? 65  TRP A CH2   1 
ATOM   286  N  N     . GLU C 3 12  ? 14.209  9.291   -5.666  1.00 23.07 ? 66  GLU A N     1 
ATOM   287  C  CA    . GLU C 3 12  ? 14.723  8.601   -4.473  1.00 24.71 ? 66  GLU A CA    1 
ATOM   288  C  C     . GLU C 3 12  ? 13.508  8.312   -3.549  1.00 19.17 ? 66  GLU A C     1 
ATOM   289  O  O     . GLU C 3 12  ? 13.207  9.067   -2.644  1.00 19.53 ? 66  GLU A O     1 
ATOM   290  C  CB    . GLU C 3 12  ? 15.763  9.465   -3.836  1.00 23.88 ? 66  GLU A CB    1 
ATOM   291  C  CG    . GLU C 3 12  ? 16.491  8.930   -2.650  1.00 29.04 ? 66  GLU A CG    1 
ATOM   292  C  CD    . GLU C 3 12  ? 17.576  9.950   -2.229  1.00 33.51 ? 66  GLU A CD    1 
ATOM   293  O  OE1   . GLU C 3 12  ? 18.361  10.446  -3.095  1.00 34.53 ? 66  GLU A OE1   1 
ATOM   294  O  OE2   . GLU C 3 12  ? 17.649  10.254  -1.049  1.00 31.64 ? 66  GLU A OE2   1 
ATOM   295  N  N     . SER C 3 13  ? 12.736  7.295   -3.953  1.00 20.32 ? 67  SER A N     1 
ATOM   296  C  CA    . SER C 3 13  ? 11.454  6.960   -3.332  1.00 18.77 ? 67  SER A CA    1 
ATOM   297  C  C     . SER C 3 13  ? 11.135  5.499   -3.493  1.00 18.40 ? 67  SER A C     1 
ATOM   298  O  O     . SER C 3 13  ? 11.802  4.778   -4.222  1.00 17.38 ? 67  SER A O     1 
ATOM   299  C  CB    . SER C 3 13  ? 10.341  7.807   -3.978  1.00 19.80 ? 67  SER A CB    1 
ATOM   300  O  OG    . SER C 3 13  ? 10.249  7.478   -5.370  1.00 19.70 ? 67  SER A OG    1 
ATOM   301  N  N     . LEU C 3 14  ? 10.141  5.034   -2.731  1.00 16.28 ? 68  LEU A N     1 
ATOM   302  C  CA    . LEU C 3 14  ? 9.574   3.700   -2.837  1.00 16.86 ? 68  LEU A CA    1 
ATOM   303  C  C     . LEU C 3 14  ? 8.220   3.841   -3.532  1.00 19.01 ? 68  LEU A C     1 
ATOM   304  O  O     . LEU C 3 14  ? 7.436   4.717   -3.154  1.00 19.90 ? 68  LEU A O     1 
ATOM   305  C  CB    . LEU C 3 14  ? 9.321   3.116   -1.443  1.00 20.17 ? 68  LEU A CB    1 
ATOM   306  C  CG    . LEU C 3 14  ? 8.631   1.749   -1.255  1.00 23.86 ? 68  LEU A CG    1 
ATOM   307  C  CD1   . LEU C 3 14  ? 9.468   0.653   -1.808  1.00 27.47 ? 68  LEU A CD1   1 
ATOM   308  C  CD2   . LEU C 3 14  ? 8.390   1.445   0.220   1.00 26.91 ? 68  LEU A CD2   1 
ATOM   309  N  N     . SER C 3 15  ? 7.919   3.013   -4.509  1.00 15.65 ? 69  SER A N     1 
ATOM   310  C  CA    . SER C 3 15  ? 6.581   3.021   -5.131  1.00 16.41 ? 69  SER A CA    1 
ATOM   311  C  C     . SER C 3 15  ? 5.867   1.722   -4.783  1.00 15.26 ? 69  SER A C     1 
ATOM   312  O  O     . SER C 3 15  ? 6.509   0.659   -4.814  1.00 15.09 ? 69  SER A O     1 
ATOM   313  C  CB    . SER C 3 15  ? 6.753   3.129   -6.652  1.00 16.01 ? 69  SER A CB    1 
ATOM   314  O  OG    . SER C 3 15  ? 7.092   4.459   -6.988  1.00 16.26 ? 69  SER A OG    1 
ATOM   315  N  N     . VAL C 3 16  ? 4.558   1.796   -4.465  1.00 15.11 ? 70  VAL A N     1 
ATOM   316  C  CA    . VAL C 3 16  ? 3.727   0.660   -4.119  1.00 15.78 ? 70  VAL A CA    1 
ATOM   317  C  C     . VAL C 3 16  ? 2.489   0.539   -4.977  1.00 16.09 ? 70  VAL A C     1 
ATOM   318  O  O     . VAL C 3 16  ? 1.947   1.510   -5.510  1.00 15.24 ? 70  VAL A O     1 
ATOM   319  C  CB    . VAL C 3 16  ? 3.352   0.628   -2.616  1.00 15.36 ? 70  VAL A CB    1 
ATOM   320  C  CG1   . VAL C 3 16  ? 4.589   0.629   -1.774  1.00 15.58 ? 70  VAL A CG1   1 
ATOM   321  C  CG2   . VAL C 3 16  ? 2.480   1.833   -2.194  1.00 16.22 ? 70  VAL A CG2   1 
ATOM   322  N  N     . ASP C 3 17  ? 2.053   -0.689  -5.164  1.00 17.65 ? 71  ASP A N     1 
ATOM   323  C  CA    . ASP C 3 17  ? 0.792   -0.936  -5.901  1.00 17.17 ? 71  ASP A CA    1 
ATOM   324  C  C     . ASP C 3 17  ? 0.210   -2.264  -5.525  1.00 18.32 ? 71  ASP A C     1 
ATOM   325  O  O     . ASP C 3 17  ? 0.905   -3.196  -5.057  1.00 15.36 ? 71  ASP A O     1 
ATOM   326  C  CB    . ASP C 3 17  ? 0.996   -0.843  -7.442  1.00 16.69 ? 71  ASP A CB    1 
ATOM   327  C  CG    . ASP C 3 17  ? -0.259  -0.525  -8.206  1.00 18.53 ? 71  ASP A CG    1 
ATOM   328  O  OD1   . ASP C 3 17  ? -1.328  -0.100  -7.651  1.00 18.68 ? 71  ASP A OD1   1 
ATOM   329  O  OD2   . ASP C 3 17  ? -0.147  -0.709  -9.427  1.00 19.42 ? 71  ASP A OD2   1 
ATOM   330  N  N     . VAL C 3 18  ? -1.075  -2.342  -5.769  1.00 16.91 ? 72  VAL A N     1 
ATOM   331  C  CA    . VAL C 3 18  ? -1.849  -3.581  -5.670  1.00 17.00 ? 72  VAL A CA    1 
ATOM   332  C  C     . VAL C 3 18  ? -1.981  -4.296  -7.029  1.00 18.74 ? 72  VAL A C     1 
ATOM   333  O  O     . VAL C 3 18  ? -1.950  -3.651  -8.058  1.00 15.51 ? 72  VAL A O     1 
ATOM   334  C  CB    . VAL C 3 18  ? -3.248  -3.224  -5.092  1.00 16.52 ? 72  VAL A CB    1 
ATOM   335  C  CG1   . VAL C 3 18  ? -4.139  -2.519  -6.108  1.00 18.38 ? 72  VAL A CG1   1 
ATOM   336  C  CG2   . VAL C 3 18  ? -3.985  -4.467  -4.661  1.00 19.19 ? 72  VAL A CG2   1 
ATOM   337  N  N     . GLY C 3 19  ? -2.123  -5.616  -7.024  1.00 17.21 ? 73  GLY A N     1 
ATOM   338  C  CA    . GLY C 3 19  ? -2.549  -6.388  -8.222  1.00 18.04 ? 73  GLY A CA    1 
ATOM   339  C  C     . GLY C 3 19  ? -3.721  -7.289  -7.793  1.00 17.91 ? 73  GLY A C     1 
ATOM   340  O  O     . GLY C 3 19  ? -3.730  -7.791  -6.654  1.00 18.47 ? 73  GLY A O     1 
ATOM   341  N  N     . SER C 3 20  ? -4.740  -7.478  -8.647  1.00 17.87 ? 74  SER A N     1 
ATOM   342  C  CA    . SER C 3 20  ? -5.804  -8.405  -8.259  1.00 17.79 ? 74  SER A CA    1 
ATOM   343  C  C     . SER C 3 20  ? -6.284  -9.265  -9.374  1.00 18.98 ? 74  SER A C     1 
ATOM   344  O  O     . SER C 3 20  ? -6.081  -8.919  -10.547 1.00 20.33 ? 74  SER A O     1 
ATOM   345  C  CB    . SER C 3 20  ? -7.022  -7.680  -7.587  1.00 17.64 ? 74  SER A CB    1 
ATOM   346  O  OG    . SER C 3 20  ? -7.907  -7.179  -8.606  1.00 16.60 ? 74  SER A OG    1 
ATOM   347  N  N     . GLN C 3 21  ? -6.985  -10.314 -8.987  1.00 19.24 ? 75  GLN A N     1 
ATOM   348  C  CA    . GLN C 3 21  ? -7.808  -11.125 -9.948  1.00 19.34 ? 75  GLN A CA    1 
ATOM   349  C  C     . GLN C 3 21  ? -9.228  -11.126 -9.381  1.00 18.41 ? 75  GLN A C     1 
ATOM   350  O  O     . GLN C 3 21  ? -9.545  -11.793 -8.348  1.00 18.93 ? 75  GLN A O     1 
ATOM   351  C  CB    . GLN C 3 21  ? -7.201  -12.512 -10.080 1.00 22.61 ? 75  GLN A CB    1 
ATOM   352  C  CG    . GLN C 3 21  ? -7.982  -13.413 -11.034 1.00 26.84 ? 75  GLN A CG    1 
ATOM   353  C  CD    . GLN C 3 21  ? -7.459  -14.806 -11.010 1.00 30.07 ? 75  GLN A CD    1 
ATOM   354  O  OE1   . GLN C 3 21  ? -6.437  -15.066 -11.548 1.00 37.09 ? 75  GLN A OE1   1 
ATOM   355  N  NE2   . GLN C 3 21  ? -8.123  -15.674 -10.283 1.00 33.51 ? 75  GLN A NE2   1 
ATOM   356  N  N     . GLY C 3 22  ? -10.057 -10.281 -10.008 1.00 19.02 ? 76  GLY A N     1 
ATOM   357  C  CA    . GLY C 3 22  ? -11.306 -9.899  -9.480  1.00 20.30 ? 76  GLY A CA    1 
ATOM   358  C  C     . GLY C 3 22  ? -11.185 -8.771  -8.472  1.00 18.16 ? 76  GLY A C     1 
ATOM   359  O  O     . GLY C 3 22  ? -10.092 -8.529  -7.890  1.00 20.00 ? 76  GLY A O     1 
ATOM   360  N  N     . ASN C 3 23  ? -12.310 -8.109  -8.252  1.00 18.04 ? 77  ASN A N     1 
ATOM   361  C  CA    . ASN C 3 23  ? -12.428 -7.092  -7.238  1.00 18.53 ? 77  ASN A CA    1 
ATOM   362  C  C     . ASN C 3 23  ? -13.889 -6.978  -6.747  1.00 19.68 ? 77  ASN A C     1 
ATOM   363  O  O     . ASN C 3 23  ? -14.738 -6.339  -7.412  1.00 20.78 ? 77  ASN A O     1 
ATOM   364  C  CB    . ASN C 3 23  ? -11.970 -5.742  -7.767  1.00 17.86 ? 77  ASN A CB    1 
ATOM   365  C  CG    . ASN C 3 23  ? -12.002 -4.655  -6.696  1.00 17.57 ? 77  ASN A CG    1 
ATOM   366  O  OD1   . ASN C 3 23  ? -11.765 -4.913  -5.499  1.00 19.81 ? 77  ASN A OD1   1 
ATOM   367  N  ND2   . ASN C 3 23  ? -12.395 -3.454  -7.095  1.00 17.66 ? 77  ASN A ND2   1 
ATOM   368  N  N     . PRO C 3 24  ? -14.194 -7.549  -5.589  1.00 19.20 ? 78  PRO A N     1 
ATOM   369  C  CA    . PRO C 3 24  ? -13.258 -8.254  -4.698  1.00 19.36 ? 78  PRO A CA    1 
ATOM   370  C  C     . PRO C 3 24  ? -12.727 -9.516  -5.302  1.00 22.01 ? 78  PRO A C     1 
ATOM   371  O  O     . PRO C 3 24  ? -13.423 -10.164 -6.125  1.00 22.81 ? 78  PRO A O     1 
ATOM   372  C  CB    . PRO C 3 24  ? -14.159 -8.638  -3.505  1.00 19.88 ? 78  PRO A CB    1 
ATOM   373  C  CG    . PRO C 3 24  ? -15.264 -7.637  -3.519  1.00 19.81 ? 78  PRO A CG    1 
ATOM   374  C  CD    . PRO C 3 24  ? -15.540 -7.443  -4.994  1.00 20.04 ? 78  PRO A CD    1 
ATOM   375  N  N     . GLY C 3 25  ? -11.515 -9.868  -4.948  1.00 20.23 ? 79  GLY A N     1 
ATOM   376  C  CA    . GLY C 3 25  ? -10.961 -11.106 -5.384  1.00 21.30 ? 79  GLY A CA    1 
ATOM   377  C  C     . GLY C 3 25  ? -9.573  -11.294 -4.795  1.00 21.10 ? 79  GLY A C     1 
ATOM   378  O  O     . GLY C 3 25  ? -9.299  -10.794 -3.728  1.00 18.79 ? 79  GLY A O     1 
ATOM   379  N  N     . ILE C 3 26  ? -8.706  -11.994 -5.512  1.00 21.66 ? 80  ILE A N     1 
ATOM   380  C  CA    . ILE C 3 26  ? -7.401  -12.365 -4.980  1.00 22.40 ? 80  ILE A CA    1 
ATOM   381  C  C     . ILE C 3 26  ? -6.582  -11.089 -5.095  1.00 21.31 ? 80  ILE A C     1 
ATOM   382  O  O     . ILE C 3 26  ? -6.549  -10.515 -6.135  1.00 20.91 ? 80  ILE A O     1 
ATOM   383  C  CB    . ILE C 3 26  ? -6.740  -13.485 -5.776  1.00 23.86 ? 80  ILE A CB    1 
ATOM   384  C  CG1   . ILE C 3 26  ? -7.600  -14.751 -5.732  1.00 24.75 ? 80  ILE A CG1   1 
ATOM   385  C  CG2   . ILE C 3 26  ? -5.296  -13.759 -5.254  1.00 27.19 ? 80  ILE A CG2   1 
ATOM   386  C  CD1   . ILE C 3 26  ? -7.124  -15.856 -6.678  1.00 25.57 ? 80  ILE A CD1   1 
ATOM   387  N  N     . VAL C 3 27  ? -5.912  -10.707 -4.013  1.00 19.73 ? 81  VAL A N     1 
ATOM   388  C  CA    . VAL C 3 27  ? -5.165  -9.471  -3.912  1.00 18.89 ? 81  VAL A CA    1 
ATOM   389  C  C     . VAL C 3 27  ? -3.735  -9.745  -3.507  1.00 18.61 ? 81  VAL A C     1 
ATOM   390  O  O     . VAL C 3 27  ? -3.440  -10.499 -2.523  1.00 19.01 ? 81  VAL A O     1 
ATOM   391  C  CB    . VAL C 3 27  ? -5.833  -8.560  -2.817  1.00 22.34 ? 81  VAL A CB    1 
ATOM   392  C  CG1   . VAL C 3 27  ? -4.927  -7.390  -2.405  1.00 26.27 ? 81  VAL A CG1   1 
ATOM   393  C  CG2   . VAL C 3 27  ? -7.105  -8.003  -3.374  1.00 25.30 ? 81  VAL A CG2   1 
ATOM   394  N  N     . GLU C 3 28  ? -2.823  -9.078  -4.196  1.00 17.78 ? 82  GLU A N     1 
ATOM   395  C  CA    . GLU C 3 28  ? -1.417  -8.993  -3.733  1.00 18.63 ? 82  GLU A CA    1 
ATOM   396  C  C     . GLU C 3 28  ? -0.929  -7.559  -3.845  1.00 18.21 ? 82  GLU A C     1 
ATOM   397  O  O     . GLU C 3 28  ? -1.602  -6.688  -4.350  1.00 17.81 ? 82  GLU A O     1 
ATOM   398  C  CB    . GLU C 3 28  ? -0.531  -9.890  -4.613  1.00 22.31 ? 82  GLU A CB    1 
ATOM   399  C  CG    . GLU C 3 28  ? -0.383  -9.537  -6.055  1.00 25.33 ? 82  GLU A CG    1 
ATOM   400  C  CD    . GLU C 3 28  ? 0.128   -10.693 -6.966  1.00 35.09 ? 82  GLU A CD    1 
ATOM   401  O  OE1   . GLU C 3 28  ? -0.208  -10.681 -8.170  1.00 42.92 ? 82  GLU A OE1   1 
ATOM   402  O  OE2   . GLU C 3 28  ? 0.835   -11.594 -6.517  1.00 30.05 ? 82  GLU A OE2   1 
ATOM   403  N  N     . TYR C 3 29  ? 0.266   -7.305  -3.362  1.00 17.49 ? 83  TYR A N     1 
ATOM   404  C  CA    . TYR C 3 29  ? 0.873   -5.984  -3.449  1.00 16.69 ? 83  TYR A CA    1 
ATOM   405  C  C     . TYR C 3 29  ? 2.385   -6.091  -3.350  1.00 17.66 ? 83  TYR A C     1 
ATOM   406  O  O     . TYR C 3 29  ? 2.925   -7.088  -2.867  1.00 20.12 ? 83  TYR A O     1 
ATOM   407  C  CB    . TYR C 3 29  ? 0.333   -4.945  -2.424  1.00 16.47 ? 83  TYR A CB    1 
ATOM   408  C  CG    . TYR C 3 29  ? 0.415   -5.313  -0.982  1.00 17.95 ? 83  TYR A CG    1 
ATOM   409  C  CD1   . TYR C 3 29  ? 1.577   -5.181  -0.213  1.00 21.53 ? 83  TYR A CD1   1 
ATOM   410  C  CD2   . TYR C 3 29  ? -0.668  -5.959  -0.440  1.00 21.09 ? 83  TYR A CD2   1 
ATOM   411  C  CE1   . TYR C 3 29  ? 1.556   -5.583  1.123   1.00 22.98 ? 83  TYR A CE1   1 
ATOM   412  C  CE2   . TYR C 3 29  ? -0.691  -6.343  0.830   1.00 23.50 ? 83  TYR A CE2   1 
ATOM   413  C  CZ    . TYR C 3 29  ? 0.416   -6.168  1.590   1.00 22.50 ? 83  TYR A CZ    1 
ATOM   414  O  OH    . TYR C 3 29  ? 0.144   -6.662  2.843   1.00 35.80 ? 83  TYR A OH    1 
ATOM   415  N  N     . LYS C 3 30  ? 3.029   -5.057  -3.811  1.00 17.52 ? 84  LYS A N     1 
ATOM   416  C  CA    . LYS C 3 30  ? 4.434   -4.993  -3.777  1.00 16.40 ? 84  LYS A CA    1 
ATOM   417  C  C     . LYS C 3 30  ? 4.908   -3.543  -3.713  1.00 15.74 ? 84  LYS A C     1 
ATOM   418  O  O     . LYS C 3 30  ? 4.185   -2.569  -4.055  1.00 14.43 ? 84  LYS A O     1 
ATOM   419  C  CB    . LYS C 3 30  ? 5.000   -5.702  -4.997  1.00 17.63 ? 84  LYS A CB    1 
ATOM   420  C  CG    . LYS C 3 30  ? 4.858   -5.020  -6.317  1.00 19.63 ? 84  LYS A CG    1 
ATOM   421  C  CD    . LYS C 3 30  ? 5.585   -5.917  -7.330  1.00 24.28 ? 84  LYS A CD    1 
ATOM   422  C  CE    . LYS C 3 30  ? 5.644   -5.254  -8.685  1.00 29.43 ? 84  LYS A CE    1 
ATOM   423  N  NZ    . LYS C 3 30  ? 4.380   -5.506  -9.357  1.00 29.05 ? 84  LYS A NZ    1 
ATOM   424  N  N     . GLY C 3 31  ? 6.174   -3.449  -3.365  1.00 15.44 ? 85  GLY A N     1 
ATOM   425  C  CA    . GLY C 3 31  ? 6.909   -2.178  -3.306  1.00 15.46 ? 85  GLY A CA    1 
ATOM   426  C  C     . GLY C 3 31  ? 8.212   -2.270  -4.096  1.00 18.39 ? 85  GLY A C     1 
ATOM   427  O  O     . GLY C 3 31  ? 8.936   -3.290  -4.033  1.00 19.04 ? 85  GLY A O     1 
ATOM   428  N  N     . VAL C 3 32  ? 8.442   -1.255  -4.924  1.00 17.15 ? 86  VAL A N     1 
ATOM   429  C  CA    . VAL C 3 32  ? 9.676   -1.224  -5.756  1.00 20.12 ? 86  VAL A CA    1 
ATOM   430  C  C     . VAL C 3 32  ? 10.438  0.035   -5.568  1.00 19.90 ? 86  VAL A C     1 
ATOM   431  O  O     . VAL C 3 32  ? 9.876   1.049   -5.197  1.00 17.24 ? 86  VAL A O     1 
ATOM   432  C  CB    . VAL C 3 32  ? 9.343   -1.398  -7.244  1.00 19.27 ? 86  VAL A CB    1 
ATOM   433  C  CG1   . VAL C 3 32  ? 8.479   -2.645  -7.448  1.00 21.23 ? 86  VAL A CG1   1 
ATOM   434  C  CG2   . VAL C 3 32  ? 8.713   -0.191  -7.843  1.00 23.13 ? 86  VAL A CG2   1 
ATOM   435  N  N     . ASP C 3 33  ? 11.759  -0.027  -5.798  1.00 19.43 ? 87  ASP A N     1 
ATOM   436  C  CA    . ASP C 3 33  ? 12.553  1.187   -5.826  1.00 23.53 ? 87  ASP A CA    1 
ATOM   437  C  C     . ASP C 3 33  ? 12.123  1.970   -7.083  1.00 21.31 ? 87  ASP A C     1 
ATOM   438  O  O     . ASP C 3 33  ? 12.133  1.433   -8.179  1.00 22.88 ? 87  ASP A O     1 
ATOM   439  C  CB    . ASP C 3 33  ? 14.054  0.821   -5.872  1.00 26.85 ? 87  ASP A CB    1 
ATOM   440  C  CG    . ASP C 3 33  ? 14.957  2.041   -5.799  1.00 29.24 ? 87  ASP A CG    1 
ATOM   441  O  OD1   . ASP C 3 33  ? 14.811  2.933   -6.609  1.00 31.42 ? 87  ASP A OD1   1 
ATOM   442  O  OD2   . ASP C 3 33  ? 15.766  2.109   -4.887  1.00 38.06 ? 87  ASP A OD2   1 
ATOM   443  N  N     . THR C 3 34  ? 11.691  3.221   -6.928  1.00 20.83 ? 88  THR A N     1 
ATOM   444  C  CA    . THR C 3 34  ? 11.170  3.980   -8.070  1.00 21.84 ? 88  THR A CA    1 
ATOM   445  C  C     . THR C 3 34  ? 12.280  4.134   -9.167  1.00 25.98 ? 88  THR A C     1 
ATOM   446  O  O     . THR C 3 34  ? 11.970  4.116   -10.334 1.00 27.86 ? 88  THR A O     1 
ATOM   447  C  CB    . THR C 3 34  ? 10.685  5.343   -7.625  1.00 22.17 ? 88  THR A CB    1 
ATOM   448  O  OG1   . THR C 3 34  ? 9.733   5.179   -6.530  1.00 19.48 ? 88  THR A OG1   1 
ATOM   449  C  CG2   . THR C 3 34  ? 10.022  6.170   -8.763  1.00 21.22 ? 88  THR A CG2   1 
ATOM   450  N  N     . LYS C 3 35  ? 13.523  4.265   -8.740  1.00 30.73 ? 89  LYS A N     1 
ATOM   451  C  CA    . LYS C 3 35  ? 14.657  4.550   -9.671  1.00 36.08 ? 89  LYS A CA    1 
ATOM   452  C  C     . LYS C 3 35  ? 14.994  3.304   -10.472 1.00 37.90 ? 89  LYS A C     1 
ATOM   453  O  O     . LYS C 3 35  ? 14.900  3.315   -11.697 1.00 39.94 ? 89  LYS A O     1 
ATOM   454  C  CB    . LYS C 3 35  ? 15.852  5.116   -8.886  1.00 38.91 ? 89  LYS A CB    1 
ATOM   455  C  CG    . LYS C 3 35  ? 17.073  5.535   -9.744  1.00 47.62 ? 89  LYS A CG    1 
ATOM   456  C  CD    . LYS C 3 35  ? 17.894  6.660   -9.131  1.00 48.67 ? 89  LYS A CD    1 
ATOM   457  C  CE    . LYS C 3 35  ? 18.293  6.387   -7.694  1.00 53.94 ? 89  LYS A CE    1 
ATOM   458  N  NZ    . LYS C 3 35  ? 19.203  7.461   -7.196  1.00 57.02 ? 89  LYS A NZ    1 
ATOM   459  N  N     . THR C 3 36  ? 15.270  2.212   -9.779  1.00 42.40 ? 90  THR A N     1 
ATOM   460  C  CA    . THR C 3 36  ? 15.752  0.975   -10.422 1.00 43.62 ? 90  THR A CA    1 
ATOM   461  C  C     . THR C 3 36  ? 14.687  -0.034  -10.782 1.00 46.76 ? 90  THR A C     1 
ATOM   462  O  O     . THR C 3 36  ? 14.990  -0.985  -11.506 1.00 46.52 ? 90  THR A O     1 
ATOM   463  C  CB    . THR C 3 36  ? 16.717  0.232   -9.506  1.00 44.19 ? 90  THR A CB    1 
ATOM   464  O  OG1   . THR C 3 36  ? 15.970  -0.434  -8.471  1.00 41.88 ? 90  THR A OG1   1 
ATOM   465  C  CG2   . THR C 3 36  ? 17.745  1.204   -8.883  1.00 43.00 ? 90  THR A CG2   1 
ATOM   466  N  N     . GLY C 3 37  ? 13.460  0.112   -10.259 1.00 40.03 ? 91  GLY A N     1 
ATOM   467  C  CA    . GLY C 3 37  ? 12.447  -0.954  -10.370 1.00 35.13 ? 91  GLY A CA    1 
ATOM   468  C  C     . GLY C 3 37  ? 12.696  -2.244  -9.568  1.00 32.06 ? 91  GLY A C     1 
ATOM   469  O  O     . GLY C 3 37  ? 11.940  -3.203  -9.663  1.00 35.85 ? 91  GLY A O     1 
ATOM   470  N  N     . GLU C 3 38  ? 13.706  -2.289  -8.736  1.00 32.11 ? 92  GLU A N     1 
ATOM   471  C  CA    . GLU C 3 38  ? 13.972  -3.505  -8.002  1.00 33.98 ? 92  GLU A CA    1 
ATOM   472  C  C     . GLU C 3 38  ? 12.811  -3.784  -7.006  1.00 30.31 ? 92  GLU A C     1 
ATOM   473  O  O     . GLU C 3 38  ? 12.359  -2.865  -6.324  1.00 24.65 ? 92  GLU A O     1 
ATOM   474  C  CB    . GLU C 3 38  ? 15.266  -3.352  -7.238  1.00 35.80 ? 92  GLU A CB    1 
ATOM   475  C  CG    . GLU C 3 38  ? 15.762  -4.645  -6.619  1.00 44.20 ? 92  GLU A CG    1 
ATOM   476  C  CD    . GLU C 3 38  ? 16.774  -4.430  -5.488  1.00 46.55 ? 92  GLU A CD    1 
ATOM   477  O  OE1   . GLU C 3 38  ? 17.255  -3.286  -5.277  1.00 51.33 ? 92  GLU A OE1   1 
ATOM   478  O  OE2   . GLU C 3 38  ? 17.077  -5.418  -4.791  1.00 52.91 ? 92  GLU A OE2   1 
ATOM   479  N  N     . VAL C 3 39  ? 12.374  -5.034  -6.919  1.00 26.26 ? 93  VAL A N     1 
ATOM   480  C  CA    . VAL C 3 39  ? 11.279  -5.408  -6.069  1.00 26.58 ? 93  VAL A CA    1 
ATOM   481  C  C     . VAL C 3 39  ? 11.800  -5.518  -4.648  1.00 24.97 ? 93  VAL A C     1 
ATOM   482  O  O     . VAL C 3 39  ? 12.737  -6.315  -4.352  1.00 27.08 ? 93  VAL A O     1 
ATOM   483  C  CB    . VAL C 3 39  ? 10.630  -6.718  -6.564  1.00 25.58 ? 93  VAL A CB    1 
ATOM   484  C  CG1   . VAL C 3 39  ? 9.473   -7.094  -5.640  1.00 25.38 ? 93  VAL A CG1   1 
ATOM   485  C  CG2   . VAL C 3 39  ? 10.144  -6.512  -7.987  1.00 29.05 ? 93  VAL A CG2   1 
ATOM   486  N  N     . LEU C 3 40  ? 11.259  -4.731  -3.726  1.00 20.89 ? 94  LEU A N     1 
ATOM   487  C  CA    . LEU C 3 40  ? 11.803  -4.706  -2.399  1.00 21.33 ? 94  LEU A CA    1 
ATOM   488  C  C     . LEU C 3 40  ? 10.994  -5.556  -1.399  1.00 22.82 ? 94  LEU A C     1 
ATOM   489  O  O     . LEU C 3 40  ? 11.521  -6.063  -0.392  1.00 20.98 ? 94  LEU A O     1 
ATOM   490  C  CB    . LEU C 3 40  ? 11.920  -3.266  -1.916  1.00 22.19 ? 94  LEU A CB    1 
ATOM   491  C  CG    . LEU C 3 40  ? 12.876  -2.338  -2.692  1.00 23.47 ? 94  LEU A CG    1 
ATOM   492  C  CD1   . LEU C 3 40  ? 12.736  -0.939  -2.121  1.00 24.56 ? 94  LEU A CD1   1 
ATOM   493  C  CD2   . LEU C 3 40  ? 14.332  -2.789  -2.660  1.00 25.37 ? 94  LEU A CD2   1 
ATOM   494  N  N     . PHE C 3 41  ? 9.694   -5.630  -1.623  1.00 21.11 ? 95  PHE A N     1 
ATOM   495  C  CA    . PHE C 3 41  ? 8.865   -6.575  -0.931  1.00 19.31 ? 95  PHE A CA    1 
ATOM   496  C  C     . PHE C 3 41  ? 7.678   -6.922  -1.797  1.00 19.13 ? 95  PHE A C     1 
ATOM   497  O  O     . PHE C 3 41  ? 7.277   -6.142  -2.666  1.00 18.03 ? 95  PHE A O     1 
ATOM   498  C  CB    . PHE C 3 41  ? 8.431   -5.999  0.422   1.00 18.60 ? 95  PHE A CB    1 
ATOM   499  C  CG    . PHE C 3 41  ? 7.644   -4.695  0.334   1.00 16.52 ? 95  PHE A CG    1 
ATOM   500  C  CD1   . PHE C 3 41  ? 6.254   -4.695  0.114   1.00 16.57 ? 95  PHE A CD1   1 
ATOM   501  C  CD2   . PHE C 3 41  ? 8.286   -3.452  0.562   1.00 17.69 ? 95  PHE A CD2   1 
ATOM   502  C  CE1   . PHE C 3 41  ? 5.508   -3.497  0.060   1.00 16.49 ? 95  PHE A CE1   1 
ATOM   503  C  CE2   . PHE C 3 41  ? 7.537   -2.294  0.533   1.00 18.49 ? 95  PHE A CE2   1 
ATOM   504  C  CZ    . PHE C 3 41  ? 6.154   -2.308  0.257   1.00 17.27 ? 95  PHE A CZ    1 
ATOM   505  N  N     . GLU C 3 42  ? 7.096   -8.091  -1.525  1.00 20.49 ? 96  GLU A N     1 
ATOM   506  C  CA    . GLU C 3 42  ? 5.905   -8.557  -2.261  1.00 22.90 ? 96  GLU A CA    1 
ATOM   507  C  C     . GLU C 3 42  ? 5.149   -9.511  -1.329  1.00 24.13 ? 96  GLU A C     1 
ATOM   508  O  O     . GLU C 3 42  ? 5.699   -10.462 -0.776  1.00 21.98 ? 96  GLU A O     1 
ATOM   509  C  CB    . GLU C 3 42  ? 6.254   -9.230  -3.588  1.00 27.54 ? 96  GLU A CB    1 
ATOM   510  C  CG    . GLU C 3 42  ? 4.997   -9.669  -4.393  1.00 33.94 ? 96  GLU A CG    1 
ATOM   511  C  CD    . GLU C 3 42  ? 5.287   -9.944  -5.862  1.00 38.50 ? 96  GLU A CD    1 
ATOM   512  O  OE1   . GLU C 3 42  ? 6.445   -10.219 -6.225  1.00 45.04 ? 96  GLU A OE1   1 
ATOM   513  O  OE2   . GLU C 3 42  ? 4.353   -9.854  -6.654  1.00 42.31 ? 96  GLU A OE2   1 
ATOM   514  N  N     . ARG C 3 43  ? 3.883   -9.203  -1.114  1.00 21.19 ? 97  ARG A N     1 
ATOM   515  C  CA    . ARG C 3 43  ? 3.042   -9.955  -0.232  1.00 22.40 ? 97  ARG A CA    1 
ATOM   516  C  C     . ARG C 3 43  ? 2.472   -11.142 -0.986  1.00 19.29 ? 97  ARG A C     1 
ATOM   517  O  O     . ARG C 3 43  ? 1.972   -10.980 -2.136  1.00 18.70 ? 97  ARG A O     1 
ATOM   518  C  CB    . ARG C 3 43  ? 1.909   -9.041  0.243   1.00 24.11 ? 97  ARG A CB    1 
ATOM   519  C  CG    . ARG C 3 43  ? 0.746   -9.694  0.950   1.00 29.38 ? 97  ARG A CG    1 
ATOM   520  C  CD    . ARG C 3 43  ? 1.109   -10.243 2.273   1.00 28.75 ? 97  ARG A CD    1 
ATOM   521  N  NE    . ARG C 3 43  ? 0.232   -11.359 2.609   1.00 34.77 ? 97  ARG A NE    1 
ATOM   522  C  CZ    . ARG C 3 43  ? 0.117   -11.845 3.823   1.00 32.97 ? 97  ARG A CZ    1 
ATOM   523  N  NH1   . ARG C 3 43  ? 0.827   -11.325 4.824   1.00 35.43 ? 97  ARG A NH1   1 
ATOM   524  N  NH2   . ARG C 3 43  ? -0.700  -12.834 4.055   1.00 34.41 ? 97  ARG A NH2   1 
ATOM   525  N  N     . GLU C 3 44  ? 2.492   -12.298 -0.341  1.00 20.96 ? 98  GLU A N     1 
ATOM   526  C  CA    . GLU C 3 44  ? 1.787   -13.475 -0.876  1.00 22.46 ? 98  GLU A CA    1 
ATOM   527  C  C     . GLU C 3 44  ? 0.287   -13.192 -1.136  1.00 19.72 ? 98  GLU A C     1 
ATOM   528  O  O     . GLU C 3 44  ? -0.339  -12.543 -0.343  1.00 19.61 ? 98  GLU A O     1 
ATOM   529  C  CB    . GLU C 3 44  ? 1.908   -14.595 0.148   1.00 22.91 ? 98  GLU A CB    1 
ATOM   530  C  CG    . GLU C 3 44  ? 1.211   -15.861 -0.243  1.00 24.95 ? 98  GLU A CG    1 
ATOM   531  C  CD    . GLU C 3 44  ? 1.544   -17.040 0.667   1.00 29.49 ? 98  GLU A CD    1 
ATOM   532  O  OE1   . GLU C 3 44  ? 2.443   -16.912 1.568   1.00 25.08 ? 98  GLU A OE1   1 
ATOM   533  O  OE2   . GLU C 3 44  ? 0.931   -18.119 0.389   1.00 33.31 ? 98  GLU A OE2   1 
ATOM   534  N  N     . PRO C 3 45  ? -0.291  -13.726 -2.215  1.00 23.20 ? 99  PRO A N     1 
ATOM   535  C  CA    . PRO C 3 45  ? -1.704  -13.436 -2.503  1.00 21.97 ? 99  PRO A CA    1 
ATOM   536  C  C     . PRO C 3 45  ? -2.649  -13.800 -1.353  1.00 24.45 ? 99  PRO A C     1 
ATOM   537  O  O     . PRO C 3 45  ? -2.475  -14.806 -0.687  1.00 24.41 ? 99  PRO A O     1 
ATOM   538  C  CB    . PRO C 3 45  ? -1.976  -14.250 -3.754  1.00 23.19 ? 99  PRO A CB    1 
ATOM   539  C  CG    . PRO C 3 45  ? -0.635  -14.326 -4.441  1.00 24.07 ? 99  PRO A CG    1 
ATOM   540  C  CD    . PRO C 3 45  ? 0.350   -14.457 -3.335  1.00 24.38 ? 99  PRO A CD    1 
ATOM   541  N  N     . ILE C 3 46  ? -3.607  -12.919 -1.127  1.00 20.64 ? 100 ILE A N     1 
ATOM   542  C  CA    . ILE C 3 46  ? -4.636  -13.043 -0.110  1.00 21.69 ? 100 ILE A CA    1 
ATOM   543  C  C     . ILE C 3 46  ? -5.903  -13.437 -0.882  1.00 22.86 ? 100 ILE A C     1 
ATOM   544  O  O     . ILE C 3 46  ? -6.241  -12.765 -1.863  1.00 21.84 ? 100 ILE A O     1 
ATOM   545  C  CB    . ILE C 3 46  ? -4.791  -11.696 0.547   1.00 21.61 ? 100 ILE A CB    1 
ATOM   546  C  CG1   . ILE C 3 46  ? -3.438  -11.283 1.168   1.00 23.43 ? 100 ILE A CG1   1 
ATOM   547  C  CG2   . ILE C 3 46  ? -6.014  -11.655 1.514   1.00 21.89 ? 100 ILE A CG2   1 
ATOM   548  C  CD1   . ILE C 3 46  ? -3.338  -9.768  1.270   1.00 21.61 ? 100 ILE A CD1   1 
ATOM   549  N  N     . PRO C 3 47  ? -6.560  -14.536 -0.483  1.00 27.80 ? 101 PRO A N     1 
ATOM   550  C  CA    . PRO C 3 47  ? -7.625  -15.093 -1.322  1.00 28.76 ? 101 PRO A CA    1 
ATOM   551  C  C     . PRO C 3 47  ? -8.753  -14.163 -1.679  1.00 24.19 ? 101 PRO A C     1 
ATOM   552  O  O     . PRO C 3 47  ? -9.259  -14.285 -2.775  1.00 25.86 ? 101 PRO A O     1 
ATOM   553  C  CB    . PRO C 3 47  ? -8.202  -16.282 -0.478  1.00 30.53 ? 101 PRO A CB    1 
ATOM   554  C  CG    . PRO C 3 47  ? -7.558  -16.219 0.868   1.00 32.82 ? 101 PRO A CG    1 
ATOM   555  C  CD    . PRO C 3 47  ? -6.304  -15.373 0.715   1.00 31.08 ? 101 PRO A CD    1 
ATOM   556  N  N     . ILE C 3 48  ? -9.214  -13.302 -0.785  1.00 23.01 ? 102 ILE A N     1 
ATOM   557  C  CA    . ILE C 3 48  ? -10.257 -12.293 -1.106  1.00 23.84 ? 102 ILE A CA    1 
ATOM   558  C  C     . ILE C 3 48  ? -9.982  -10.967 -0.421  1.00 23.29 ? 102 ILE A C     1 
ATOM   559  O  O     . ILE C 3 48  ? -9.766  -10.914 0.807   1.00 22.08 ? 102 ILE A O     1 
ATOM   560  C  CB    . ILE C 3 48  ? -11.715 -12.708 -0.707  1.00 25.75 ? 102 ILE A CB    1 
ATOM   561  C  CG1   . ILE C 3 48  ? -12.096 -14.032 -1.341  1.00 32.53 ? 102 ILE A CG1   1 
ATOM   562  C  CG2   . ILE C 3 48  ? -12.719 -11.671 -1.119  1.00 27.54 ? 102 ILE A CG2   1 
ATOM   563  C  CD1   . ILE C 3 48  ? -11.617 -15.256 -0.621  1.00 38.58 ? 102 ILE A CD1   1 
ATOM   564  N  N     . GLY C 3 49  ? -9.971  -9.896  -1.211  1.00 19.50 ? 103 GLY A N     1 
ATOM   565  C  CA    . GLY C 3 49  ? -9.838  -8.557  -0.675  1.00 18.45 ? 103 GLY A CA    1 
ATOM   566  C  C     . GLY C 3 49  ? -10.310 -7.586  -1.704  1.00 18.28 ? 103 GLY A C     1 
ATOM   567  O  O     . GLY C 3 49  ? -10.765 -8.017  -2.765  1.00 20.67 ? 103 GLY A O     1 
ATOM   568  N  N     . THR C 3 50  ? -10.220 -6.299  -1.403  1.00 16.93 ? 104 THR A N     1 
ATOM   569  C  CA    . THR C 3 50  ? -10.597 -5.278  -2.377  1.00 16.33 ? 104 THR A CA    1 
ATOM   570  C  C     . THR C 3 50  ? -9.303  -4.620  -2.839  1.00 16.92 ? 104 THR A C     1 
ATOM   571  O  O     . THR C 3 50  ? -8.265  -4.640  -2.140  1.00 16.31 ? 104 THR A O     1 
ATOM   572  C  CB    . THR C 3 50  ? -11.554 -4.192  -1.837  1.00 16.42 ? 104 THR A CB    1 
ATOM   573  O  OG1   . THR C 3 50  ? -10.856 -3.411  -0.856  1.00 16.00 ? 104 THR A OG1   1 
ATOM   574  C  CG2   . THR C 3 50  ? -12.883 -4.799  -1.273  1.00 16.09 ? 104 THR A CG2   1 
ATOM   575  N  N     . ASN C 3 51  ? -9.427  -3.978  -3.998  1.00 16.10 ? 105 ASN A N     1 
ATOM   576  C  CA    . ASN C 3 51  ? -8.391  -3.062  -4.501  1.00 16.44 ? 105 ASN A CA    1 
ATOM   577  C  C     . ASN C 3 51  ? -7.908  -2.071  -3.485  1.00 16.37 ? 105 ASN A C     1 
ATOM   578  O  O     . ASN C 3 51  ? -6.735  -1.957  -3.274  1.00 15.53 ? 105 ASN A O     1 
ATOM   579  C  CB    . ASN C 3 51  ? -8.835  -2.385  -5.792  1.00 16.66 ? 105 ASN A CB    1 
ATOM   580  C  CG    . ASN C 3 51  ? -10.011 -1.452  -5.603  1.00 17.02 ? 105 ASN A CG    1 
ATOM   581  O  OD1   . ASN C 3 51  ? -10.858 -1.625  -4.727  1.00 16.20 ? 105 ASN A OD1   1 
ATOM   582  N  ND2   . ASN C 3 51  ? -10.030 -0.412  -6.412  1.00 17.44 ? 105 ASN A ND2   1 
ATOM   583  N  N     . ASN C 3 52  ? -8.841  -1.360  -2.805  1.00 15.66 ? 106 ASN A N     1 
ATOM   584  C  CA    . ASN C 3 52  ? -8.442  -0.314  -1.932  1.00 15.11 ? 106 ASN A CA    1 
ATOM   585  C  C     . ASN C 3 52  ? -7.801  -0.852  -0.649  1.00 15.25 ? 106 ASN A C     1 
ATOM   586  O  O     . ASN C 3 52  ? -6.839  -0.275  -0.129  1.00 14.18 ? 106 ASN A O     1 
ATOM   587  C  CB    . ASN C 3 52  ? -9.666  0.516   -1.656  1.00 14.72 ? 106 ASN A CB    1 
ATOM   588  C  CG    . ASN C 3 52  ? -10.170 1.243   -2.926  1.00 15.91 ? 106 ASN A CG    1 
ATOM   589  O  OD1   . ASN C 3 52  ? -9.372  1.713   -3.777  1.00 15.25 ? 106 ASN A OD1   1 
ATOM   590  N  ND2   . ASN C 3 52  ? -11.503 1.429   -3.013  1.00 17.11 ? 106 ASN A ND2   1 
ATOM   591  N  N     . MET C 3 53  ? -8.295  -1.985  -0.172  1.00 14.51 ? 107 MET A N     1 
ATOM   592  C  CA    . MET C 3 53  ? -7.619  -2.634  0.958   1.00 15.99 ? 107 MET A CA    1 
ATOM   593  C  C     . MET C 3 53  ? -6.180  -2.963  0.613   1.00 16.06 ? 107 MET A C     1 
ATOM   594  O  O     . MET C 3 53  ? -5.331  -2.858  1.444   1.00 16.69 ? 107 MET A O     1 
ATOM   595  C  CB    . MET C 3 53  ? -8.347  -3.917  1.334   1.00 17.59 ? 107 MET A CB    1 
ATOM   596  C  CG    . MET C 3 53  ? -9.641  -3.622  2.116   1.00 19.82 ? 107 MET A CG    1 
ATOM   597  S  SD    . MET C 3 53  ? -10.540 -5.170  2.318   1.00 28.32 ? 107 MET A SD    1 
ATOM   598  C  CE    . MET C 3 53  ? -11.145 -5.070  4.038   1.00 28.50 ? 107 MET A CE    1 
ATOM   599  N  N     . GLY C 3 54  ? -5.935  -3.474  -0.591  1.00 14.54 ? 108 GLY A N     1 
ATOM   600  C  CA    . GLY C 3 54  ? -4.588  -3.839  -0.945  1.00 15.70 ? 108 GLY A CA    1 
ATOM   601  C  C     . GLY C 3 54  ? -3.700  -2.610  -1.137  1.00 13.57 ? 108 GLY A C     1 
ATOM   602  O  O     . GLY C 3 54  ? -2.552  -2.619  -0.734  1.00 13.54 ? 108 GLY A O     1 
ATOM   603  N  N     . GLU C 3 55  ? -4.254  -1.551  -1.717  1.00 13.46 ? 109 GLU A N     1 
ATOM   604  C  CA    . GLU C 3 55  ? -3.482  -0.294  -1.911  1.00 13.67 ? 109 GLU A CA    1 
ATOM   605  C  C     . GLU C 3 55  ? -3.108  0.226   -0.529  1.00 12.53 ? 109 GLU A C     1 
ATOM   606  O  O     . GLU C 3 55  ? -2.032  0.772   -0.295  1.00 13.24 ? 109 GLU A O     1 
ATOM   607  C  CB    . GLU C 3 55  ? -4.312  0.765   -2.627  1.00 13.75 ? 109 GLU A CB    1 
ATOM   608  C  CG    . GLU C 3 55  ? -4.724  0.516   -4.059  1.00 14.51 ? 109 GLU A CG    1 
ATOM   609  C  CD    . GLU C 3 55  ? -3.661  0.864   -5.105  1.00 16.14 ? 109 GLU A CD    1 
ATOM   610  O  OE1   . GLU C 3 55  ? -2.529  1.150   -4.680  1.00 15.62 ? 109 GLU A OE1   1 
ATOM   611  O  OE2   . GLU C 3 55  ? -4.066  0.951   -6.298  1.00 18.33 ? 109 GLU A OE2   1 
ATOM   612  N  N     . PHE C 3 56  ? -4.051  0.120   0.436   1.00 14.62 ? 110 PHE A N     1 
ATOM   613  C  CA    . PHE C 3 56  ? -3.784  0.543   1.830   1.00 15.15 ? 110 PHE A CA    1 
ATOM   614  C  C     . PHE C 3 56  ? -2.684  -0.267  2.516   1.00 15.14 ? 110 PHE A C     1 
ATOM   615  O  O     . PHE C 3 56  ? -1.735  0.296   3.082   1.00 14.89 ? 110 PHE A O     1 
ATOM   616  C  CB    . PHE C 3 56  ? -5.105  0.470   2.649   1.00 16.34 ? 110 PHE A CB    1 
ATOM   617  C  CG    . PHE C 3 56  ? -4.956  0.678   4.141   1.00 15.91 ? 110 PHE A CG    1 
ATOM   618  C  CD1   . PHE C 3 56  ? -4.859  1.994   4.692   1.00 16.18 ? 110 PHE A CD1   1 
ATOM   619  C  CD2   . PHE C 3 56  ? -5.068  -0.416  5.001   1.00 15.97 ? 110 PHE A CD2   1 
ATOM   620  C  CE1   . PHE C 3 56  ? -4.795  2.164   6.093   1.00 17.01 ? 110 PHE A CE1   1 
ATOM   621  C  CE2   . PHE C 3 56  ? -4.993  -0.240  6.364   1.00 17.20 ? 110 PHE A CE2   1 
ATOM   622  C  CZ    . PHE C 3 56  ? -4.859  1.023   6.891   1.00 14.99 ? 110 PHE A CZ    1 
ATOM   623  N  N     . LEU C 3 57  ? -2.841  -1.566  2.488   1.00 13.17 ? 111 LEU A N     1 
ATOM   624  C  CA    . LEU C 3 57  ? -1.859  -2.439  3.059   1.00 13.84 ? 111 LEU A CA    1 
ATOM   625  C  C     . LEU C 3 57  ? -0.441  -2.231  2.449   1.00 13.17 ? 111 LEU A C     1 
ATOM   626  O  O     . LEU C 3 57  ? 0.564   -2.338  3.164   1.00 14.59 ? 111 LEU A O     1 
ATOM   627  C  CB    . LEU C 3 57  ? -2.280  -3.877  2.856   1.00 14.15 ? 111 LEU A CB    1 
ATOM   628  C  CG    . LEU C 3 57  ? -3.498  -4.346  3.679   1.00 14.47 ? 111 LEU A CG    1 
ATOM   629  C  CD1   . LEU C 3 57  ? -3.796  -5.758  3.287   1.00 16.26 ? 111 LEU A CD1   1 
ATOM   630  C  CD2   . LEU C 3 57  ? -3.167  -4.113  5.132   1.00 15.38 ? 111 LEU A CD2   1 
ATOM   631  N  N     . ALA C 3 58  ? -0.396  -1.926  1.156   1.00 13.47 ? 112 ALA A N     1 
ATOM   632  C  CA    . ALA C 3 58  ? 0.827   -1.675  0.491   1.00 13.44 ? 112 ALA A CA    1 
ATOM   633  C  C     . ALA C 3 58  ? 1.533   -0.431  1.025   1.00 13.52 ? 112 ALA A C     1 
ATOM   634  O  O     . ALA C 3 58  ? 2.726   -0.447  1.264   1.00 12.85 ? 112 ALA A O     1 
ATOM   635  C  CB    . ALA C 3 58  ? 0.625   -1.579  -0.985  1.00 14.94 ? 112 ALA A CB    1 
ATOM   636  N  N     . ILE C 3 59  ? 0.778   0.628   1.280   1.00 12.49 ? 113 ILE A N     1 
ATOM   637  C  CA    . ILE C 3 59  ? 1.393   1.810   1.866   1.00 13.79 ? 113 ILE A CA    1 
ATOM   638  C  C     . ILE C 3 59  ? 1.922   1.543   3.264   1.00 15.49 ? 113 ILE A C     1 
ATOM   639  O  O     . ILE C 3 59  ? 3.072   1.914   3.579   1.00 15.60 ? 113 ILE A O     1 
ATOM   640  C  CB    . ILE C 3 59  ? 0.449   3.056   1.845   1.00 13.70 ? 113 ILE A CB    1 
ATOM   641  C  CG1   . ILE C 3 59  ? 0.093   3.457   0.418   1.00 13.78 ? 113 ILE A CG1   1 
ATOM   642  C  CG2   . ILE C 3 59  ? 1.072   4.205   2.636   1.00 14.76 ? 113 ILE A CG2   1 
ATOM   643  C  CD1   . ILE C 3 59  ? -1.044  4.445   0.376   1.00 14.03 ? 113 ILE A CD1   1 
ATOM   644  N  N     . VAL C 3 60  ? 1.071   0.959   4.123   1.00 15.14 ? 114 VAL A N     1 
ATOM   645  C  CA    . VAL C 3 60  ? 1.485   0.687   5.484   1.00 15.58 ? 114 VAL A CA    1 
ATOM   646  C  C     . VAL C 3 60  ? 2.686   -0.245  5.558   1.00 15.51 ? 114 VAL A C     1 
ATOM   647  O  O     . VAL C 3 60  ? 3.625   0.015   6.295   1.00 14.19 ? 114 VAL A O     1 
ATOM   648  C  CB    . VAL C 3 60  ? 0.346   0.117   6.354   1.00 14.67 ? 114 VAL A CB    1 
ATOM   649  C  CG1   . VAL C 3 60  ? 0.867   -0.127  7.763   1.00 16.36 ? 114 VAL A CG1   1 
ATOM   650  C  CG2   . VAL C 3 60  ? -0.782  1.128   6.369   1.00 15.12 ? 114 VAL A CG2   1 
ATOM   651  N  N     . HIS C 3 61  ? 2.671   -1.302  4.747   1.00 16.07 ? 115 HIS A N     1 
ATOM   652  C  CA    . HIS C 3 61  ? 3.859   -2.144  4.602   1.00 17.92 ? 115 HIS A CA    1 
ATOM   653  C  C     . HIS C 3 61  ? 5.107   -1.306  4.228   1.00 15.81 ? 115 HIS A C     1 
ATOM   654  O  O     . HIS C 3 61  ? 6.175   -1.496  4.831   1.00 14.55 ? 115 HIS A O     1 
ATOM   655  C  CB    . HIS C 3 61  ? 3.673   -3.225  3.544   1.00 18.58 ? 115 HIS A CB    1 
ATOM   656  C  CG    . HIS C 3 61  ? 4.570   -4.408  3.746   1.00 22.98 ? 115 HIS A CG    1 
ATOM   657  N  ND1   . HIS C 3 61  ? 5.919   -4.421  3.411   1.00 25.38 ? 115 HIS A ND1   1 
ATOM   658  C  CD2   . HIS C 3 61  ? 4.307   -5.625  4.261   1.00 27.50 ? 115 HIS A CD2   1 
ATOM   659  C  CE1   . HIS C 3 61  ? 6.450   -5.579  3.751   1.00 22.07 ? 115 HIS A CE1   1 
ATOM   660  N  NE2   . HIS C 3 61  ? 5.494   -6.332  4.253   1.00 30.95 ? 115 HIS A NE2   1 
ATOM   661  N  N     . GLY C 3 62  ? 4.961   -0.436  3.228   1.00 15.13 ? 116 GLY A N     1 
ATOM   662  C  CA    . GLY C 3 62  ? 6.001   0.449   2.877   1.00 15.15 ? 116 GLY A CA    1 
ATOM   663  C  C     . GLY C 3 62  ? 6.522   1.287   4.073   1.00 15.36 ? 116 GLY A C     1 
ATOM   664  O  O     . GLY C 3 62  ? 7.754   1.529   4.239   1.00 15.11 ? 116 GLY A O     1 
ATOM   665  N  N     . LEU C 3 63  ? 5.583   1.855   4.868   1.00 14.42 ? 117 LEU A N     1 
ATOM   666  C  CA    . LEU C 3 63  ? 6.039   2.642   6.015   1.00 14.60 ? 117 LEU A CA    1 
ATOM   667  C  C     . LEU C 3 63  ? 6.864   1.852   6.958   1.00 15.26 ? 117 LEU A C     1 
ATOM   668  O  O     . LEU C 3 63  ? 7.877   2.334   7.516   1.00 15.80 ? 117 LEU A O     1 
ATOM   669  C  CB    . LEU C 3 63  ? 4.825   3.258   6.744   1.00 14.95 ? 117 LEU A CB    1 
ATOM   670  C  CG    . LEU C 3 63  ? 4.007   4.303   5.982   1.00 15.19 ? 117 LEU A CG    1 
ATOM   671  C  CD1   . LEU C 3 63  ? 2.711   4.608   6.745   1.00 17.65 ? 117 LEU A CD1   1 
ATOM   672  C  CD2   . LEU C 3 63  ? 4.792   5.585   5.861   1.00 15.52 ? 117 LEU A CD2   1 
ATOM   673  N  N     . ARG C 3 64  ? 6.432   0.611   7.184   1.00 16.74 ? 118 ARG A N     1 
ATOM   674  C  CA    . ARG C 3 64  ? 7.124   -0.256  8.118   1.00 19.32 ? 118 ARG A CA    1 
ATOM   675  C  C     . ARG C 3 64  ? 8.498   -0.643  7.604   1.00 15.43 ? 118 ARG A C     1 
ATOM   676  O  O     . ARG C 3 64  ? 9.490   -0.620  8.375   1.00 15.60 ? 118 ARG A O     1 
ATOM   677  C  CB    . ARG C 3 64  ? 6.292   -1.539  8.424   1.00 19.63 ? 118 ARG A CB    1 
ATOM   678  C  CG    . ARG C 3 64  ? 4.943   -1.228  9.041   1.00 21.83 ? 118 ARG A CG    1 
ATOM   679  C  CD    . ARG C 3 64  ? 4.081   -2.477  9.190   1.00 24.94 ? 118 ARG A CD    1 
ATOM   680  N  NE    . ARG C 3 64  ? 4.593   -3.280  10.314  1.00 28.74 ? 118 ARG A NE    1 
ATOM   681  C  CZ    . ARG C 3 64  ? 3.896   -4.216  10.946  1.00 29.08 ? 118 ARG A CZ    1 
ATOM   682  N  NH1   . ARG C 3 64  ? 2.682   -4.541  10.534  1.00 29.00 ? 118 ARG A NH1   1 
ATOM   683  N  NH2   . ARG C 3 64  ? 4.430   -4.815  12.009  1.00 32.54 ? 118 ARG A NH2   1 
ATOM   684  N  N     . TYR C 3 65  ? 8.524   -0.987  6.331   1.00 14.37 ? 119 TYR A N     1 
ATOM   685  C  CA    . TYR C 3 65  ? 9.771   -1.303  5.589   1.00 17.41 ? 119 TYR A CA    1 
ATOM   686  C  C     . TYR C 3 65  ? 10.818  -0.196  5.742   1.00 16.41 ? 119 TYR A C     1 
ATOM   687  O  O     . TYR C 3 65  ? 11.996  -0.454  6.082   1.00 17.82 ? 119 TYR A O     1 
ATOM   688  C  CB    . TYR C 3 65  ? 9.444   -1.633  4.152   1.00 16.92 ? 119 TYR A CB    1 
ATOM   689  C  CG    . TYR C 3 65  ? 10.641  -1.970  3.301   1.00 19.32 ? 119 TYR A CG    1 
ATOM   690  C  CD1   . TYR C 3 65  ? 11.365  -0.982  2.648   1.00 20.04 ? 119 TYR A CD1   1 
ATOM   691  C  CD2   . TYR C 3 65  ? 11.045  -3.320  3.154   1.00 20.84 ? 119 TYR A CD2   1 
ATOM   692  C  CE1   . TYR C 3 65  ? 12.484  -1.323  1.885   1.00 22.75 ? 119 TYR A CE1   1 
ATOM   693  C  CE2   . TYR C 3 65  ? 12.153  -3.654  2.384   1.00 20.41 ? 119 TYR A CE2   1 
ATOM   694  C  CZ    . TYR C 3 65  ? 12.850  -2.664  1.767   1.00 22.07 ? 119 TYR A CZ    1 
ATOM   695  O  OH    . TYR C 3 65  ? 13.946  -3.029  1.059   1.00 22.06 ? 119 TYR A OH    1 
ATOM   696  N  N     . LEU C 3 66  ? 10.413  1.019   5.418   1.00 16.38 ? 120 LEU A N     1 
ATOM   697  C  CA    . LEU C 3 66  ? 11.330  2.161   5.531   1.00 15.72 ? 120 LEU A CA    1 
ATOM   698  C  C     . LEU C 3 66  ? 11.712  2.479   6.966   1.00 15.49 ? 120 LEU A C     1 
ATOM   699  O  O     . LEU C 3 66  ? 12.862  2.797   7.259   1.00 17.94 ? 120 LEU A O     1 
ATOM   700  C  CB    . LEU C 3 66  ? 10.688  3.334   4.814   1.00 15.60 ? 120 LEU A CB    1 
ATOM   701  C  CG    . LEU C 3 66  ? 10.472  3.134   3.280   1.00 14.04 ? 120 LEU A CG    1 
ATOM   702  C  CD1   . LEU C 3 66  ? 9.705   4.262   2.623   1.00 17.35 ? 120 LEU A CD1   1 
ATOM   703  C  CD2   . LEU C 3 66  ? 11.758  2.898   2.498   1.00 17.27 ? 120 LEU A CD2   1 
ATOM   704  N  N     . LYS C 3 67  ? 10.751  2.412   7.889   1.00 16.48 ? 121 LYS A N     1 
ATOM   705  C  CA    . LYS C 3 67  ? 11.021  2.740   9.292   1.00 18.63 ? 121 LYS A CA    1 
ATOM   706  C  C     . LYS C 3 67  ? 12.069  1.757   9.817   1.00 18.73 ? 121 LYS A C     1 
ATOM   707  O  O     . LYS C 3 67  ? 13.044  2.174   10.444  1.00 20.23 ? 121 LYS A O     1 
ATOM   708  C  CB    . LYS C 3 67  ? 9.772   2.669   10.175  1.00 20.30 ? 121 LYS A CB    1 
ATOM   709  C  CG    . LYS C 3 67  ? 10.048  3.202   11.591  1.00 22.65 ? 121 LYS A CG    1 
ATOM   710  C  CD    . LYS C 3 67  ? 8.858   3.410   12.500  1.00 26.61 ? 121 LYS A CD    1 
ATOM   711  C  CE    . LYS C 3 67  ? 9.230   3.883   13.913  1.00 24.07 ? 121 LYS A CE    1 
ATOM   712  N  NZ    . LYS C 3 67  ? 9.503   5.335   13.882  1.00 22.51 ? 121 LYS A NZ    1 
ATOM   713  N  N     . GLU C 3 68  ? 11.896  0.474   9.539   1.00 18.02 ? 122 GLU A N     1 
ATOM   714  C  CA    . GLU C 3 68  ? 12.816  -0.576  10.067  1.00 21.08 ? 122 GLU A CA    1 
ATOM   715  C  C     . GLU C 3 68  ? 14.247  -0.357  9.523   1.00 23.00 ? 122 GLU A C     1 
ATOM   716  O  O     . GLU C 3 68  ? 15.205  -0.793  10.128  1.00 23.74 ? 122 GLU A O     1 
ATOM   717  C  CB    . GLU C 3 68  ? 12.352  -1.955  9.601   1.00 25.87 ? 122 GLU A CB    1 
ATOM   718  C  CG    . GLU C 3 68  ? 13.175  -3.168  10.035  1.00 35.13 ? 122 GLU A CG    1 
ATOM   719  C  CD    . GLU C 3 68  ? 13.137  -3.399  11.542  1.00 45.24 ? 122 GLU A CD    1 
ATOM   720  O  OE1   . GLU C 3 68  ? 12.169  -2.937  12.177  1.00 45.48 ? 122 GLU A OE1   1 
ATOM   721  O  OE2   . GLU C 3 68  ? 14.095  -4.008  12.089  1.00 51.08 ? 122 GLU A OE2   1 
ATOM   722  N  N     . ARG C 3 69  ? 14.359  0.231   8.341   1.00 20.91 ? 123 ARG A N     1 
ATOM   723  C  CA    . ARG C 3 69  ? 15.642  0.447   7.671   1.00 23.42 ? 123 ARG A CA    1 
ATOM   724  C  C     . ARG C 3 69  ? 16.200  1.886   7.830   1.00 22.78 ? 123 ARG A C     1 
ATOM   725  O  O     . ARG C 3 69  ? 17.195  2.231   7.177   1.00 19.78 ? 123 ARG A O     1 
ATOM   726  C  CB    . ARG C 3 69  ? 15.517  0.048   6.207   1.00 22.54 ? 123 ARG A CB    1 
ATOM   727  C  CG    . ARG C 3 69  ? 15.310  -1.430  6.038   1.00 23.76 ? 123 ARG A CG    1 
ATOM   728  C  CD    . ARG C 3 69  ? 14.841  -1.817  4.641   1.00 24.60 ? 123 ARG A CD    1 
ATOM   729  N  NE    . ARG C 3 69  ? 14.691  -3.264  4.526   1.00 24.44 ? 123 ARG A NE    1 
ATOM   730  C  CZ    . ARG C 3 69  ? 13.783  -4.011  5.182   1.00 29.48 ? 123 ARG A CZ    1 
ATOM   731  N  NH1   . ARG C 3 69  ? 12.861  -3.478  6.033   1.00 24.56 ? 123 ARG A NH1   1 
ATOM   732  N  NH2   . ARG C 3 69  ? 13.774  -5.328  4.989   1.00 29.74 ? 123 ARG A NH2   1 
ATOM   733  N  N     . ASN C 3 70  ? 15.594  2.670   8.716   1.00 18.24 ? 124 ASN A N     1 
ATOM   734  C  CA    . ASN C 3 70  ? 15.995  4.059   8.954   1.00 22.01 ? 124 ASN A CA    1 
ATOM   735  C  C     . ASN C 3 70  ? 16.120  4.839   7.642   1.00 22.50 ? 124 ASN A C     1 
ATOM   736  O  O     . ASN C 3 70  ? 17.118  5.543   7.420   1.00 24.87 ? 124 ASN A O     1 
ATOM   737  C  CB    . ASN C 3 70  ? 17.321  4.108   9.705   1.00 22.92 ? 124 ASN A CB    1 
ATOM   738  C  CG    . ASN C 3 70  ? 17.191  3.584   11.112  1.00 26.72 ? 124 ASN A CG    1 
ATOM   739  O  OD1   . ASN C 3 70  ? 17.996  2.788   11.579  1.00 33.86 ? 124 ASN A OD1   1 
ATOM   740  N  ND2   . ASN C 3 70  ? 16.209  4.055   11.803  1.00 26.40 ? 124 ASN A ND2   1 
ATOM   741  N  N     . SER C 3 71  ? 15.143  4.654   6.757   1.00 18.97 ? 125 SER A N     1 
ATOM   742  C  CA    . SER C 3 71  ? 15.098  5.382   5.501   1.00 18.39 ? 125 SER A CA    1 
ATOM   743  C  C     . SER C 3 71  ? 14.068  6.455   5.543   1.00 19.77 ? 125 SER A C     1 
ATOM   744  O  O     . SER C 3 71  ? 12.971  6.241   5.995   1.00 19.70 ? 125 SER A O     1 
ATOM   745  C  CB    . SER C 3 71  ? 14.862  4.474   4.298   1.00 20.24 ? 125 SER A CB    1 
ATOM   746  O  OG    . SER C 3 71  ? 14.660  5.198   3.086   1.00 18.93 ? 125 SER A OG    1 
ATOM   747  N  N     . ARG C 3 72  ? 14.416  7.634   5.018   1.00 16.69 ? 126 ARG A N     1 
ATOM   748  C  CA    . ARG C 3 72  ? 13.523  8.789   5.021   1.00 18.20 ? 126 ARG A CA    1 
ATOM   749  C  C     . ARG C 3 72  ? 12.918  8.983   3.630   1.00 18.47 ? 126 ARG A C     1 
ATOM   750  O  O     . ARG C 3 72  ? 12.192  9.970   3.436   1.00 19.52 ? 126 ARG A O     1 
ATOM   751  C  CB    . ARG C 3 72  ? 14.324  10.048  5.452   1.00 20.20 ? 126 ARG A CB    1 
ATOM   752  C  CG    . ARG C 3 72  ? 14.683  10.019  6.929   1.00 19.78 ? 126 ARG A CG    1 
ATOM   753  C  CD    . ARG C 3 72  ? 15.487  11.221  7.401   1.00 19.64 ? 126 ARG A CD    1 
ATOM   754  N  NE    . ARG C 3 72  ? 14.932  12.542  6.988   1.00 21.11 ? 126 ARG A NE    1 
ATOM   755  C  CZ    . ARG C 3 72  ? 13.971  13.196  7.604   1.00 23.70 ? 126 ARG A CZ    1 
ATOM   756  N  NH1   . ARG C 3 72  ? 13.333  12.676  8.654   1.00 23.89 ? 126 ARG A NH1   1 
ATOM   757  N  NH2   . ARG C 3 72  ? 13.617  14.374  7.154   1.00 24.24 ? 126 ARG A NH2   1 
ATOM   758  N  N     . LYS C 3 73  ? 13.104  8.013   2.732   1.00 15.83 ? 127 LYS A N     1 
ATOM   759  C  CA    . LYS C 3 73  ? 12.460  8.068   1.376   1.00 16.62 ? 127 LYS A CA    1 
ATOM   760  C  C     . LYS C 3 73  ? 10.940  8.250   1.420   1.00 17.96 ? 127 LYS A C     1 
ATOM   761  O  O     . LYS C 3 73  ? 10.258  7.661   2.259   1.00 16.24 ? 127 LYS A O     1 
ATOM   762  C  CB    . LYS C 3 73  ? 12.763  6.811   0.529   1.00 21.12 ? 127 LYS A CB    1 
ATOM   763  C  CG    . LYS C 3 73  ? 14.141  6.820   -0.065  1.00 26.90 ? 127 LYS A CG    1 
ATOM   764  C  CD    . LYS C 3 73  ? 14.401  5.491   -0.714  1.00 28.09 ? 127 LYS A CD    1 
ATOM   765  C  CE    . LYS C 3 73  ? 15.803  5.532   -1.315  1.00 30.10 ? 127 LYS A CE    1 
ATOM   766  N  NZ    . LYS C 3 73  ? 16.158  4.182   -1.753  1.00 30.95 ? 127 LYS A NZ    1 
ATOM   767  N  N     . PRO C 3 74  ? 10.383  9.056   0.502   1.00 18.04 ? 128 PRO A N     1 
ATOM   768  C  CA    . PRO C 3 74  ? 8.911   9.082   0.423   1.00 18.03 ? 128 PRO A CA    1 
ATOM   769  C  C     . PRO C 3 74  ? 8.384   7.808   -0.201  1.00 16.03 ? 128 PRO A C     1 
ATOM   770  O  O     . PRO C 3 74  ? 9.147   7.044   -0.841  1.00 15.34 ? 128 PRO A O     1 
ATOM   771  C  CB    . PRO C 3 74  ? 8.625   10.204  -0.594  1.00 18.96 ? 128 PRO A CB    1 
ATOM   772  C  CG    . PRO C 3 74  ? 9.858   10.978  -0.656  1.00 22.18 ? 128 PRO A CG    1 
ATOM   773  C  CD    . PRO C 3 74  ? 10.999  10.071  -0.362  1.00 19.75 ? 128 PRO A CD    1 
ATOM   774  N  N     . ILE C 3 75  ? 7.080   7.632   -0.080  1.00 15.43 ? 129 ILE A N     1 
ATOM   775  C  CA    . ILE C 3 75  ? 6.333   6.549   -0.719  1.00 15.95 ? 129 ILE A CA    1 
ATOM   776  C  C     . ILE C 3 75  ? 5.370   7.163   -1.731  1.00 15.54 ? 129 ILE A C     1 
ATOM   777  O  O     . ILE C 3 75  ? 4.622   8.099   -1.373  1.00 17.53 ? 129 ILE A O     1 
ATOM   778  C  CB    . ILE C 3 75  ? 5.464   5.802   0.317   1.00 17.28 ? 129 ILE A CB    1 
ATOM   779  C  CG1   . ILE C 3 75  ? 6.374   5.099   1.293   1.00 18.68 ? 129 ILE A CG1   1 
ATOM   780  C  CG2   . ILE C 3 75  ? 4.555   4.789   -0.401  1.00 19.45 ? 129 ILE A CG2   1 
ATOM   781  C  CD1   . ILE C 3 75  ? 5.668   4.457   2.490   1.00 21.07 ? 129 ILE A CD1   1 
ATOM   782  N  N     . TYR C 3 76  ? 5.413   6.651   -2.950  1.00 13.79 ? 130 TYR A N     1 
ATOM   783  C  CA    . TYR C 3 76  ? 4.412   6.945   -3.936  1.00 13.99 ? 130 TYR A CA    1 
ATOM   784  C  C     . TYR C 3 76  ? 3.338   5.875   -3.926  1.00 14.31 ? 130 TYR A C     1 
ATOM   785  O  O     . TYR C 3 76  ? 3.634   4.665   -3.981  1.00 16.97 ? 130 TYR A O     1 
ATOM   786  C  CB    . TYR C 3 76  ? 5.005   6.987   -5.339  1.00 16.20 ? 130 TYR A CB    1 
ATOM   787  C  CG    . TYR C 3 76  ? 5.645   8.327   -5.683  1.00 16.09 ? 130 TYR A CG    1 
ATOM   788  C  CD1   . TYR C 3 76  ? 4.854   9.474   -5.920  1.00 18.13 ? 130 TYR A CD1   1 
ATOM   789  C  CD2   . TYR C 3 76  ? 7.035   8.434   -5.858  1.00 19.99 ? 130 TYR A CD2   1 
ATOM   790  C  CE1   . TYR C 3 76  ? 5.432   10.698  -6.256  1.00 19.61 ? 130 TYR A CE1   1 
ATOM   791  C  CE2   . TYR C 3 76  ? 7.608   9.668   -6.220  1.00 19.03 ? 130 TYR A CE2   1 
ATOM   792  C  CZ    . TYR C 3 76  ? 6.804   10.766  -6.432  1.00 21.62 ? 130 TYR A CZ    1 
ATOM   793  O  OH    . TYR C 3 76  ? 7.393   11.957  -6.810  1.00 20.95 ? 130 TYR A OH    1 
ATOM   794  N  N     . SER C 3 77  ? 2.105   6.335   -4.002  1.00 13.77 ? 131 SER A N     1 
ATOM   795  C  CA    . SER C 3 77  ? 0.936   5.498   -4.298  1.00 14.66 ? 131 SER A CA    1 
ATOM   796  C  C     . SER C 3 77  ? 0.097   6.215   -5.309  1.00 14.24 ? 131 SER A C     1 
ATOM   797  O  O     . SER C 3 77  ? -0.012  7.458   -5.225  1.00 16.31 ? 131 SER A O     1 
ATOM   798  C  CB    . SER C 3 77  ? 0.074   5.328   -3.023  1.00 14.68 ? 131 SER A CB    1 
ATOM   799  O  OG    . SER C 3 77  ? -1.160  4.635   -3.328  1.00 15.00 ? 131 SER A OG    1 
ATOM   800  N  N     . ASN C 3 78  ? -0.564  5.466   -6.175  1.00 14.18 ? 132 ASN A N     1 
ATOM   801  C  CA    . ASN C 3 78  ? -1.590  6.119   -7.081  1.00 16.56 ? 132 ASN A CA    1 
ATOM   802  C  C     . ASN C 3 78  ? -3.041  6.221   -6.535  1.00 15.74 ? 132 ASN A C     1 
ATOM   803  O  O     . ASN C 3 78  ? -3.941  6.720   -7.249  1.00 19.10 ? 132 ASN A O     1 
ATOM   804  C  CB    . ASN C 3 78  ? -1.572  5.494   -8.447  1.00 17.50 ? 132 ASN A CB    1 
ATOM   805  C  CG    . ASN C 3 78  ? -2.073  4.107   -8.474  1.00 19.32 ? 132 ASN A CG    1 
ATOM   806  O  OD1   . ASN C 3 78  ? -2.768  3.622   -7.557  1.00 20.99 ? 132 ASN A OD1   1 
ATOM   807  N  ND2   . ASN C 3 78  ? -1.678  3.412   -9.468  1.00 20.01 ? 132 ASN A ND2   1 
ATOM   808  N  N     . SER C 3 79  ? -3.237  5.766   -5.291  1.00 15.38 ? 133 SER A N     1 
ATOM   809  C  CA    . SER C 3 79  ? -4.581  5.552   -4.725  1.00 16.49 ? 133 SER A CA    1 
ATOM   810  C  C     . SER C 3 79  ? -4.980  6.699   -3.821  1.00 16.10 ? 133 SER A C     1 
ATOM   811  O  O     . SER C 3 79  ? -4.515  6.792   -2.656  1.00 15.96 ? 133 SER A O     1 
ATOM   812  C  CB    . SER C 3 79  ? -4.615  4.239   -3.930  1.00 16.39 ? 133 SER A CB    1 
ATOM   813  O  OG    . SER C 3 79  ? -5.848  3.941   -3.263  1.00 15.34 ? 133 SER A OG    1 
ATOM   814  N  N     . GLN C 3 80  ? -5.843  7.572   -4.304  1.00 17.41 ? 134 GLN A N     1 
ATOM   815  C  CA    . GLN C 3 80  ? -6.422  8.673   -3.422  1.00 20.98 ? 134 GLN A CA    1 
ATOM   816  C  C     . GLN C 3 80  ? -7.068  8.086   -2.186  1.00 19.24 ? 134 GLN A C     1 
ATOM   817  O  O     . GLN C 3 80  ? -6.919  8.645   -1.089  1.00 19.86 ? 134 GLN A O     1 
ATOM   818  C  CB    . GLN C 3 80  ? -7.526  9.520   -4.121  1.00 25.88 ? 134 GLN A CB    1 
ATOM   819  C  CG    . GLN C 3 80  ? -8.620  8.558   -4.572  1.00 31.33 ? 134 GLN A CG    1 
ATOM   820  C  CD    . GLN C 3 80  ? -10.101 8.944   -4.790  1.00 41.90 ? 134 GLN A CD    1 
ATOM   821  O  OE1   . GLN C 3 80  ? -10.457 9.999   -5.444  1.00 39.99 ? 134 GLN A OE1   1 
ATOM   822  N  NE2   . GLN C 3 80  ? -11.000 7.941   -4.397  1.00 26.28 ? 134 GLN A NE2   1 
ATOM   823  N  N     . THR C 3 81  ? -7.715  6.920   -2.349  1.00 16.52 ? 135 THR A N     1 
ATOM   824  C  CA    . THR C 3 81  ? -8.431  6.289   -1.263  1.00 16.89 ? 135 THR A CA    1 
ATOM   825  C  C     . THR C 3 81  ? -7.448  5.807   -0.221  1.00 18.58 ? 135 THR A C     1 
ATOM   826  O  O     . THR C 3 81  ? -7.624  6.062   0.957   1.00 16.85 ? 135 THR A O     1 
ATOM   827  C  CB    . THR C 3 81  ? -9.280  5.098   -1.747  1.00 18.67 ? 135 THR A CB    1 
ATOM   828  O  OG1   . THR C 3 81  ? -10.347 5.567   -2.588  1.00 18.78 ? 135 THR A OG1   1 
ATOM   829  C  CG2   . THR C 3 81  ? -9.862  4.283   -0.535  1.00 17.85 ? 135 THR A CG2   1 
ATOM   830  N  N     . ALA C 3 82  ? -6.413  5.095   -0.634  1.00 15.95 ? 136 ALA A N     1 
ATOM   831  C  CA    . ALA C 3 82  ? -5.518  4.523   0.344   1.00 15.17 ? 136 ALA A CA    1 
ATOM   832  C  C     . ALA C 3 82  ? -4.700  5.567   1.096   1.00 15.74 ? 136 ALA A C     1 
ATOM   833  O  O     . ALA C 3 82  ? -4.412  5.408   2.308   1.00 15.80 ? 136 ALA A O     1 
ATOM   834  C  CB    . ALA C 3 82  ? -4.616  3.518   -0.326  1.00 15.71 ? 136 ALA A CB    1 
ATOM   835  N  N     . ILE C 3 83  ? -4.329  6.627   0.409   1.00 16.48 ? 137 ILE A N     1 
ATOM   836  C  CA    . ILE C 3 83  ? -3.592  7.711   0.981   1.00 17.26 ? 137 ILE A CA    1 
ATOM   837  C  C     . ILE C 3 83  ? -4.457  8.368   2.099   1.00 19.17 ? 137 ILE A C     1 
ATOM   838  O  O     . ILE C 3 83  ? -3.978  8.622   3.228   1.00 19.37 ? 137 ILE A O     1 
ATOM   839  C  CB    . ILE C 3 83  ? -3.221  8.741   -0.084  1.00 18.21 ? 137 ILE A CB    1 
ATOM   840  C  CG1   . ILE C 3 83  ? -2.137  8.143   -1.054  1.00 17.63 ? 137 ILE A CG1   1 
ATOM   841  C  CG2   . ILE C 3 83  ? -2.718  10.050  0.557   1.00 20.59 ? 137 ILE A CG2   1 
ATOM   842  C  CD1   . ILE C 3 83  ? -1.884  8.978   -2.292  1.00 19.64 ? 137 ILE A CD1   1 
ATOM   843  N  N     . LYS C 3 84  ? -5.739  8.519   1.835   1.00 19.48 ? 138 LYS A N     1 
ATOM   844  C  CA    . LYS C 3 84  ? -6.616  9.108   2.877   1.00 19.98 ? 138 LYS A CA    1 
ATOM   845  C  C     . LYS C 3 84  ? -6.813  8.160   4.039   1.00 20.09 ? 138 LYS A C     1 
ATOM   846  O  O     . LYS C 3 84  ? -6.797  8.575   5.199   1.00 23.09 ? 138 LYS A O     1 
ATOM   847  C  CB    . LYS C 3 84  ? -7.954  9.469   2.292   1.00 22.93 ? 138 LYS A CB    1 
ATOM   848  C  CG    . LYS C 3 84  ? -8.876  10.175  3.296   1.00 26.13 ? 138 LYS A CG    1 
ATOM   849  C  CD    . LYS C 3 84  ? -10.309 10.311  2.793   1.00 26.75 ? 138 LYS A CD    1 
ATOM   850  C  CE    . LYS C 3 84  ? -11.088 11.330  3.684   1.00 26.25 ? 138 LYS A CE    1 
ATOM   851  N  NZ    . LYS C 3 84  ? -11.540 10.585  4.845   1.00 28.56 ? 138 LYS A NZ    1 
ATOM   852  N  N     . TRP C 3 85  ? -6.964  6.860   3.750   1.00 18.80 ? 139 TRP A N     1 
ATOM   853  C  CA    . TRP C 3 85  ? -7.113  5.876   4.837   1.00 17.52 ? 139 TRP A CA    1 
ATOM   854  C  C     . TRP C 3 85  ? -5.889  5.858   5.709   1.00 17.96 ? 139 TRP A C     1 
ATOM   855  O  O     . TRP C 3 85  ? -5.985  5.743   6.931   1.00 17.20 ? 139 TRP A O     1 
ATOM   856  C  CB    . TRP C 3 85  ? -7.372  4.503   4.289   1.00 17.70 ? 139 TRP A CB    1 
ATOM   857  C  CG    . TRP C 3 85  ? -8.746  4.320   3.628   1.00 16.85 ? 139 TRP A CG    1 
ATOM   858  C  CD1   . TRP C 3 85  ? -9.788  5.208   3.570   1.00 18.18 ? 139 TRP A CD1   1 
ATOM   859  C  CD2   . TRP C 3 85  ? -9.237  3.111   3.051   1.00 16.91 ? 139 TRP A CD2   1 
ATOM   860  N  NE1   . TRP C 3 85  ? -10.850 4.658   2.944   1.00 18.30 ? 139 TRP A NE1   1 
ATOM   861  C  CE2   . TRP C 3 85  ? -10.552 3.368   2.600   1.00 16.72 ? 139 TRP A CE2   1 
ATOM   862  C  CE3   . TRP C 3 85  ? -8.687  1.866   2.804   1.00 15.78 ? 139 TRP A CE3   1 
ATOM   863  C  CZ2   . TRP C 3 85  ? -11.329 2.386   1.963   1.00 18.31 ? 139 TRP A CZ2   1 
ATOM   864  C  CZ3   . TRP C 3 85  ? -9.455  0.885   2.179   1.00 15.85 ? 139 TRP A CZ3   1 
ATOM   865  C  CH2   . TRP C 3 85  ? -10.748 1.143   1.729   1.00 15.99 ? 139 TRP A CH2   1 
ATOM   866  N  N     . VAL C 3 86  ? -4.702  5.915   5.115   1.00 16.23 ? 140 VAL A N     1 
ATOM   867  C  CA    . VAL C 3 86  ? -3.485  5.949   5.971   1.00 17.65 ? 140 VAL A CA    1 
ATOM   868  C  C     . VAL C 3 86  ? -3.414  7.250   6.854   1.00 20.73 ? 140 VAL A C     1 
ATOM   869  O  O     . VAL C 3 86  ? -3.147  7.201   8.049   1.00 20.44 ? 140 VAL A O     1 
ATOM   870  C  CB    . VAL C 3 86  ? -2.225  5.814   5.100   1.00 18.22 ? 140 VAL A CB    1 
ATOM   871  C  CG1   . VAL C 3 86  ? -0.941  5.968   5.931   1.00 18.59 ? 140 VAL A CG1   1 
ATOM   872  C  CG2   . VAL C 3 86  ? -2.253  4.467   4.434   1.00 17.38 ? 140 VAL A CG2   1 
ATOM   873  N  N     . LYS C 3 87  ? -3.666  8.389   6.247   1.00 23.04 ? 141 LYS A N     1 
ATOM   874  C  CA    . LYS C 3 87  ? -3.713  9.686   6.961   1.00 26.73 ? 141 LYS A CA    1 
ATOM   875  C  C     . LYS C 3 87  ? -4.716  9.674   8.115   1.00 26.77 ? 141 LYS A C     1 
ATOM   876  O  O     . LYS C 3 87  ? -4.397  10.173  9.196   1.00 25.01 ? 141 LYS A O     1 
ATOM   877  C  CB    . LYS C 3 87  ? -4.033  10.821  5.993   1.00 32.61 ? 141 LYS A CB    1 
ATOM   878  C  CG    . LYS C 3 87  ? -3.980  12.224  6.626   1.00 43.78 ? 141 LYS A CG    1 
ATOM   879  C  CD    . LYS C 3 87  ? -4.824  13.242  5.855   1.00 50.94 ? 141 LYS A CD    1 
ATOM   880  C  CE    . LYS C 3 87  ? -4.471  14.658  6.303   1.00 57.29 ? 141 LYS A CE    1 
ATOM   881  N  NZ    . LYS C 3 87  ? -5.701  15.486  6.331   1.00 63.86 ? 141 LYS A NZ    1 
ATOM   882  N  N     . ASP C 3 88  ? -5.883  9.072   7.901   1.00 26.24 ? 142 ASP A N     1 
ATOM   883  C  CA    . ASP C 3 88  ? -6.927  8.920   8.937   1.00 26.16 ? 142 ASP A CA    1 
ATOM   884  C  C     . ASP C 3 88  ? -6.647  7.818   9.953   1.00 26.89 ? 142 ASP A C     1 
ATOM   885  O  O     . ASP C 3 88  ? -7.373  7.687   10.953  1.00 25.11 ? 142 ASP A O     1 
ATOM   886  C  CB    . ASP C 3 88  ? -8.286  8.574   8.287   1.00 26.70 ? 142 ASP A CB    1 
ATOM   887  C  CG    . ASP C 3 88  ? -8.861  9.691   7.439   1.00 24.90 ? 142 ASP A CG    1 
ATOM   888  O  OD1   . ASP C 3 88  ? -8.388  10.845  7.482   1.00 29.52 ? 142 ASP A OD1   1 
ATOM   889  O  OD2   . ASP C 3 88  ? -9.824  9.386   6.695   1.00 27.27 ? 142 ASP A OD2   1 
ATOM   890  N  N     . LYS C 3 89  ? -5.678  6.954   9.673   1.00 24.89 ? 143 LYS A N     1 
ATOM   891  C  CA    . LYS C 3 89  ? -5.473  5.686   10.389  1.00 25.03 ? 143 LYS A CA    1 
ATOM   892  C  C     . LYS C 3 89  ? -6.683  4.818   10.436  1.00 26.00 ? 143 LYS A C     1 
ATOM   893  O  O     . LYS C 3 89  ? -6.914  4.049   11.416  1.00 24.00 ? 143 LYS A O     1 
ATOM   894  C  CB    . LYS C 3 89  ? -4.871  5.880   11.780  1.00 25.80 ? 143 LYS A CB    1 
ATOM   895  C  CG    . LYS C 3 89  ? -3.695  6.825   11.797  1.00 28.17 ? 143 LYS A CG    1 
ATOM   896  C  CD    . LYS C 3 89  ? -3.101  6.796   13.197  1.00 31.11 ? 143 LYS A CD    1 
ATOM   897  C  CE    . LYS C 3 89  ? -1.691  7.321   13.272  1.00 35.65 ? 143 LYS A CE    1 
ATOM   898  N  NZ    . LYS C 3 89  ? -1.598  8.765   13.132  1.00 44.44 ? 143 LYS A NZ    1 
ATOM   899  N  N     . LYS C 3 90  ? -7.455  4.875   9.354   1.00 23.43 ? 144 LYS A N     1 
ATOM   900  C  CA    . LYS C 3 90  ? -8.724  4.135   9.321   1.00 25.48 ? 144 LYS A CA    1 
ATOM   901  C  C     . LYS C 3 90  ? -9.103  3.723   7.897   1.00 20.55 ? 144 LYS A C     1 
ATOM   902  O  O     . LYS C 3 90  ? -9.324  4.596   7.083   1.00 22.98 ? 144 LYS A O     1 
ATOM   903  C  CB    . LYS C 3 90  ? -9.857  5.034   9.887   1.00 27.07 ? 144 LYS A CB    1 
ATOM   904  C  CG    . LYS C 3 90  ? -11.242 4.360   9.900   1.00 31.72 ? 144 LYS A CG    1 
ATOM   905  C  CD    . LYS C 3 90  ? -11.220 3.125   10.804  1.00 37.24 ? 144 LYS A CD    1 
ATOM   906  C  CE    . LYS C 3 90  ? -12.580 2.464   10.986  1.00 45.20 ? 144 LYS A CE    1 
ATOM   907  N  NZ    . LYS C 3 90  ? -12.523 1.436   12.078  1.00 49.45 ? 144 LYS A NZ    1 
ATOM   908  N  N     . ALA C 3 91  ? -9.119  2.422   7.651   1.00 21.67 ? 145 ALA A N     1 
ATOM   909  C  CA    . ALA C 3 91  ? -9.558  1.805   6.372   1.00 23.10 ? 145 ALA A CA    1 
ATOM   910  C  C     . ALA C 3 91  ? -11.095 1.593   6.296   1.00 25.07 ? 145 ALA A C     1 
ATOM   911  O  O     . ALA C 3 91  ? -11.600 0.573   6.704   1.00 30.88 ? 145 ALA A O     1 
ATOM   912  C  CB    . ALA C 3 91  ? -8.887  0.487   6.176   1.00 23.20 ? 145 ALA A CB    1 
ATOM   913  N  N     . LYS C 3 92  ? -11.762 2.510   5.614   1.00 23.67 ? 146 LYS A N     1 
ATOM   914  C  CA    . LYS C 3 92  ? -13.203 2.522   5.507   1.00 24.72 ? 146 LYS A CA    1 
ATOM   915  C  C     . LYS C 3 92  ? -13.758 1.729   4.327   1.00 22.35 ? 146 LYS A C     1 
ATOM   916  O  O     . LYS C 3 92  ? -14.453 2.270   3.444   1.00 23.96 ? 146 LYS A O     1 
ATOM   917  C  CB    . LYS C 3 92  ? -13.590 4.006   5.546   1.00 29.13 ? 146 LYS A CB    1 
ATOM   918  C  CG    . LYS C 3 92  ? -14.998 4.298   5.893   1.00 38.80 ? 146 LYS A CG    1 
ATOM   919  C  CD    . LYS C 3 92  ? -15.080 5.743   6.360   1.00 46.28 ? 146 LYS A CD    1 
ATOM   920  C  CE    . LYS C 3 92  ? -16.507 6.168   6.634   1.00 52.04 ? 146 LYS A CE    1 
ATOM   921  N  NZ    . LYS C 3 92  ? -17.400 5.863   5.484   1.00 52.52 ? 146 LYS A NZ    1 
ATOM   922  N  N     . SER C 3 93  ? -13.448 0.446   4.361   1.00 21.21 ? 147 SER A N     1 
ATOM   923  C  CA    . SER C 3 93  ? -13.841 -0.520  3.397   1.00 23.47 ? 147 SER A CA    1 
ATOM   924  C  C     . SER C 3 93  ? -15.277 -0.986  3.660   1.00 29.54 ? 147 SER A C     1 
ATOM   925  O  O     . SER C 3 93  ? -15.726 -1.041  4.836   1.00 27.36 ? 147 SER A O     1 
ATOM   926  C  CB    . SER C 3 93  ? -12.909 -1.720  3.431   1.00 22.05 ? 147 SER A CB    1 
ATOM   927  O  OG    . SER C 3 93  ? -13.257 -2.714  2.503   1.00 20.76 ? 147 SER A OG    1 
ATOM   928  N  N     . THR C 3 94  ? -15.972 -1.254  2.555   1.00 29.12 ? 148 THR A N     1 
ATOM   929  C  CA    . THR C 3 94  ? -17.315 -1.774  2.547   1.00 29.98 ? 148 THR A CA    1 
ATOM   930  C  C     . THR C 3 94  ? -17.325 -3.257  2.505   1.00 27.77 ? 148 THR A C     1 
ATOM   931  O  O     . THR C 3 94  ? -18.394 -3.833  2.529   1.00 31.34 ? 148 THR A O     1 
ATOM   932  C  CB    . THR C 3 94  ? -18.146 -1.304  1.297   1.00 29.16 ? 148 THR A CB    1 
ATOM   933  O  OG1   . THR C 3 94  ? -17.594 -1.883  0.066   1.00 28.77 ? 148 THR A OG1   1 
ATOM   934  C  CG2   . THR C 3 94  ? -18.209 0.203   1.266   1.00 27.98 ? 148 THR A CG2   1 
ATOM   935  N  N     . LEU C 3 95  ? -16.173 -3.922  2.368   1.00 26.01 ? 149 LEU A N     1 
ATOM   936  C  CA    . LEU C 3 95  ? -16.187 -5.327  2.150   1.00 24.54 ? 149 LEU A CA    1 
ATOM   937  C  C     . LEU C 3 95  ? -16.791 -6.033  3.361   1.00 29.01 ? 149 LEU A C     1 
ATOM   938  O  O     . LEU C 3 95  ? -16.339 -5.821  4.492   1.00 25.53 ? 149 LEU A O     1 
ATOM   939  C  CB    . LEU C 3 95  ? -14.764 -5.900  1.986   1.00 24.12 ? 149 LEU A CB    1 
ATOM   940  C  CG    . LEU C 3 95  ? -14.582 -7.376  1.783   1.00 23.47 ? 149 LEU A CG    1 
ATOM   941  C  CD1   . LEU C 3 95  ? -15.127 -7.856  0.430   1.00 27.10 ? 149 LEU A CD1   1 
ATOM   942  C  CD2   . LEU C 3 95  ? -13.118 -7.721  1.902   1.00 25.08 ? 149 LEU A CD2   1 
ATOM   943  N  N     . VAL C 3 96  ? -17.703 -6.961  3.096   1.00 29.13 ? 150 VAL A N     1 
ATOM   944  C  CA    . VAL C 3 96  ? -18.337 -7.711  4.203   1.00 32.62 ? 150 VAL A CA    1 
ATOM   945  C  C     . VAL C 3 96  ? -17.254 -8.373  5.093   1.00 35.60 ? 150 VAL A C     1 
ATOM   946  O  O     . VAL C 3 96  ? -16.282 -8.977  4.585   1.00 30.35 ? 150 VAL A O     1 
ATOM   947  C  CB    . VAL C 3 96  ? -19.424 -8.694  3.664   1.00 34.47 ? 150 VAL A CB    1 
ATOM   948  C  CG1   . VAL C 3 96  ? -18.818 -9.735  2.709   1.00 34.55 ? 150 VAL A CG1   1 
ATOM   949  C  CG2   . VAL C 3 96  ? -20.211 -9.318  4.810   1.00 37.26 ? 150 VAL A CG2   1 
ATOM   950  N  N     . ARG C 3 97  ? -17.397 -8.193  6.413   1.00 34.45 ? 151 ARG A N     1 
ATOM   951  C  CA    . ARG C 3 97  ? -16.518 -8.870  7.400   1.00 37.44 ? 151 ARG A CA    1 
ATOM   952  C  C     . ARG C 3 97  ? -17.196 -10.152 7.690   1.00 38.98 ? 151 ARG A C     1 
ATOM   953  O  O     . ARG C 3 97  ? -18.193 -10.125 8.412   1.00 42.31 ? 151 ARG A O     1 
ATOM   954  C  CB    . ARG C 3 97  ? -16.441 -8.131  8.727   1.00 40.94 ? 151 ARG A CB    1 
ATOM   955  C  CG    . ARG C 3 97  ? -15.688 -6.855  8.722   1.00 50.44 ? 151 ARG A CG    1 
ATOM   956  C  CD    . ARG C 3 97  ? -15.772 -6.207  10.085  1.00 48.75 ? 151 ARG A CD    1 
ATOM   957  N  NE    . ARG C 3 97  ? -14.471 -5.743  10.542  1.00 49.01 ? 151 ARG A NE    1 
ATOM   958  C  CZ    . ARG C 3 97  ? -13.448 -6.550  10.829  1.00 47.32 ? 151 ARG A CZ    1 
ATOM   959  N  NH1   . ARG C 3 97  ? -13.533 -7.875  10.674  1.00 41.64 ? 151 ARG A NH1   1 
ATOM   960  N  NH2   . ARG C 3 97  ? -12.329 -6.031  11.304  1.00 40.61 ? 151 ARG A NH2   1 
ATOM   961  N  N     . ASN C 3 98  ? -16.716 -11.252 7.103   1.00 35.10 ? 152 ASN A N     1 
ATOM   962  C  CA    . ASN C 3 98  ? -17.219 -12.572 7.384   1.00 38.72 ? 152 ASN A CA    1 
ATOM   963  C  C     . ASN C 3 98  ? -16.062 -13.604 7.338   1.00 42.56 ? 152 ASN A C     1 
ATOM   964  O  O     . ASN C 3 98  ? -14.902 -13.203 7.395   1.00 36.69 ? 152 ASN A O     1 
ATOM   965  C  CB    . ASN C 3 98  ? -18.355 -12.910 6.444   1.00 38.02 ? 152 ASN A CB    1 
ATOM   966  C  CG    . ASN C 3 98  ? -17.894 -13.137 5.011   1.00 42.47 ? 152 ASN A CG    1 
ATOM   967  O  OD1   . ASN C 3 98  ? -16.718 -13.341 4.716   1.00 42.80 ? 152 ASN A OD1   1 
ATOM   968  N  ND2   . ASN C 3 98  ? -18.842 -13.118 4.115   1.00 46.22 ? 152 ASN A ND2   1 
ATOM   969  N  N     . GLU C 3 99  ? -16.369 -14.904 7.303   1.00 42.29 ? 153 GLU A N     1 
ATOM   970  C  CA    . GLU C 3 99  ? -15.336 -15.968 7.403   1.00 47.26 ? 153 GLU A CA    1 
ATOM   971  C  C     . GLU C 3 99  ? -14.453 -16.015 6.174   1.00 43.11 ? 153 GLU A C     1 
ATOM   972  O  O     . GLU C 3 99  ? -13.271 -16.363 6.250   1.00 44.49 ? 153 GLU A O     1 
ATOM   973  C  CB    . GLU C 3 99  ? -15.916 -17.384 7.747   1.00 49.57 ? 153 GLU A CB    1 
ATOM   974  C  CG    . GLU C 3 99  ? -16.988 -17.986 6.812   1.00 55.08 ? 153 GLU A CG    1 
ATOM   975  C  CD    . GLU C 3 99  ? -18.429 -17.440 6.993   1.00 61.05 ? 153 GLU A CD    1 
ATOM   976  O  OE1   . GLU C 3 99  ? -18.768 -16.757 8.023   1.00 53.09 ? 153 GLU A OE1   1 
ATOM   977  O  OE2   . GLU C 3 99  ? -19.240 -17.703 6.057   1.00 62.04 ? 153 GLU A OE2   1 
ATOM   978  N  N     . GLU C 3 100 ? -15.029 -15.642 5.052   1.00 40.38 ? 154 GLU A N     1 
ATOM   979  C  CA    . GLU C 3 100 ? -14.301 -15.541 3.783   1.00 40.93 ? 154 GLU A CA    1 
ATOM   980  C  C     . GLU C 3 100 ? -13.210 -14.437 3.815   1.00 31.41 ? 154 GLU A C     1 
ATOM   981  O  O     . GLU C 3 100 ? -12.150 -14.569 3.243   1.00 32.29 ? 154 GLU A O     1 
ATOM   982  C  CB    . GLU C 3 100 ? -15.241 -15.121 2.642   1.00 45.29 ? 154 GLU A CB    1 
ATOM   983  C  CG    . GLU C 3 100 ? -16.626 -15.738 2.554   1.00 53.71 ? 154 GLU A CG    1 
ATOM   984  C  CD    . GLU C 3 100 ? -16.582 -17.174 2.085   1.00 58.02 ? 154 GLU A CD    1 
ATOM   985  O  OE1   . GLU C 3 100 ? -16.934 -17.422 0.901   1.00 59.08 ? 154 GLU A OE1   1 
ATOM   986  O  OE2   . GLU C 3 100 ? -16.178 -18.036 2.897   1.00 53.49 ? 154 GLU A OE2   1 
ATOM   987  N  N     . THR C 3 101 ? -13.568 -13.319 4.419   1.00 32.59 ? 155 THR A N     1 
ATOM   988  C  CA    . THR C 3 101 ? -12.785 -12.133 4.292   1.00 29.14 ? 155 THR A CA    1 
ATOM   989  C  C     . THR C 3 101 ? -11.976 -11.965 5.566   1.00 29.88 ? 155 THR A C     1 
ATOM   990  O  O     . THR C 3 101 ? -11.418 -10.914 5.763   1.00 23.06 ? 155 THR A O     1 
ATOM   991  C  CB    . THR C 3 101 ? -13.673 -10.925 4.002   1.00 28.71 ? 155 THR A CB    1 
ATOM   992  O  OG1   . THR C 3 101 ? -14.576 -10.652 5.087   1.00 28.12 ? 155 THR A OG1   1 
ATOM   993  C  CG2   . THR C 3 101 ? -14.428 -11.146 2.694   1.00 28.22 ? 155 THR A CG2   1 
ATOM   994  N  N     . ALA C 3 102 ? -11.882 -12.996 6.415   1.00 26.09 ? 156 ALA A N     1 
ATOM   995  C  CA    . ALA C 3 102 ? -11.240 -12.801 7.759   1.00 27.42 ? 156 ALA A CA    1 
ATOM   996  C  C     . ALA C 3 102 ? -9.748  -12.402 7.655   1.00 27.94 ? 156 ALA A C     1 
ATOM   997  O  O     . ALA C 3 102 ? -9.229  -11.632 8.469   1.00 24.13 ? 156 ALA A O     1 
ATOM   998  C  CB    . ALA C 3 102 ? -11.350 -14.103 8.594   1.00 27.19 ? 156 ALA A CB    1 
ATOM   999  N  N     . LEU C 3 103 ? -9.045  -13.049 6.742   1.00 25.67 ? 157 LEU A N     1 
ATOM   1000 C  CA    . LEU C 3 103 ? -7.623  -12.793 6.558   1.00 29.43 ? 157 LEU A CA    1 
ATOM   1001 C  C     . LEU C 3 103 ? -7.327  -11.313 6.172   1.00 27.73 ? 157 LEU A C     1 
ATOM   1002 O  O     . LEU C 3 103 ? -6.596  -10.609 6.880   1.00 27.23 ? 157 LEU A O     1 
ATOM   1003 C  CB    . LEU C 3 103 ? -6.976  -13.818 5.600   1.00 28.39 ? 157 LEU A CB    1 
ATOM   1004 C  CG    . LEU C 3 103 ? -5.480  -13.528 5.316   1.00 31.50 ? 157 LEU A CG    1 
ATOM   1005 C  CD1   . LEU C 3 103 ? -4.698  -13.368 6.630   1.00 33.10 ? 157 LEU A CD1   1 
ATOM   1006 C  CD2   . LEU C 3 103 ? -4.811  -14.537 4.401   1.00 34.13 ? 157 LEU A CD2   1 
ATOM   1007 N  N     . ILE C 3 104 ? -7.903  -10.824 5.077   1.00 21.05 ? 158 ILE A N     1 
ATOM   1008 C  CA    . ILE C 3 104 ? -7.698  -9.415  4.723   1.00 23.02 ? 158 ILE A CA    1 
ATOM   1009 C  C     . ILE C 3 104 ? -8.161  -8.439  5.839   1.00 21.03 ? 158 ILE A C     1 
ATOM   1010 O  O     . ILE C 3 104 ? -7.486  -7.478  6.135   1.00 18.17 ? 158 ILE A O     1 
ATOM   1011 C  CB    . ILE C 3 104 ? -8.273  -9.074  3.315   1.00 21.27 ? 158 ILE A CB    1 
ATOM   1012 C  CG1   . ILE C 3 104 ? -7.742  -7.690  2.838   1.00 25.95 ? 158 ILE A CG1   1 
ATOM   1013 C  CG2   . ILE C 3 104 ? -9.813  -8.982  3.327   1.00 22.45 ? 158 ILE A CG2   1 
ATOM   1014 C  CD1   . ILE C 3 104 ? -6.783  -7.733  1.698   1.00 24.03 ? 158 ILE A CD1   1 
ATOM   1015 N  N     . TRP C 3 105 ? -9.262  -8.738  6.542   1.00 19.81 ? 159 TRP A N     1 
ATOM   1016 C  CA    . TRP C 3 105 ? -9.679  -7.834  7.614   1.00 21.89 ? 159 TRP A CA    1 
ATOM   1017 C  C     . TRP C 3 105 ? -8.693  -7.856  8.802   1.00 19.17 ? 159 TRP A C     1 
ATOM   1018 O  O     . TRP C 3 105 ? -8.481  -6.816  9.428   1.00 19.67 ? 159 TRP A O     1 
ATOM   1019 C  CB    . TRP C 3 105 ? -11.131 -8.121  8.060   1.00 22.21 ? 159 TRP A CB    1 
ATOM   1020 C  CG    . TRP C 3 105 ? -12.148 -7.351  7.231   1.00 20.16 ? 159 TRP A CG    1 
ATOM   1021 C  CD1   . TRP C 3 105 ? -13.072 -7.847  6.347   1.00 21.79 ? 159 TRP A CD1   1 
ATOM   1022 C  CD2   . TRP C 3 105 ? -12.326 -5.940  7.253   1.00 21.95 ? 159 TRP A CD2   1 
ATOM   1023 N  NE1   . TRP C 3 105 ? -13.818 -6.814  5.836   1.00 22.95 ? 159 TRP A NE1   1 
ATOM   1024 C  CE2   . TRP C 3 105 ? -13.379 -5.630  6.358   1.00 20.73 ? 159 TRP A CE2   1 
ATOM   1025 C  CE3   . TRP C 3 105 ? -11.691 -4.906  7.914   1.00 20.27 ? 159 TRP A CE3   1 
ATOM   1026 C  CZ2   . TRP C 3 105 ? -13.821 -4.339  6.167   1.00 22.40 ? 159 TRP A CZ2   1 
ATOM   1027 C  CZ3   . TRP C 3 105 ? -12.117 -3.621  7.705   1.00 23.19 ? 159 TRP A CZ3   1 
ATOM   1028 C  CH2   . TRP C 3 105 ? -13.184 -3.338  6.825   1.00 22.78 ? 159 TRP A CH2   1 
ATOM   1029 N  N     . LYS C 3 106 ? -8.148  -9.018  9.080   1.00 19.76 ? 160 LYS A N     1 
ATOM   1030 C  CA    . LYS C 3 106 ? -7.110  -9.149  10.103  1.00 22.52 ? 160 LYS A CA    1 
ATOM   1031 C  C     . LYS C 3 106 ? -5.913  -8.301  9.768   1.00 22.30 ? 160 LYS A C     1 
ATOM   1032 O  O     . LYS C 3 106 ? -5.361  -7.640  10.636  1.00 18.81 ? 160 LYS A O     1 
ATOM   1033 C  CB    . LYS C 3 106 ? -6.707  -10.599 10.269  1.00 24.05 ? 160 LYS A CB    1 
ATOM   1034 C  CG    . LYS C 3 106 ? -5.500  -10.847 11.154  1.00 30.96 ? 160 LYS A CG    1 
ATOM   1035 C  CD    . LYS C 3 106 ? -5.484  -12.281 11.653  1.00 38.14 ? 160 LYS A CD    1 
ATOM   1036 C  CE    . LYS C 3 106 ? -4.583  -12.459 12.855  1.00 41.87 ? 160 LYS A CE    1 
ATOM   1037 N  NZ    . LYS C 3 106 ? -3.199  -12.600 12.369  1.00 46.28 ? 160 LYS A NZ    1 
ATOM   1038 N  N     . LEU C 3 107 ? -5.468  -8.385  8.517   1.00 21.91 ? 161 LEU A N     1 
ATOM   1039 C  CA    . LEU C 3 107 ? -4.331  -7.587  8.067   1.00 22.19 ? 161 LEU A CA    1 
ATOM   1040 C  C     . LEU C 3 107 ? -4.617  -6.103  8.143   1.00 17.98 ? 161 LEU A C     1 
ATOM   1041 O  O     . LEU C 3 107 ? -3.747  -5.373  8.538   1.00 17.23 ? 161 LEU A O     1 
ATOM   1042 C  CB    . LEU C 3 107 ? -3.902  -7.952  6.657   1.00 22.98 ? 161 LEU A CB    1 
ATOM   1043 C  CG    . LEU C 3 107 ? -3.259  -9.355  6.556   1.00 24.24 ? 161 LEU A CG    1 
ATOM   1044 C  CD1   . LEU C 3 107 ? -3.066  -9.722  5.089   1.00 25.67 ? 161 LEU A CD1   1 
ATOM   1045 C  CD2   . LEU C 3 107 ? -1.944  -9.511  7.325   1.00 25.47 ? 161 LEU A CD2   1 
ATOM   1046 N  N     . VAL C 3 108 ? -5.788  -5.665  7.664   1.00 17.14 ? 162 VAL A N     1 
ATOM   1047 C  CA    . VAL C 3 108 ? -6.225  -4.310  7.758   1.00 17.85 ? 162 VAL A CA    1 
ATOM   1048 C  C     . VAL C 3 108 ? -6.224  -3.839  9.235   1.00 19.94 ? 162 VAL A C     1 
ATOM   1049 O  O     . VAL C 3 108 ? -5.727  -2.775  9.561   1.00 17.44 ? 162 VAL A O     1 
ATOM   1050 C  CB    . VAL C 3 108 ? -7.576  -4.125  7.116   1.00 17.60 ? 162 VAL A CB    1 
ATOM   1051 C  CG1   . VAL C 3 108 ? -8.184  -2.729  7.442   1.00 20.00 ? 162 VAL A CG1   1 
ATOM   1052 C  CG2   . VAL C 3 108 ? -7.357  -4.305  5.578   1.00 17.79 ? 162 VAL A CG2   1 
ATOM   1053 N  N     . ASP C 3 109 ? -6.823  -4.642  10.094  1.00 21.14 ? 163 ASP A N     1 
ATOM   1054 C  CA    . ASP C 3 109 ? -6.835  -4.304  11.548  1.00 24.11 ? 163 ASP A CA    1 
ATOM   1055 C  C     . ASP C 3 109 ? -5.399  -4.104  12.103  1.00 23.54 ? 163 ASP A C     1 
ATOM   1056 O  O     . ASP C 3 109 ? -5.131  -3.108  12.816  1.00 23.74 ? 163 ASP A O     1 
ATOM   1057 C  CB    . ASP C 3 109 ? -7.603  -5.349  12.352  1.00 26.97 ? 163 ASP A CB    1 
ATOM   1058 C  CG    . ASP C 3 109 ? -9.138  -5.235  12.159  1.00 35.09 ? 163 ASP A CG    1 
ATOM   1059 O  OD1   . ASP C 3 109 ? -9.665  -4.326  11.433  1.00 35.74 ? 163 ASP A OD1   1 
ATOM   1060 O  OD2   . ASP C 3 109 ? -9.849  -6.085  12.744  1.00 40.92 ? 163 ASP A OD2   1 
ATOM   1061 N  N     . GLU C 3 110 ? -4.513  -4.996  11.751  1.00 20.99 ? 164 GLU A N     1 
ATOM   1062 C  CA    . GLU C 3 110 ? -3.104  -4.969  12.227  1.00 23.22 ? 164 GLU A CA    1 
ATOM   1063 C  C     . GLU C 3 110 ? -2.352  -3.778  11.629  1.00 20.77 ? 164 GLU A C     1 
ATOM   1064 O  O     . GLU C 3 110 ? -1.491  -3.190  12.290  1.00 17.04 ? 164 GLU A O     1 
ATOM   1065 C  CB    . GLU C 3 110 ? -2.396  -6.277  11.914  1.00 25.03 ? 164 GLU A CB    1 
ATOM   1066 C  CG    . GLU C 3 110 ? -2.930  -7.429  12.774  1.00 27.48 ? 164 GLU A CG    1 
ATOM   1067 C  CD    . GLU C 3 110 ? -2.554  -8.851  12.369  1.00 36.62 ? 164 GLU A CD    1 
ATOM   1068 O  OE1   . GLU C 3 110 ? -1.960  -9.086  11.285  1.00 35.94 ? 164 GLU A OE1   1 
ATOM   1069 O  OE2   . GLU C 3 110 ? -2.906  -9.782  13.176  1.00 35.47 ? 164 GLU A OE2   1 
ATOM   1070 N  N     . ALA C 3 111 ? -2.693  -3.399  10.392  1.00 19.98 ? 165 ALA A N     1 
ATOM   1071 C  CA    . ALA C 3 111 ? -2.114  -2.139  9.797   1.00 17.47 ? 165 ALA A CA    1 
ATOM   1072 C  C     . ALA C 3 111 ? -2.537  -0.897  10.522  1.00 18.50 ? 165 ALA A C     1 
ATOM   1073 O  O     . ALA C 3 111 ? -1.717  -0.053  10.862  1.00 17.72 ? 165 ALA A O     1 
ATOM   1074 C  CB    . ALA C 3 111 ? -2.480  -2.022  8.301   1.00 16.86 ? 165 ALA A CB    1 
ATOM   1075 N  N     . GLU C 3 112 ? -3.834  -0.768  10.791  1.00 16.64 ? 166 GLU A N     1 
ATOM   1076 C  CA    . GLU C 3 112 ? -4.341  0.371   11.551  1.00 19.52 ? 166 GLU A CA    1 
ATOM   1077 C  C     . GLU C 3 112 ? -3.649  0.395   12.915  1.00 17.79 ? 166 GLU A C     1 
ATOM   1078 O  O     . GLU C 3 112 ? -3.312  1.462   13.425  1.00 20.21 ? 166 GLU A O     1 
ATOM   1079 C  CB    . GLU C 3 112 ? -5.868  0.293   11.748  1.00 20.76 ? 166 GLU A CB    1 
ATOM   1080 C  CG    . GLU C 3 112 ? -6.682  0.483   10.458  1.00 20.70 ? 166 GLU A CG    1 
ATOM   1081 C  CD    . GLU C 3 112 ? -8.180  0.129   10.605  1.00 27.61 ? 166 GLU A CD    1 
ATOM   1082 O  OE1   . GLU C 3 112 ? -8.537  -0.500  11.585  1.00 24.26 ? 166 GLU A OE1   1 
ATOM   1083 O  OE2   . GLU C 3 112 ? -9.018  0.446   9.734   1.00 27.53 ? 166 GLU A OE2   1 
ATOM   1084 N  N     . GLU C 3 113 ? -3.446  -0.781  13.484  1.00 18.02 ? 167 GLU A N     1 
ATOM   1085 C  CA    . GLU C 3 113 ? -2.867  -0.834  14.829  1.00 19.18 ? 167 GLU A CA    1 
ATOM   1086 C  C     . GLU C 3 113 ? -1.406  -0.397  14.838  1.00 19.28 ? 167 GLU A C     1 
ATOM   1087 O  O     . GLU C 3 113 ? -0.980  0.275   15.764  1.00 20.28 ? 167 GLU A O     1 
ATOM   1088 C  CB    . GLU C 3 113 ? -2.940  -2.225  15.423  1.00 20.45 ? 167 GLU A CB    1 
ATOM   1089 C  CG    . GLU C 3 113 ? -2.620  -2.251  16.897  1.00 20.00 ? 167 GLU A CG    1 
ATOM   1090 C  CD    . GLU C 3 113 ? -3.676  -1.443  17.674  1.00 23.34 ? 167 GLU A CD    1 
ATOM   1091 O  OE1   . GLU C 3 113 ? -4.868  -1.414  17.339  1.00 26.06 ? 167 GLU A OE1   1 
ATOM   1092 O  OE2   . GLU C 3 113 ? -3.323  -0.815  18.614  1.00 27.71 ? 167 GLU A OE2   1 
ATOM   1093 N  N     . TRP C 3 114 ? -0.658  -0.815  13.830  1.00 17.71 ? 168 TRP A N     1 
ATOM   1094 C  CA    . TRP C 3 114 ? 0.688   -0.319  13.625  1.00 17.00 ? 168 TRP A CA    1 
ATOM   1095 C  C     . TRP C 3 114 ? 0.729   1.217   13.509  1.00 16.51 ? 168 TRP A C     1 
ATOM   1096 O  O     . TRP C 3 114 ? 1.568   1.867   14.188  1.00 17.01 ? 168 TRP A O     1 
ATOM   1097 C  CB    . TRP C 3 114 ? 1.373   -1.039  12.408  1.00 18.50 ? 168 TRP A CB    1 
ATOM   1098 C  CG    . TRP C 3 114 ? 2.843   -0.721  12.342  1.00 19.72 ? 168 TRP A CG    1 
ATOM   1099 C  CD1   . TRP C 3 114 ? 3.859   -1.409  12.965  1.00 21.83 ? 168 TRP A CD1   1 
ATOM   1100 C  CD2   . TRP C 3 114 ? 3.437   0.437   11.763  1.00 19.16 ? 168 TRP A CD2   1 
ATOM   1101 N  NE1   . TRP C 3 114 ? 5.056   -0.794  12.734  1.00 21.57 ? 168 TRP A NE1   1 
ATOM   1102 C  CE2   . TRP C 3 114 ? 4.837   0.361   12.026  1.00 21.39 ? 168 TRP A CE2   1 
ATOM   1103 C  CE3   . TRP C 3 114 ? 2.946   1.506   11.024  1.00 19.08 ? 168 TRP A CE3   1 
ATOM   1104 C  CZ2   . TRP C 3 114 ? 5.746   1.317   11.545  1.00 21.70 ? 168 TRP A CZ2   1 
ATOM   1105 C  CZ3   . TRP C 3 114 ? 3.862   2.493   10.553  1.00 21.50 ? 168 TRP A CZ3   1 
ATOM   1106 C  CH2   . TRP C 3 114 ? 5.240   2.369   10.815  1.00 20.71 ? 168 TRP A CH2   1 
ATOM   1107 N  N     . LEU C 3 115 ? -0.171  1.805   12.715  1.00 15.76 ? 169 LEU A N     1 
ATOM   1108 C  CA    . LEU C 3 115 ? -0.210  3.254   12.521  1.00 18.04 ? 169 LEU A CA    1 
ATOM   1109 C  C     . LEU C 3 115 ? -0.492  3.989   13.840  1.00 20.21 ? 169 LEU A C     1 
ATOM   1110 O  O     . LEU C 3 115 ? 0.012   5.078   14.101  1.00 18.22 ? 169 LEU A O     1 
ATOM   1111 C  CB    . LEU C 3 115 ? -1.324  3.636   11.565  1.00 17.97 ? 169 LEU A CB    1 
ATOM   1112 C  CG    . LEU C 3 115 ? -1.102  3.263   10.129  1.00 18.56 ? 169 LEU A CG    1 
ATOM   1113 C  CD1   . LEU C 3 115 ? -2.368  3.509   9.326   1.00 17.84 ? 169 LEU A CD1   1 
ATOM   1114 C  CD2   . LEU C 3 115 ? 0.067   4.071   9.596   1.00 21.15 ? 169 LEU A CD2   1 
ATOM   1115 N  N     . ASN C 3 116 ? -1.319  3.348   14.631  1.00 19.67 ? 170 ASN A N     1 
ATOM   1116 C  CA    . ASN C 3 116 ? -1.655  3.902   15.946  1.00 24.48 ? 170 ASN A CA    1 
ATOM   1117 C  C     . ASN C 3 116 ? -0.607  3.622   17.027  1.00 25.13 ? 170 ASN A C     1 
ATOM   1118 O  O     . ASN C 3 116 ? -0.804  4.106   18.124  1.00 27.99 ? 170 ASN A O     1 
ATOM   1119 C  CB    . ASN C 3 116 ? -3.011  3.323   16.378  1.00 26.30 ? 170 ASN A CB    1 
ATOM   1120 C  CG    . ASN C 3 116 ? -4.165  4.010   15.647  1.00 29.08 ? 170 ASN A CG    1 
ATOM   1121 O  OD1   . ASN C 3 116 ? -4.254  5.200   15.644  1.00 34.09 ? 170 ASN A OD1   1 
ATOM   1122 N  ND2   . ASN C 3 116 ? -5.045  3.249   15.103  1.00 32.17 ? 170 ASN A ND2   1 
ATOM   1123 N  N     . THR C 3 117 ? 0.455   2.854   16.746  1.00 21.47 ? 171 THR A N     1 
ATOM   1124 C  CA    . THR C 3 117 ? 1.491   2.588   17.747  1.00 21.80 ? 171 THR A CA    1 
ATOM   1125 C  C     . THR C 3 117 ? 2.914   3.089   17.398  1.00 22.18 ? 171 THR A C     1 
ATOM   1126 O  O     . THR C 3 117 ? 3.838   2.823   18.134  1.00 22.31 ? 171 THR A O     1 
ATOM   1127 C  CB    . THR C 3 117 ? 1.566   1.091   18.119  1.00 22.38 ? 171 THR A CB    1 
ATOM   1128 O  OG1   . THR C 3 117 ? 1.606   0.251   16.960  1.00 20.65 ? 171 THR A OG1   1 
ATOM   1129 C  CG2   . THR C 3 117 ? 0.395   0.693   19.040  1.00 26.69 ? 171 THR A CG2   1 
ATOM   1130 N  N     . HIS C 3 118 ? 3.054   3.715   16.249  1.00 22.71 ? 172 HIS A N     1 
ATOM   1131 C  CA    . HIS C 3 118 ? 4.344   4.081   15.691  1.00 22.16 ? 172 HIS A CA    1 
ATOM   1132 C  C     . HIS C 3 118 ? 4.325   5.474   15.131  1.00 22.87 ? 172 HIS A C     1 
ATOM   1133 O  O     . HIS C 3 118 ? 3.292   5.955   14.713  1.00 24.95 ? 172 HIS A O     1 
ATOM   1134 C  CB    . HIS C 3 118 ? 4.735   3.050   14.626  1.00 22.89 ? 172 HIS A CB    1 
ATOM   1135 C  CG    . HIS C 3 118 ? 4.980   1.702   15.209  1.00 21.26 ? 172 HIS A CG    1 
ATOM   1136 N  ND1   . HIS C 3 118 ? 3.941   0.840   15.509  1.00 24.24 ? 172 HIS A ND1   1 
ATOM   1137 C  CD2   . HIS C 3 118 ? 6.104   1.108   15.660  1.00 23.53 ? 172 HIS A CD2   1 
ATOM   1138 C  CE1   . HIS C 3 118 ? 4.437   -0.250  16.081  1.00 23.68 ? 172 HIS A CE1   1 
ATOM   1139 N  NE2   . HIS C 3 118 ? 5.743   -0.114  16.179  1.00 23.79 ? 172 HIS A NE2   1 
ATOM   1140 N  N     . THR C 3 119 ? 5.486   6.123   15.067  1.00 23.83 ? 173 THR A N     1 
ATOM   1141 C  CA    . THR C 3 119 ? 5.564   7.414   14.402  1.00 25.70 ? 173 THR A CA    1 
ATOM   1142 C  C     . THR C 3 119 ? 6.281   7.203   13.124  1.00 23.37 ? 173 THR A C     1 
ATOM   1143 O  O     . THR C 3 119 ? 7.002   6.253   12.958  1.00 22.74 ? 173 THR A O     1 
ATOM   1144 C  CB    . THR C 3 119 ? 6.313   8.430   15.240  1.00 27.22 ? 173 THR A CB    1 
ATOM   1145 O  OG1   . THR C 3 119 ? 7.557   7.861   15.603  1.00 29.21 ? 173 THR A OG1   1 
ATOM   1146 C  CG2   . THR C 3 119 ? 5.518   8.698   16.535  1.00 29.77 ? 173 THR A CG2   1 
ATOM   1147 N  N     . TYR C 3 120 ? 6.050   8.090   12.189  1.00 21.86 ? 174 TYR A N     1 
ATOM   1148 C  CA    . TYR C 3 120 ? 6.827   8.072   10.969  1.00 24.98 ? 174 TYR A CA    1 
ATOM   1149 C  C     . TYR C 3 120 ? 6.824   9.496   10.379  1.00 23.49 ? 174 TYR A C     1 
ATOM   1150 O  O     . TYR C 3 120 ? 5.884   10.279  10.592  1.00 25.91 ? 174 TYR A O     1 
ATOM   1151 C  CB    . TYR C 3 120 ? 6.255   7.084   9.998   1.00 25.11 ? 174 TYR A CB    1 
ATOM   1152 C  CG    . TYR C 3 120 ? 4.842   7.376   9.556   1.00 28.58 ? 174 TYR A CG    1 
ATOM   1153 C  CD1   . TYR C 3 120 ? 4.638   8.176   8.440   1.00 30.18 ? 174 TYR A CD1   1 
ATOM   1154 C  CD2   . TYR C 3 120 ? 3.701   6.833   10.210  1.00 28.91 ? 174 TYR A CD2   1 
ATOM   1155 C  CE1   . TYR C 3 120 ? 3.373   8.485   7.997   1.00 31.64 ? 174 TYR A CE1   1 
ATOM   1156 C  CE2   . TYR C 3 120 ? 2.408   7.123   9.728   1.00 27.25 ? 174 TYR A CE2   1 
ATOM   1157 C  CZ    . TYR C 3 120 ? 2.283   7.947   8.633   1.00 28.59 ? 174 TYR A CZ    1 
ATOM   1158 O  OH    . TYR C 3 120 ? 1.081   8.278   8.061   1.00 33.07 ? 174 TYR A OH    1 
ATOM   1159 N  N     . GLU C 3 121 ? 7.842   9.769   9.633   1.00 25.77 ? 175 GLU A N     1 
ATOM   1160 C  CA    . GLU C 3 121 ? 7.936   11.087  8.963   1.00 30.71 ? 175 GLU A CA    1 
ATOM   1161 C  C     . GLU C 3 121 ? 7.742   10.971  7.437   1.00 31.23 ? 175 GLU A C     1 
ATOM   1162 O  O     . GLU C 3 121 ? 7.584   11.999  6.770   1.00 25.95 ? 175 GLU A O     1 
ATOM   1163 C  CB    . GLU C 3 121 ? 9.273   11.752  9.315   1.00 37.62 ? 175 GLU A CB    1 
ATOM   1164 C  CG    . GLU C 3 121 ? 10.526  10.855  9.098   1.00 47.49 ? 175 GLU A CG    1 
ATOM   1165 C  CD    . GLU C 3 121 ? 11.237  10.400  10.370  1.00 57.81 ? 175 GLU A CD    1 
ATOM   1166 O  OE1   . GLU C 3 121 ? 10.553  10.274  11.421  1.00 57.52 ? 175 GLU A OE1   1 
ATOM   1167 O  OE2   . GLU C 3 121 ? 12.493  10.194  10.308  1.00 62.84 ? 175 GLU A OE2   1 
ATOM   1168 N  N     . THR C 3 122 ? 7.759   9.725   6.904   1.00 26.79 ? 176 THR A N     1 
ATOM   1169 C  CA    . THR C 3 122 ? 7.627   9.423   5.463   1.00 24.88 ? 176 THR A CA    1 
ATOM   1170 C  C     . THR C 3 122 ? 6.543   10.214  4.781   1.00 24.43 ? 176 THR A C     1 
ATOM   1171 O  O     . THR C 3 122 ? 5.330   10.063  5.118   1.00 23.10 ? 176 THR A O     1 
ATOM   1172 C  CB    . THR C 3 122 ? 7.252   7.971   5.258   1.00 25.01 ? 176 THR A CB    1 
ATOM   1173 O  OG1   . THR C 3 122 ? 8.106   7.162   6.074   1.00 22.64 ? 176 THR A OG1   1 
ATOM   1174 C  CG2   . THR C 3 122 ? 7.335   7.611   3.855   1.00 23.96 ? 176 THR A CG2   1 
ATOM   1175 N  N     . PRO C 3 123 ? 6.938   11.030  3.789   1.00 21.93 ? 177 PRO A N     1 
ATOM   1176 C  CA    . PRO C 3 123 ? 5.866   11.684  3.028   1.00 21.35 ? 177 PRO A CA    1 
ATOM   1177 C  C     . PRO C 3 123 ? 5.171   10.691  2.122   1.00 21.18 ? 177 PRO A C     1 
ATOM   1178 O  O     . PRO C 3 123 ? 5.824   9.860   1.523   1.00 17.87 ? 177 PRO A O     1 
ATOM   1179 C  CB    . PRO C 3 123 ? 6.607   12.720  2.197   1.00 22.83 ? 177 PRO A CB    1 
ATOM   1180 C  CG    . PRO C 3 123 ? 7.909   12.969  2.892   1.00 21.49 ? 177 PRO A CG    1 
ATOM   1181 C  CD    . PRO C 3 123 ? 8.265   11.600  3.453   1.00 21.87 ? 177 PRO A CD    1 
ATOM   1182 N  N     . ILE C 3 124 ? 3.856   10.748  2.060   1.00 19.37 ? 178 ILE A N     1 
ATOM   1183 C  CA    . ILE C 3 124 ? 3.091   9.825   1.234   1.00 19.00 ? 178 ILE A CA    1 
ATOM   1184 C  C     . ILE C 3 124 ? 2.598   10.686  0.148   1.00 19.36 ? 178 ILE A C     1 
ATOM   1185 O  O     . ILE C 3 124 ? 1.807   11.607  0.375   1.00 19.35 ? 178 ILE A O     1 
ATOM   1186 C  CB    . ILE C 3 124 ? 1.940   9.154   1.993   1.00 20.52 ? 178 ILE A CB    1 
ATOM   1187 C  CG1   . ILE C 3 124 ? 2.515   8.327   3.178   1.00 21.34 ? 178 ILE A CG1   1 
ATOM   1188 C  CG2   . ILE C 3 124 ? 1.140   8.228   1.073   1.00 22.19 ? 178 ILE A CG2   1 
ATOM   1189 C  CD1   . ILE C 3 124 ? 1.457   8.036   4.220   1.00 26.06 ? 178 ILE A CD1   1 
ATOM   1190 N  N     . LEU C 3 125 ? 3.062   10.380  -1.037  1.00 17.74 ? 179 LEU A N     1 
ATOM   1191 C  CA    . LEU C 3 125 ? 2.846   11.190  -2.254  1.00 18.36 ? 179 LEU A CA    1 
ATOM   1192 C  C     . LEU C 3 125 ? 2.001   10.507  -3.279  1.00 18.76 ? 179 LEU A C     1 
ATOM   1193 O  O     . LEU C 3 125 ? 2.138   9.287   -3.522  1.00 18.99 ? 179 LEU A O     1 
ATOM   1194 C  CB    . LEU C 3 125 ? 4.189   11.481  -2.860  1.00 18.51 ? 179 LEU A CB    1 
ATOM   1195 C  CG    . LEU C 3 125 ? 5.229   12.137  -1.960  1.00 19.27 ? 179 LEU A CG    1 
ATOM   1196 C  CD1   . LEU C 3 125 ? 6.531   12.299  -2.719  1.00 20.60 ? 179 LEU A CD1   1 
ATOM   1197 C  CD2   . LEU C 3 125 ? 4.730   13.498  -1.454  1.00 21.01 ? 179 LEU A CD2   1 
ATOM   1198 N  N     . LYS C 3 126 ? 1.130   11.306  -3.932  1.00 18.67 ? 180 LYS A N     1 
ATOM   1199 C  CA    . LYS C 3 126 ? 0.318   10.869  -5.043  1.00 18.95 ? 180 LYS A CA    1 
ATOM   1200 C  C     . LYS C 3 126 ? 1.144   10.754  -6.305  1.00 19.56 ? 180 LYS A C     1 
ATOM   1201 O  O     . LYS C 3 126 ? 1.724   11.724  -6.800  1.00 19.72 ? 180 LYS A O     1 
ATOM   1202 C  CB    . LYS C 3 126 ? -0.828  11.842  -5.274  1.00 20.66 ? 180 LYS A CB    1 
ATOM   1203 C  CG    . LYS C 3 126 ? -1.755  11.511  -6.428  1.00 19.57 ? 180 LYS A CG    1 
ATOM   1204 C  CD    . LYS C 3 126 ? -2.532  10.206  -6.217  1.00 18.69 ? 180 LYS A CD    1 
ATOM   1205 C  CE    . LYS C 3 126 ? -3.550  10.055  -7.278  1.00 18.81 ? 180 LYS A CE    1 
ATOM   1206 N  NZ    . LYS C 3 126 ? -2.923  9.736   -8.574  1.00 19.30 ? 180 LYS A NZ    1 
ATOM   1207 N  N     . TRP C 3 127 ? 1.222   9.552   -6.838  1.00 19.62 ? 181 TRP A N     1 
ATOM   1208 C  CA    . TRP C 3 127 ? 1.806   9.345   -8.130  1.00 19.79 ? 181 TRP A CA    1 
ATOM   1209 C  C     . TRP C 3 127 ? 0.867   9.875   -9.208  1.00 22.57 ? 181 TRP A C     1 
ATOM   1210 O  O     . TRP C 3 127 ? -0.311  9.517   -9.237  1.00 21.64 ? 181 TRP A O     1 
ATOM   1211 C  CB    . TRP C 3 127 ? 2.087   7.880   -8.363  1.00 19.86 ? 181 TRP A CB    1 
ATOM   1212 C  CG    . TRP C 3 127 ? 2.678   7.585   -9.710  1.00 20.37 ? 181 TRP A CG    1 
ATOM   1213 C  CD1   . TRP C 3 127 ? 2.033   7.159   -10.850 1.00 19.57 ? 181 TRP A CD1   1 
ATOM   1214 C  CD2   . TRP C 3 127 ? 4.058   7.682   -10.033 1.00 21.24 ? 181 TRP A CD2   1 
ATOM   1215 N  NE1   . TRP C 3 127 ? 2.935   7.010   -11.878 1.00 22.61 ? 181 TRP A NE1   1 
ATOM   1216 C  CE2   . TRP C 3 127 ? 4.190   7.325   -11.404 1.00 22.48 ? 181 TRP A CE2   1 
ATOM   1217 C  CE3   . TRP C 3 127 ? 5.201   8.045   -9.309  1.00 21.57 ? 181 TRP A CE3   1 
ATOM   1218 C  CZ2   . TRP C 3 127 ? 5.421   7.301   -12.039 1.00 21.42 ? 181 TRP A CZ2   1 
ATOM   1219 C  CZ3   . TRP C 3 127 ? 6.443   8.072   -9.976  1.00 22.11 ? 181 TRP A CZ3   1 
ATOM   1220 C  CH2   . TRP C 3 127 ? 6.529   7.709   -11.328 1.00 20.85 ? 181 TRP A CH2   1 
ATOM   1221 N  N     . GLN C 3 128 ? 1.413   10.713  -10.092 1.00 23.70 ? 182 GLN A N     1 
ATOM   1222 C  CA    . GLN C 3 128 ? 0.580   11.422  -11.084 1.00 28.22 ? 182 GLN A CA    1 
ATOM   1223 C  C     . GLN C 3 128 ? 0.544   10.652  -12.354 1.00 26.01 ? 182 GLN A C     1 
ATOM   1224 O  O     . GLN C 3 128 ? 1.281   10.948  -13.289 1.00 30.69 ? 182 GLN A O     1 
ATOM   1225 C  CB    . GLN C 3 128 ? 1.168   12.798  -11.284 1.00 33.72 ? 182 GLN A CB    1 
ATOM   1226 C  CG    . GLN C 3 128 ? 1.215   13.575  -9.993  1.00 36.82 ? 182 GLN A CG    1 
ATOM   1227 C  CD    . GLN C 3 128 ? 0.536   14.885  -10.152 1.00 50.70 ? 182 GLN A CD    1 
ATOM   1228 O  OE1   . GLN C 3 128 ? 1.019   15.783  -10.860 1.00 49.68 ? 182 GLN A OE1   1 
ATOM   1229 N  NE2   . GLN C 3 128 ? -0.644  14.991  -9.552  1.00 62.53 ? 182 GLN A NE2   1 
ATOM   1230 N  N     . THR C 3 129 ? -0.311  9.636   -12.390 1.00 25.70 ? 183 THR A N     1 
ATOM   1231 C  CA    . THR C 3 129 ? -0.400  8.691   -13.509 1.00 24.53 ? 183 THR A CA    1 
ATOM   1232 C  C     . THR C 3 129 ? -0.711  9.413   -14.842 1.00 26.89 ? 183 THR A C     1 
ATOM   1233 O  O     . THR C 3 129 ? -0.288  8.963   -15.899 1.00 26.48 ? 183 THR A O     1 
ATOM   1234 C  CB    . THR C 3 129 ? -1.454  7.621   -13.199 1.00 23.97 ? 183 THR A CB    1 
ATOM   1235 O  OG1   . THR C 3 129 ? -1.088  6.957   -11.943 1.00 19.27 ? 183 THR A OG1   1 
ATOM   1236 C  CG2   . THR C 3 129 ? -1.585  6.636   -14.305 1.00 24.44 ? 183 THR A CG2   1 
ATOM   1237 N  N     . ASP C 3 130 ? -1.455  10.483  -14.760 1.00 26.67 ? 184 ASP A N     1 
ATOM   1238 C  CA    . ASP C 3 130 ? -1.904  11.152  -15.986 1.00 32.29 ? 184 ASP A CA    1 
ATOM   1239 C  C     . ASP C 3 130 ? -0.758  11.903  -16.662 1.00 35.09 ? 184 ASP A C     1 
ATOM   1240 O  O     . ASP C 3 130 ? -0.792  12.104  -17.850 1.00 39.04 ? 184 ASP A O     1 
ATOM   1241 C  CB    . ASP C 3 130 ? -3.125  12.027  -15.741 1.00 32.63 ? 184 ASP A CB    1 
ATOM   1242 C  CG    . ASP C 3 130 ? -2.858  13.202  -14.843 1.00 38.18 ? 184 ASP A CG    1 
ATOM   1243 O  OD1   . ASP C 3 130 ? -1.862  13.246  -14.079 1.00 45.64 ? 184 ASP A OD1   1 
ATOM   1244 O  OD2   . ASP C 3 130 ? -3.693  14.099  -14.871 1.00 40.80 ? 184 ASP A OD2   1 
ATOM   1245 N  N     . LYS C 3 131 ? 0.285   12.234  -15.920 1.00 33.75 ? 185 LYS A N     1 
ATOM   1246 C  CA    . LYS C 3 131 ? 1.464   12.865  -16.488 1.00 34.13 ? 185 LYS A CA    1 
ATOM   1247 C  C     . LYS C 3 131 ? 2.641   11.952  -16.639 1.00 35.83 ? 185 LYS A C     1 
ATOM   1248 O  O     . LYS C 3 131 ? 3.452   12.155  -17.546 1.00 34.09 ? 185 LYS A O     1 
ATOM   1249 C  CB    . LYS C 3 131 ? 1.867   14.004  -15.591 1.00 36.14 ? 185 LYS A CB    1 
ATOM   1250 C  CG    . LYS C 3 131 ? 0.779   15.046  -15.482 1.00 42.28 ? 185 LYS A CG    1 
ATOM   1251 C  CD    . LYS C 3 131 ? 0.985   15.921  -14.264 1.00 45.83 ? 185 LYS A CD    1 
ATOM   1252 C  CE    . LYS C 3 131 ? 0.064   17.120  -14.328 1.00 51.65 ? 185 LYS A CE    1 
ATOM   1253 N  NZ    . LYS C 3 131 ? -0.173  17.607  -12.944 1.00 60.31 ? 185 LYS A NZ    1 
ATOM   1254 N  N     . TRP C 3 132 ? 2.781   10.956  -15.754 1.00 28.98 ? 186 TRP A N     1 
ATOM   1255 C  CA    . TRP C 3 132 ? 3.975   10.146  -15.738 1.00 27.92 ? 186 TRP A CA    1 
ATOM   1256 C  C     . TRP C 3 132 ? 3.798   8.747   -16.190 1.00 26.76 ? 186 TRP A C     1 
ATOM   1257 O  O     . TRP C 3 132 ? 4.765   7.997   -16.281 1.00 29.92 ? 186 TRP A O     1 
ATOM   1258 C  CB    . TRP C 3 132 ? 4.617   10.173  -14.350 1.00 26.97 ? 186 TRP A CB    1 
ATOM   1259 C  CG    . TRP C 3 132 ? 4.801   11.555  -13.726 1.00 29.02 ? 186 TRP A CG    1 
ATOM   1260 C  CD1   . TRP C 3 132 ? 5.048   12.744  -14.366 1.00 30.72 ? 186 TRP A CD1   1 
ATOM   1261 C  CD2   . TRP C 3 132 ? 4.801   11.850  -12.329 1.00 27.27 ? 186 TRP A CD2   1 
ATOM   1262 N  NE1   . TRP C 3 132 ? 5.168   13.744  -13.448 1.00 30.84 ? 186 TRP A NE1   1 
ATOM   1263 C  CE2   . TRP C 3 132 ? 5.031   13.221  -12.185 1.00 28.59 ? 186 TRP A CE2   1 
ATOM   1264 C  CE3   . TRP C 3 132 ? 4.646   11.062  -11.173 1.00 26.97 ? 186 TRP A CE3   1 
ATOM   1265 C  CZ2   . TRP C 3 132 ? 5.107   13.857  -10.928 1.00 30.69 ? 186 TRP A CZ2   1 
ATOM   1266 C  CZ3   . TRP C 3 132 ? 4.719   11.694  -9.900  1.00 26.58 ? 186 TRP A CZ3   1 
ATOM   1267 C  CH2   . TRP C 3 132 ? 4.948   13.072  -9.790  1.00 30.67 ? 186 TRP A CH2   1 
ATOM   1268 N  N     . GLY C 3 133 ? 2.592   8.323   -16.496 1.00 24.93 ? 187 GLY A N     1 
ATOM   1269 C  CA    . GLY C 3 133 ? 2.405   6.927   -16.887 1.00 23.17 ? 187 GLY A CA    1 
ATOM   1270 C  C     . GLY C 3 133 ? 2.156   6.108   -15.596 1.00 25.37 ? 187 GLY A C     1 
ATOM   1271 O  O     . GLY C 3 133 ? 2.127   6.654   -14.480 1.00 23.77 ? 187 GLY A O     1 
ATOM   1272 N  N     . GLU C 3 134 ? 2.050   4.805   -15.777 1.00 24.51 ? 188 GLU A N     1 
ATOM   1273 C  CA    . GLU C 3 134 ? 1.732   3.880   -14.707 1.00 27.21 ? 188 GLU A CA    1 
ATOM   1274 C  C     . GLU C 3 134 ? 2.803   3.865   -13.623 1.00 25.81 ? 188 GLU A C     1 
ATOM   1275 O  O     . GLU C 3 134 ? 4.015   3.865   -13.898 1.00 26.34 ? 188 GLU A O     1 
ATOM   1276 C  CB    . GLU C 3 134 ? 1.578   2.459   -15.234 1.00 32.69 ? 188 GLU A CB    1 
ATOM   1277 C  CG    . GLU C 3 134 ? 0.272   2.251   -15.996 1.00 42.31 ? 188 GLU A CG    1 
ATOM   1278 C  CD    . GLU C 3 134 ? -0.765  1.433   -15.238 1.00 51.16 ? 188 GLU A CD    1 
ATOM   1279 O  OE1   . GLU C 3 134 ? -0.895  1.572   -13.990 1.00 62.39 ? 188 GLU A OE1   1 
ATOM   1280 O  OE2   . GLU C 3 134 ? -1.460  0.633   -15.907 1.00 64.06 ? 188 GLU A OE2   1 
ATOM   1281 N  N     . ILE C 3 135 ? 2.367   3.833   -12.368 1.00 22.55 ? 189 ILE A N     1 
ATOM   1282 C  CA    . ILE C 3 135 ? 3.355   3.685   -11.271 1.00 21.11 ? 189 ILE A CA    1 
ATOM   1283 C  C     . ILE C 3 135 ? 4.270   2.479   -11.495 1.00 20.58 ? 189 ILE A C     1 
ATOM   1284 O  O     . ILE C 3 135 ? 3.824   1.438   -11.996 1.00 20.81 ? 189 ILE A O     1 
ATOM   1285 C  CB    . ILE C 3 135 ? 2.585   3.627   -9.926  1.00 18.45 ? 189 ILE A CB    1 
ATOM   1286 C  CG1   . ILE C 3 135 ? 3.504   3.842   -8.726  1.00 18.62 ? 189 ILE A CG1   1 
ATOM   1287 C  CG2   . ILE C 3 135 ? 1.726   2.385   -9.831  1.00 18.08 ? 189 ILE A CG2   1 
ATOM   1288 C  CD1   . ILE C 3 135 ? 2.696   4.145   -7.441  1.00 18.86 ? 189 ILE A CD1   1 
ATOM   1289 N  N     . LYS C 3 136 ? 5.528   2.621   -11.099 1.00 25.09 ? 190 LYS A N     1 
ATOM   1290 C  CA    . LYS C 3 136 ? 6.570   1.620   -11.341 1.00 25.82 ? 190 LYS A CA    1 
ATOM   1291 C  C     . LYS C 3 136 ? 6.279   0.274   -10.649 1.00 27.60 ? 190 LYS A C     1 
ATOM   1292 O  O     . LYS C 3 136 ? 6.767   -0.742  -11.110 1.00 23.42 ? 190 LYS A O     1 
ATOM   1293 C  CB    . LYS C 3 136 ? 7.973   2.150   -10.976 1.00 30.28 ? 190 LYS A CB    1 
ATOM   1294 C  CG    . LYS C 3 136 ? 8.541   3.388   -11.705 1.00 36.64 ? 190 LYS A CG    1 
ATOM   1295 C  CD    . LYS C 3 136 ? 8.042   3.632   -13.137 1.00 41.01 ? 190 LYS A CD    1 
ATOM   1296 C  CE    . LYS C 3 136 ? 8.439   5.050   -13.579 1.00 44.05 ? 190 LYS A CE    1 
ATOM   1297 N  NZ    . LYS C 3 136 ? 8.596   5.176   -15.052 1.00 38.34 ? 190 LYS A NZ    1 
ATOM   1298 N  N     . ALA C 3 137 ? 5.465   0.237   -9.573  1.00 21.56 ? 191 ALA A N     1 
ATOM   1299 C  CA    . ALA C 3 137 ? 5.064   -1.029  -8.959  1.00 22.10 ? 191 ALA A CA    1 
ATOM   1300 C  C     . ALA C 3 137 ? 3.897   -1.744  -9.656  1.00 23.25 ? 191 ALA A C     1 
ATOM   1301 O  O     . ALA C 3 137 ? 3.469   -2.802  -9.204  1.00 21.79 ? 191 ALA A O     1 
ATOM   1302 C  CB    . ALA C 3 137 ? 4.751   -0.793  -7.451  1.00 21.22 ? 191 ALA A CB    1 
ATOM   1303 N  N     . ASP C 3 138 ? 3.406   -1.222  -10.778 1.00 22.01 ? 192 ASP A N     1 
ATOM   1304 C  CA    . ASP C 3 138 ? 2.229   -1.766  -11.403 1.00 26.81 ? 192 ASP A CA    1 
ATOM   1305 C  C     . ASP C 3 138 ? 2.403   -3.192  -11.817 1.00 24.97 ? 192 ASP A C     1 
ATOM   1306 O  O     . ASP C 3 138 ? 3.476   -3.605  -12.227 1.00 27.35 ? 192 ASP A O     1 
ATOM   1307 C  CB    . ASP C 3 138 ? 1.817   -0.927  -12.620 1.00 31.06 ? 192 ASP A CB    1 
ATOM   1308 C  CG    . ASP C 3 138 ? 0.493   -1.348  -13.183 1.00 35.34 ? 192 ASP A CG    1 
ATOM   1309 O  OD1   . ASP C 3 138 ? -0.541  -1.025  -12.604 1.00 38.43 ? 192 ASP A OD1   1 
ATOM   1310 O  OD2   . ASP C 3 138 ? 0.496   -1.959  -14.241 1.00 40.32 ? 192 ASP A OD2   1 
ATOM   1311 N  N     . TYR C 3 139 ? 1.344   -3.961  -11.649 1.00 25.25 ? 193 TYR A N     1 
ATOM   1312 C  CA    . TYR C 3 139 ? 1.230   -5.253  -12.252 1.00 27.12 ? 193 TYR A CA    1 
ATOM   1313 C  C     . TYR C 3 139 ? 0.457   -5.020  -13.587 1.00 29.86 ? 193 TYR A C     1 
ATOM   1314 O  O     . TYR C 3 139 ? 1.006   -4.649  -14.613 1.00 38.29 ? 193 TYR A O     1 
ATOM   1315 C  CB    . TYR C 3 139 ? 0.422   -6.199  -11.373 1.00 27.03 ? 193 TYR A CB    1 
ATOM   1316 C  CG    . TYR C 3 139 ? 0.973   -6.519  -9.978  1.00 26.44 ? 193 TYR A CG    1 
ATOM   1317 C  CD1   . TYR C 3 139 ? 0.835   -5.604  -8.913  1.00 25.05 ? 193 TYR A CD1   1 
ATOM   1318 C  CD2   . TYR C 3 139 ? 1.566   -7.767  -9.689  1.00 26.57 ? 193 TYR A CD2   1 
ATOM   1319 C  CE1   . TYR C 3 139 ? 1.288   -5.933  -7.630  1.00 22.75 ? 193 TYR A CE1   1 
ATOM   1320 C  CE2   . TYR C 3 139 ? 1.983   -8.095  -8.400  1.00 26.41 ? 193 TYR A CE2   1 
ATOM   1321 C  CZ    . TYR C 3 139 ? 1.868   -7.165  -7.380  1.00 23.54 ? 193 TYR A CZ    1 
ATOM   1322 O  OH    . TYR C 3 139 ? 2.300   -7.459  -6.093  1.00 23.46 ? 193 TYR A OH    1 
HETATM 1323 MG MG    . MG  D 4 .   ? -2.638  1.527   -8.049  1.00 12.91 ? 201 MG  B MG    1 
HETATM 1324 MG MG    . MG  E 4 .   ? -1.971  0.208   -10.577 1.00 48.02 ? 201 MG  A MG    1 
HETATM 1325 O  O     . HOH F 5 .   ? -10.852 4.765   -13.942 1.00 30.56 ? 301 HOH B O     1 
HETATM 1326 O  O     . HOH F 5 .   ? -19.320 7.997   -9.785  1.00 32.71 ? 302 HOH B O     1 
HETATM 1327 O  O     . HOH F 5 .   ? -8.413  5.604   -4.909  1.00 19.83 ? 303 HOH B O     1 
HETATM 1328 O  O     . HOH F 5 .   ? -13.767 6.641   -13.429 1.00 32.33 ? 304 HOH B O     1 
HETATM 1329 O  O     . HOH G 5 .   ? -19.097 -7.367  -3.947  1.00 27.48 ? 101 HOH C O     1 
HETATM 1330 O  O     . HOH G 5 .   ? -18.625 -0.325  -5.277  1.00 24.59 ? 102 HOH C O     1 
HETATM 1331 O  O     . HOH G 5 .   ? -17.709 1.660   -9.341  1.00 27.38 ? 103 HOH C O     1 
HETATM 1332 O  O     . HOH G 5 .   ? -16.654 3.485   -10.685 1.00 32.27 ? 104 HOH C O     1 
HETATM 1333 O  O     . HOH G 5 .   ? -17.520 2.455   -1.754  1.00 28.96 ? 105 HOH C O     1 
HETATM 1334 O  O     . HOH H 5 .   ? 1.330   -6.785  -14.051 1.00 30.11 ? 301 HOH A O     1 
HETATM 1335 O  O     . HOH H 5 .   ? -7.555  3.013   -5.103  1.00 15.84 ? 302 HOH A O     1 
HETATM 1336 O  O     . HOH H 5 .   ? -16.503 3.592   2.539   1.00 26.00 ? 303 HOH A O     1 
HETATM 1337 O  O     . HOH H 5 .   ? -6.240  11.136  -0.638  1.00 26.67 ? 304 HOH A O     1 
HETATM 1338 O  O     . HOH H 5 .   ? -1.072  2.070   -2.699  1.00 15.08 ? 305 HOH A O     1 
HETATM 1339 O  O     . HOH H 5 .   ? -0.554  4.346   -11.679 1.00 20.92 ? 306 HOH A O     1 
HETATM 1340 O  O     . HOH H 5 .   ? 10.546  7.413   5.016   1.00 20.47 ? 307 HOH A O     1 
HETATM 1341 O  O     . HOH H 5 .   ? -10.884 6.741   6.674   1.00 25.52 ? 308 HOH A O     1 
HETATM 1342 O  O     . HOH H 5 .   ? -0.461  2.583   -6.081  1.00 16.46 ? 309 HOH A O     1 
HETATM 1343 O  O     . HOH H 5 .   ? -6.977  -0.238  18.604  1.00 33.69 ? 310 HOH A O     1 
HETATM 1344 O  O     . HOH H 5 .   ? 8.220   5.072   7.835   1.00 17.20 ? 311 HOH A O     1 
HETATM 1345 O  O     . HOH H 5 .   ? 6.625   4.810   -9.671  1.00 22.32 ? 312 HOH A O     1 
HETATM 1346 O  O     . HOH H 5 .   ? -9.290  -12.504 3.151   1.00 22.97 ? 313 HOH A O     1 
HETATM 1347 O  O     . HOH H 5 .   ? 15.145  15.620  5.049   1.00 29.04 ? 314 HOH A O     1 
HETATM 1348 O  O     . HOH H 5 .   ? 21.160  11.045  -2.474  1.00 32.71 ? 315 HOH A O     1 
HETATM 1349 O  O     . HOH H 5 .   ? 2.396   12.765  3.828   1.00 33.15 ? 316 HOH A O     1 
HETATM 1350 O  O     . HOH H 5 .   ? 3.790   10.032  12.931  1.00 34.35 ? 317 HOH A O     1 
HETATM 1351 O  O     . HOH H 5 .   ? 1.024   14.263  -3.110  1.00 33.82 ? 318 HOH A O     1 
# 
